data_1NDC
# 
_entry.id   1NDC 
# 
_audit_conform.dict_name       mmcif_pdbx.dic 
_audit_conform.dict_version    5.386 
_audit_conform.dict_location   http://mmcif.pdb.org/dictionaries/ascii/mmcif_pdbx.dic 
# 
loop_
_database_2.database_id 
_database_2.database_code 
_database_2.pdbx_database_accession 
_database_2.pdbx_DOI 
PDB   1NDC         pdb_00001ndc 10.2210/pdb1ndc/pdb 
WWPDB D_1000175244 ?            ?                   
# 
loop_
_pdbx_audit_revision_history.ordinal 
_pdbx_audit_revision_history.data_content_type 
_pdbx_audit_revision_history.major_revision 
_pdbx_audit_revision_history.minor_revision 
_pdbx_audit_revision_history.revision_date 
1 'Structure model' 1 0 1994-06-22 
2 'Structure model' 1 1 2008-03-24 
3 'Structure model' 1 2 2011-07-13 
4 'Structure model' 2 0 2024-02-14 
# 
_pdbx_audit_revision_details.ordinal             1 
_pdbx_audit_revision_details.revision_ordinal    1 
_pdbx_audit_revision_details.data_content_type   'Structure model' 
_pdbx_audit_revision_details.provider            repository 
_pdbx_audit_revision_details.type                'Initial release' 
_pdbx_audit_revision_details.description         ? 
_pdbx_audit_revision_details.details             ? 
# 
loop_
_pdbx_audit_revision_group.ordinal 
_pdbx_audit_revision_group.revision_ordinal 
_pdbx_audit_revision_group.data_content_type 
_pdbx_audit_revision_group.group 
1 2 'Structure model' 'Version format compliance' 
2 3 'Structure model' 'Derived calculations'      
3 3 'Structure model' 'Version format compliance' 
4 4 'Structure model' 'Atomic model'              
5 4 'Structure model' 'Data collection'           
6 4 'Structure model' 'Database references'       
7 4 'Structure model' 'Derived calculations'      
8 4 'Structure model' Other                       
# 
loop_
_pdbx_audit_revision_category.ordinal 
_pdbx_audit_revision_category.revision_ordinal 
_pdbx_audit_revision_category.data_content_type 
_pdbx_audit_revision_category.category 
1 4 'Structure model' atom_site              
2 4 'Structure model' chem_comp_atom         
3 4 'Structure model' chem_comp_bond         
4 4 'Structure model' database_2             
5 4 'Structure model' pdbx_database_status   
6 4 'Structure model' pdbx_struct_conn_angle 
7 4 'Structure model' struct_conn            
8 4 'Structure model' struct_site            
# 
loop_
_pdbx_audit_revision_item.ordinal 
_pdbx_audit_revision_item.revision_ordinal 
_pdbx_audit_revision_item.data_content_type 
_pdbx_audit_revision_item.item 
1  4 'Structure model' '_atom_site.occupancy'                        
2  4 'Structure model' '_database_2.pdbx_DOI'                        
3  4 'Structure model' '_database_2.pdbx_database_accession'         
4  4 'Structure model' '_pdbx_database_status.process_site'          
5  4 'Structure model' '_pdbx_struct_conn_angle.ptnr1_auth_comp_id'  
6  4 'Structure model' '_pdbx_struct_conn_angle.ptnr1_auth_seq_id'   
7  4 'Structure model' '_pdbx_struct_conn_angle.ptnr1_label_asym_id' 
8  4 'Structure model' '_pdbx_struct_conn_angle.ptnr1_label_atom_id' 
9  4 'Structure model' '_pdbx_struct_conn_angle.ptnr1_label_comp_id' 
10 4 'Structure model' '_pdbx_struct_conn_angle.ptnr3_auth_comp_id'  
11 4 'Structure model' '_pdbx_struct_conn_angle.ptnr3_auth_seq_id'   
12 4 'Structure model' '_pdbx_struct_conn_angle.ptnr3_label_asym_id' 
13 4 'Structure model' '_pdbx_struct_conn_angle.ptnr3_label_atom_id' 
14 4 'Structure model' '_pdbx_struct_conn_angle.ptnr3_label_comp_id' 
15 4 'Structure model' '_pdbx_struct_conn_angle.value'               
16 4 'Structure model' '_struct_conn.pdbx_dist_value'                
17 4 'Structure model' '_struct_conn.ptnr1_auth_comp_id'             
18 4 'Structure model' '_struct_conn.ptnr1_auth_seq_id'              
19 4 'Structure model' '_struct_conn.ptnr1_label_asym_id'            
20 4 'Structure model' '_struct_conn.ptnr1_label_atom_id'            
21 4 'Structure model' '_struct_conn.ptnr1_label_comp_id'            
22 4 'Structure model' '_struct_conn.ptnr2_auth_comp_id'             
23 4 'Structure model' '_struct_conn.ptnr2_auth_seq_id'              
24 4 'Structure model' '_struct_conn.ptnr2_label_asym_id'            
25 4 'Structure model' '_struct_conn.ptnr2_label_atom_id'            
26 4 'Structure model' '_struct_conn.ptnr2_label_comp_id'            
27 4 'Structure model' '_struct_site.pdbx_auth_asym_id'              
28 4 'Structure model' '_struct_site.pdbx_auth_comp_id'              
29 4 'Structure model' '_struct_site.pdbx_auth_seq_id'               
# 
_pdbx_database_status.status_code                     REL 
_pdbx_database_status.entry_id                        1NDC 
_pdbx_database_status.recvd_initial_deposition_date   1994-04-27 
_pdbx_database_status.deposit_site                    ? 
_pdbx_database_status.process_site                    BNL 
_pdbx_database_status.SG_entry                        . 
_pdbx_database_status.pdb_format_compatible           Y 
_pdbx_database_status.status_code_mr                  ? 
_pdbx_database_status.status_code_sf                  ? 
_pdbx_database_status.status_code_cs                  ? 
_pdbx_database_status.status_code_nmr_data            ? 
_pdbx_database_status.methods_development_category    ? 
# 
loop_
_audit_author.name 
_audit_author.pdbx_ordinal 
'Cherfils, J.' 1 
'Morera, S.'   2 
'Janin, J.'    3 
# 
loop_
_citation.id 
_citation.title 
_citation.journal_abbrev 
_citation.journal_volume 
_citation.page_first 
_citation.page_last 
_citation.year 
_citation.journal_id_ASTM 
_citation.country 
_citation.journal_id_ISSN 
_citation.journal_id_CSD 
_citation.book_publisher 
_citation.pdbx_database_id_PubMed 
_citation.pdbx_database_id_DOI 
primary 'X-ray structure of nucleoside diphosphate kinase complexed with thymidine diphosphate and Mg2+ at 2-A resolution.' 
Biochemistry 33 9062 9069 1994 BICHAW US 0006-2960 0033 ? 8049207 10.1021/bi00197a006 
1       'Adp Binding and the Active Site of Nucleoside Diphosphate Kinase'                                                  
Biochemistry 33 459  ?    1994 BICHAW US 0006-2960 0033 ? ?       ?                   
2       'X-Ray Structure of Nucleoside Diphosphate Kinase'                                                                  
'Embo J.'    11 3203 ?    1992 EMJODG UK 0261-4189 0897 ? ?       ?                   
# 
loop_
_citation_author.citation_id 
_citation_author.name 
_citation_author.ordinal 
_citation_author.identifier_ORCID 
primary 'Cherfils, J.'  1  ? 
primary 'Morera, S.'    2  ? 
primary 'Lascu, I.'     3  ? 
primary 'Veron, M.'     4  ? 
primary 'Janin, J.'     5  ? 
1       'Morera, S.'    6  ? 
1       'Lascu, I.'     7  ? 
1       'Dumas, C.'     8  ? 
1       'Lebras, G.'    9  ? 
1       'Briozzo, P.'   10 ? 
1       'Veron, M.'     11 ? 
1       'Janin, J.'     12 ? 
2       'Dumas, C.'     13 ? 
2       'Lascu, I.'     14 ? 
2       'Morera, S.'    15 ? 
2       'Glaser, P.'    16 ? 
2       'Fourme, R.'    17 ? 
2       'Wallet, V.'    18 ? 
2       'Lacombe, M.L.' 19 ? 
2       'Veron, M.'     20 ? 
2       'Janin, J.'     21 ? 
# 
loop_
_entity.id 
_entity.type 
_entity.src_method 
_entity.pdbx_description 
_entity.formula_weight 
_entity.pdbx_number_of_molecules 
_entity.pdbx_ec 
_entity.pdbx_mutation 
_entity.pdbx_fragment 
_entity.details 
1 polymer     man 'NUCLEOSIDE DIPHOSPHATE KINASE' 16816.336 1   2.7.4.6 ? ? ? 
2 non-polymer syn 'MAGNESIUM ION'                 24.305    1   ?       ? ? ? 
3 non-polymer syn "THYMIDINE-5'-DIPHOSPHATE"      402.188   1   ?       ? ? ? 
4 water       nat water                           18.015    105 ?       ? ? ? 
# 
_entity_poly.entity_id                      1 
_entity_poly.type                           'polypeptide(L)' 
_entity_poly.nstd_linkage                   no 
_entity_poly.nstd_monomer                   no 
_entity_poly.pdbx_seq_one_letter_code       
;MSTNKVNKERTFLAVKPDGVARGLVGEIIARYEKKGFVLVGLKQLVPTKDLAESHYAEHKERPFFGGLVSFITSGPVVAM
VFEGKGVVASARLMIGVTNPLASAPGSIRGDFGVDVGRNIIHGSDSVESANREIALWFKPEELLTEVKPNPNLYE
;
_entity_poly.pdbx_seq_one_letter_code_can   
;MSTNKVNKERTFLAVKPDGVARGLVGEIIARYEKKGFVLVGLKQLVPTKDLAESHYAEHKERPFFGGLVSFITSGPVVAM
VFEGKGVVASARLMIGVTNPLASAPGSIRGDFGVDVGRNIIHGSDSVESANREIALWFKPEELLTEVKPNPNLYE
;
_entity_poly.pdbx_strand_id                 A 
_entity_poly.pdbx_target_identifier         ? 
# 
loop_
_pdbx_entity_nonpoly.entity_id 
_pdbx_entity_nonpoly.name 
_pdbx_entity_nonpoly.comp_id 
2 'MAGNESIUM ION'            MG  
3 "THYMIDINE-5'-DIPHOSPHATE" TYD 
4 water                      HOH 
# 
loop_
_entity_poly_seq.entity_id 
_entity_poly_seq.num 
_entity_poly_seq.mon_id 
_entity_poly_seq.hetero 
1 1   MET n 
1 2   SER n 
1 3   THR n 
1 4   ASN n 
1 5   LYS n 
1 6   VAL n 
1 7   ASN n 
1 8   LYS n 
1 9   GLU n 
1 10  ARG n 
1 11  THR n 
1 12  PHE n 
1 13  LEU n 
1 14  ALA n 
1 15  VAL n 
1 16  LYS n 
1 17  PRO n 
1 18  ASP n 
1 19  GLY n 
1 20  VAL n 
1 21  ALA n 
1 22  ARG n 
1 23  GLY n 
1 24  LEU n 
1 25  VAL n 
1 26  GLY n 
1 27  GLU n 
1 28  ILE n 
1 29  ILE n 
1 30  ALA n 
1 31  ARG n 
1 32  TYR n 
1 33  GLU n 
1 34  LYS n 
1 35  LYS n 
1 36  GLY n 
1 37  PHE n 
1 38  VAL n 
1 39  LEU n 
1 40  VAL n 
1 41  GLY n 
1 42  LEU n 
1 43  LYS n 
1 44  GLN n 
1 45  LEU n 
1 46  VAL n 
1 47  PRO n 
1 48  THR n 
1 49  LYS n 
1 50  ASP n 
1 51  LEU n 
1 52  ALA n 
1 53  GLU n 
1 54  SER n 
1 55  HIS n 
1 56  TYR n 
1 57  ALA n 
1 58  GLU n 
1 59  HIS n 
1 60  LYS n 
1 61  GLU n 
1 62  ARG n 
1 63  PRO n 
1 64  PHE n 
1 65  PHE n 
1 66  GLY n 
1 67  GLY n 
1 68  LEU n 
1 69  VAL n 
1 70  SER n 
1 71  PHE n 
1 72  ILE n 
1 73  THR n 
1 74  SER n 
1 75  GLY n 
1 76  PRO n 
1 77  VAL n 
1 78  VAL n 
1 79  ALA n 
1 80  MET n 
1 81  VAL n 
1 82  PHE n 
1 83  GLU n 
1 84  GLY n 
1 85  LYS n 
1 86  GLY n 
1 87  VAL n 
1 88  VAL n 
1 89  ALA n 
1 90  SER n 
1 91  ALA n 
1 92  ARG n 
1 93  LEU n 
1 94  MET n 
1 95  ILE n 
1 96  GLY n 
1 97  VAL n 
1 98  THR n 
1 99  ASN n 
1 100 PRO n 
1 101 LEU n 
1 102 ALA n 
1 103 SER n 
1 104 ALA n 
1 105 PRO n 
1 106 GLY n 
1 107 SER n 
1 108 ILE n 
1 109 ARG n 
1 110 GLY n 
1 111 ASP n 
1 112 PHE n 
1 113 GLY n 
1 114 VAL n 
1 115 ASP n 
1 116 VAL n 
1 117 GLY n 
1 118 ARG n 
1 119 ASN n 
1 120 ILE n 
1 121 ILE n 
1 122 HIS n 
1 123 GLY n 
1 124 SER n 
1 125 ASP n 
1 126 SER n 
1 127 VAL n 
1 128 GLU n 
1 129 SER n 
1 130 ALA n 
1 131 ASN n 
1 132 ARG n 
1 133 GLU n 
1 134 ILE n 
1 135 ALA n 
1 136 LEU n 
1 137 TRP n 
1 138 PHE n 
1 139 LYS n 
1 140 PRO n 
1 141 GLU n 
1 142 GLU n 
1 143 LEU n 
1 144 LEU n 
1 145 THR n 
1 146 GLU n 
1 147 VAL n 
1 148 LYS n 
1 149 PRO n 
1 150 ASN n 
1 151 PRO n 
1 152 ASN n 
1 153 LEU n 
1 154 TYR n 
1 155 GLU n 
# 
_entity_src_gen.entity_id                          1 
_entity_src_gen.pdbx_src_id                        1 
_entity_src_gen.pdbx_alt_source_flag               sample 
_entity_src_gen.pdbx_seq_type                      ? 
_entity_src_gen.pdbx_beg_seq_num                   ? 
_entity_src_gen.pdbx_end_seq_num                   ? 
_entity_src_gen.gene_src_common_name               ? 
_entity_src_gen.gene_src_genus                     Dictyostelium 
_entity_src_gen.pdbx_gene_src_gene                 ? 
_entity_src_gen.gene_src_species                   ? 
_entity_src_gen.gene_src_strain                    ? 
_entity_src_gen.gene_src_tissue                    ? 
_entity_src_gen.gene_src_tissue_fraction           ? 
_entity_src_gen.gene_src_details                   ? 
_entity_src_gen.pdbx_gene_src_fragment             ? 
_entity_src_gen.pdbx_gene_src_scientific_name      'Dictyostelium discoideum' 
_entity_src_gen.pdbx_gene_src_ncbi_taxonomy_id     44689 
_entity_src_gen.pdbx_gene_src_variant              ? 
_entity_src_gen.pdbx_gene_src_cell_line            ? 
_entity_src_gen.pdbx_gene_src_atcc                 ? 
_entity_src_gen.pdbx_gene_src_organ                ? 
_entity_src_gen.pdbx_gene_src_organelle            ? 
_entity_src_gen.pdbx_gene_src_cell                 ? 
_entity_src_gen.pdbx_gene_src_cellular_location    ? 
_entity_src_gen.host_org_common_name               ? 
_entity_src_gen.pdbx_host_org_scientific_name      ? 
_entity_src_gen.pdbx_host_org_ncbi_taxonomy_id     ? 
_entity_src_gen.host_org_genus                     ? 
_entity_src_gen.pdbx_host_org_gene                 ? 
_entity_src_gen.pdbx_host_org_organ                ? 
_entity_src_gen.host_org_species                   ? 
_entity_src_gen.pdbx_host_org_tissue               ? 
_entity_src_gen.pdbx_host_org_tissue_fraction      ? 
_entity_src_gen.pdbx_host_org_strain               ? 
_entity_src_gen.pdbx_host_org_variant              ? 
_entity_src_gen.pdbx_host_org_cell_line            ? 
_entity_src_gen.pdbx_host_org_atcc                 ? 
_entity_src_gen.pdbx_host_org_culture_collection   ? 
_entity_src_gen.pdbx_host_org_cell                 ? 
_entity_src_gen.pdbx_host_org_organelle            ? 
_entity_src_gen.pdbx_host_org_cellular_location    ? 
_entity_src_gen.pdbx_host_org_vector_type          ? 
_entity_src_gen.pdbx_host_org_vector               ? 
_entity_src_gen.host_org_details                   ? 
_entity_src_gen.expression_system_id               ? 
_entity_src_gen.plasmid_name                       ? 
_entity_src_gen.plasmid_details                    ? 
_entity_src_gen.pdbx_description                   ? 
# 
loop_
_chem_comp.id 
_chem_comp.type 
_chem_comp.mon_nstd_flag 
_chem_comp.name 
_chem_comp.pdbx_synonyms 
_chem_comp.formula 
_chem_comp.formula_weight 
ALA 'L-peptide linking' y ALANINE                    ? 'C3 H7 N O2'        89.093  
ARG 'L-peptide linking' y ARGININE                   ? 'C6 H15 N4 O2 1'    175.209 
ASN 'L-peptide linking' y ASPARAGINE                 ? 'C4 H8 N2 O3'       132.118 
ASP 'L-peptide linking' y 'ASPARTIC ACID'            ? 'C4 H7 N O4'        133.103 
GLN 'L-peptide linking' y GLUTAMINE                  ? 'C5 H10 N2 O3'      146.144 
GLU 'L-peptide linking' y 'GLUTAMIC ACID'            ? 'C5 H9 N O4'        147.129 
GLY 'peptide linking'   y GLYCINE                    ? 'C2 H5 N O2'        75.067  
HIS 'L-peptide linking' y HISTIDINE                  ? 'C6 H10 N3 O2 1'    156.162 
HOH non-polymer         . WATER                      ? 'H2 O'              18.015  
ILE 'L-peptide linking' y ISOLEUCINE                 ? 'C6 H13 N O2'       131.173 
LEU 'L-peptide linking' y LEUCINE                    ? 'C6 H13 N O2'       131.173 
LYS 'L-peptide linking' y LYSINE                     ? 'C6 H15 N2 O2 1'    147.195 
MET 'L-peptide linking' y METHIONINE                 ? 'C5 H11 N O2 S'     149.211 
MG  non-polymer         . 'MAGNESIUM ION'            ? 'Mg 2'              24.305  
PHE 'L-peptide linking' y PHENYLALANINE              ? 'C9 H11 N O2'       165.189 
PRO 'L-peptide linking' y PROLINE                    ? 'C5 H9 N O2'        115.130 
SER 'L-peptide linking' y SERINE                     ? 'C3 H7 N O3'        105.093 
THR 'L-peptide linking' y THREONINE                  ? 'C4 H9 N O3'        119.119 
TRP 'L-peptide linking' y TRYPTOPHAN                 ? 'C11 H12 N2 O2'     204.225 
TYD non-polymer         . "THYMIDINE-5'-DIPHOSPHATE" ? 'C10 H16 N2 O11 P2' 402.188 
TYR 'L-peptide linking' y TYROSINE                   ? 'C9 H11 N O3'       181.189 
VAL 'L-peptide linking' y VALINE                     ? 'C5 H11 N O2'       117.146 
# 
loop_
_pdbx_poly_seq_scheme.asym_id 
_pdbx_poly_seq_scheme.entity_id 
_pdbx_poly_seq_scheme.seq_id 
_pdbx_poly_seq_scheme.mon_id 
_pdbx_poly_seq_scheme.ndb_seq_num 
_pdbx_poly_seq_scheme.pdb_seq_num 
_pdbx_poly_seq_scheme.auth_seq_num 
_pdbx_poly_seq_scheme.pdb_mon_id 
_pdbx_poly_seq_scheme.auth_mon_id 
_pdbx_poly_seq_scheme.pdb_strand_id 
_pdbx_poly_seq_scheme.pdb_ins_code 
_pdbx_poly_seq_scheme.hetero 
A 1 1   MET 1   1   ?   ?   ?   A . n 
A 1 2   SER 2   2   ?   ?   ?   A . n 
A 1 3   THR 3   3   ?   ?   ?   A . n 
A 1 4   ASN 4   4   ?   ?   ?   A . n 
A 1 5   LYS 5   5   ?   ?   ?   A . n 
A 1 6   VAL 6   6   6   VAL VAL A . n 
A 1 7   ASN 7   7   7   ASN ASN A . n 
A 1 8   LYS 8   8   8   LYS LYS A . n 
A 1 9   GLU 9   9   9   GLU GLU A . n 
A 1 10  ARG 10  10  10  ARG ARG A . n 
A 1 11  THR 11  11  11  THR THR A . n 
A 1 12  PHE 12  12  12  PHE PHE A . n 
A 1 13  LEU 13  13  13  LEU LEU A . n 
A 1 14  ALA 14  14  14  ALA ALA A . n 
A 1 15  VAL 15  15  15  VAL VAL A . n 
A 1 16  LYS 16  16  16  LYS LYS A . n 
A 1 17  PRO 17  17  17  PRO PRO A . n 
A 1 18  ASP 18  18  18  ASP ASP A . n 
A 1 19  GLY 19  19  19  GLY GLY A . n 
A 1 20  VAL 20  20  20  VAL VAL A . n 
A 1 21  ALA 21  21  21  ALA ALA A . n 
A 1 22  ARG 22  22  22  ARG ARG A . n 
A 1 23  GLY 23  23  23  GLY GLY A . n 
A 1 24  LEU 24  24  24  LEU LEU A . n 
A 1 25  VAL 25  25  25  VAL VAL A . n 
A 1 26  GLY 26  26  26  GLY GLY A . n 
A 1 27  GLU 27  27  27  GLU GLU A . n 
A 1 28  ILE 28  28  28  ILE ILE A . n 
A 1 29  ILE 29  29  29  ILE ILE A . n 
A 1 30  ALA 30  30  30  ALA ALA A . n 
A 1 31  ARG 31  31  31  ARG ARG A . n 
A 1 32  TYR 32  32  32  TYR TYR A . n 
A 1 33  GLU 33  33  33  GLU GLU A . n 
A 1 34  LYS 34  34  34  LYS LYS A . n 
A 1 35  LYS 35  35  35  LYS LYS A . n 
A 1 36  GLY 36  36  36  GLY GLY A . n 
A 1 37  PHE 37  37  37  PHE PHE A . n 
A 1 38  VAL 38  38  38  VAL VAL A . n 
A 1 39  LEU 39  39  39  LEU LEU A . n 
A 1 40  VAL 40  40  40  VAL VAL A . n 
A 1 41  GLY 41  41  41  GLY GLY A . n 
A 1 42  LEU 42  42  42  LEU LEU A . n 
A 1 43  LYS 43  43  43  LYS LYS A . n 
A 1 44  GLN 44  44  44  GLN GLN A . n 
A 1 45  LEU 45  45  45  LEU LEU A . n 
A 1 46  VAL 46  46  46  VAL VAL A . n 
A 1 47  PRO 47  47  47  PRO PRO A . n 
A 1 48  THR 48  48  48  THR THR A . n 
A 1 49  LYS 49  49  49  LYS LYS A . n 
A 1 50  ASP 50  50  50  ASP ASP A . n 
A 1 51  LEU 51  51  51  LEU LEU A . n 
A 1 52  ALA 52  52  52  ALA ALA A . n 
A 1 53  GLU 53  53  53  GLU GLU A . n 
A 1 54  SER 54  54  54  SER SER A . n 
A 1 55  HIS 55  55  55  HIS HIS A . n 
A 1 56  TYR 56  56  56  TYR TYR A . n 
A 1 57  ALA 57  57  57  ALA ALA A . n 
A 1 58  GLU 58  58  58  GLU GLU A . n 
A 1 59  HIS 59  59  59  HIS HIS A . n 
A 1 60  LYS 60  60  60  LYS LYS A . n 
A 1 61  GLU 61  61  61  GLU GLU A . n 
A 1 62  ARG 62  62  62  ARG ARG A . n 
A 1 63  PRO 63  63  63  PRO PRO A . n 
A 1 64  PHE 64  64  64  PHE PHE A . n 
A 1 65  PHE 65  65  65  PHE PHE A . n 
A 1 66  GLY 66  66  66  GLY GLY A . n 
A 1 67  GLY 67  67  67  GLY GLY A . n 
A 1 68  LEU 68  68  68  LEU LEU A . n 
A 1 69  VAL 69  69  69  VAL VAL A . n 
A 1 70  SER 70  70  70  SER SER A . n 
A 1 71  PHE 71  71  71  PHE PHE A . n 
A 1 72  ILE 72  72  72  ILE ILE A . n 
A 1 73  THR 73  73  73  THR THR A . n 
A 1 74  SER 74  74  74  SER SER A . n 
A 1 75  GLY 75  75  75  GLY GLY A . n 
A 1 76  PRO 76  76  76  PRO PRO A . n 
A 1 77  VAL 77  77  77  VAL VAL A . n 
A 1 78  VAL 78  78  78  VAL VAL A . n 
A 1 79  ALA 79  79  79  ALA ALA A . n 
A 1 80  MET 80  80  80  MET MET A . n 
A 1 81  VAL 81  81  81  VAL VAL A . n 
A 1 82  PHE 82  82  82  PHE PHE A . n 
A 1 83  GLU 83  83  83  GLU GLU A . n 
A 1 84  GLY 84  84  84  GLY GLY A . n 
A 1 85  LYS 85  85  85  LYS LYS A . n 
A 1 86  GLY 86  86  86  GLY GLY A . n 
A 1 87  VAL 87  87  87  VAL VAL A . n 
A 1 88  VAL 88  88  88  VAL VAL A . n 
A 1 89  ALA 89  89  89  ALA ALA A . n 
A 1 90  SER 90  90  90  SER SER A . n 
A 1 91  ALA 91  91  91  ALA ALA A . n 
A 1 92  ARG 92  92  92  ARG ARG A . n 
A 1 93  LEU 93  93  93  LEU LEU A . n 
A 1 94  MET 94  94  94  MET MET A . n 
A 1 95  ILE 95  95  95  ILE ILE A . n 
A 1 96  GLY 96  96  96  GLY GLY A . n 
A 1 97  VAL 97  97  97  VAL VAL A . n 
A 1 98  THR 98  98  98  THR THR A . n 
A 1 99  ASN 99  99  99  ASN ASN A . n 
A 1 100 PRO 100 100 100 PRO PRO A . n 
A 1 101 LEU 101 101 101 LEU LEU A . n 
A 1 102 ALA 102 102 102 ALA ALA A . n 
A 1 103 SER 103 103 103 SER SER A . n 
A 1 104 ALA 104 104 104 ALA ALA A . n 
A 1 105 PRO 105 105 105 PRO PRO A . n 
A 1 106 GLY 106 106 106 GLY GLY A . n 
A 1 107 SER 107 107 107 SER SER A . n 
A 1 108 ILE 108 108 108 ILE ILE A . n 
A 1 109 ARG 109 109 109 ARG ARG A . n 
A 1 110 GLY 110 110 110 GLY GLY A . n 
A 1 111 ASP 111 111 111 ASP ASP A . n 
A 1 112 PHE 112 112 112 PHE PHE A . n 
A 1 113 GLY 113 113 113 GLY GLY A . n 
A 1 114 VAL 114 114 114 VAL VAL A . n 
A 1 115 ASP 115 115 115 ASP ASP A . n 
A 1 116 VAL 116 116 116 VAL VAL A . n 
A 1 117 GLY 117 117 117 GLY GLY A . n 
A 1 118 ARG 118 118 118 ARG ARG A . n 
A 1 119 ASN 119 119 119 ASN ASN A . n 
A 1 120 ILE 120 120 120 ILE ILE A . n 
A 1 121 ILE 121 121 121 ILE ILE A . n 
A 1 122 HIS 122 122 122 HIS HIS A . n 
A 1 123 GLY 123 123 123 GLY GLY A . n 
A 1 124 SER 124 124 124 SER SER A . n 
A 1 125 ASP 125 125 125 ASP ASP A . n 
A 1 126 SER 126 126 126 SER SER A . n 
A 1 127 VAL 127 127 127 VAL VAL A . n 
A 1 128 GLU 128 128 128 GLU GLU A . n 
A 1 129 SER 129 129 129 SER SER A . n 
A 1 130 ALA 130 130 130 ALA ALA A . n 
A 1 131 ASN 131 131 131 ASN ASN A . n 
A 1 132 ARG 132 132 132 ARG ARG A . n 
A 1 133 GLU 133 133 133 GLU GLU A . n 
A 1 134 ILE 134 134 134 ILE ILE A . n 
A 1 135 ALA 135 135 135 ALA ALA A . n 
A 1 136 LEU 136 136 136 LEU LEU A . n 
A 1 137 TRP 137 137 137 TRP TRP A . n 
A 1 138 PHE 138 138 138 PHE PHE A . n 
A 1 139 LYS 139 139 139 LYS LYS A . n 
A 1 140 PRO 140 140 140 PRO PRO A . n 
A 1 141 GLU 141 141 141 GLU GLU A . n 
A 1 142 GLU 142 142 142 GLU GLU A . n 
A 1 143 LEU 143 143 143 LEU LEU A . n 
A 1 144 LEU 144 144 144 LEU LEU A . n 
A 1 145 THR 145 145 145 THR THR A . n 
A 1 146 GLU 146 146 146 GLU GLU A . n 
A 1 147 VAL 147 147 147 VAL VAL A . n 
A 1 148 LYS 148 148 148 LYS LYS A . n 
A 1 149 PRO 149 149 149 PRO PRO A . n 
A 1 150 ASN 150 150 150 ASN ASN A . n 
A 1 151 PRO 151 151 151 PRO PRO A . n 
A 1 152 ASN 152 152 152 ASN ASN A . n 
A 1 153 LEU 153 153 153 LEU LEU A . n 
A 1 154 TYR 154 154 154 TYR TYR A . n 
A 1 155 GLU 155 155 155 GLU GLU A . n 
# 
loop_
_pdbx_nonpoly_scheme.asym_id 
_pdbx_nonpoly_scheme.entity_id 
_pdbx_nonpoly_scheme.mon_id 
_pdbx_nonpoly_scheme.ndb_seq_num 
_pdbx_nonpoly_scheme.pdb_seq_num 
_pdbx_nonpoly_scheme.auth_seq_num 
_pdbx_nonpoly_scheme.pdb_mon_id 
_pdbx_nonpoly_scheme.auth_mon_id 
_pdbx_nonpoly_scheme.pdb_strand_id 
_pdbx_nonpoly_scheme.pdb_ins_code 
B 2 MG  1   161 161 MG  MG  A . 
C 3 TYD 1   160 160 TYD TYD A . 
D 4 HOH 1   200 200 HOH HOH A . 
D 4 HOH 2   201 201 HOH HOH A . 
D 4 HOH 3   202 202 HOH HOH A . 
D 4 HOH 4   203 203 HOH HOH A . 
D 4 HOH 5   204 204 HOH HOH A . 
D 4 HOH 6   205 205 HOH HOH A . 
D 4 HOH 7   206 206 HOH HOH A . 
D 4 HOH 8   207 207 HOH HOH A . 
D 4 HOH 9   208 208 HOH HOH A . 
D 4 HOH 10  209 209 HOH HOH A . 
D 4 HOH 11  210 210 HOH HOH A . 
D 4 HOH 12  211 211 HOH HOH A . 
D 4 HOH 13  212 212 HOH HOH A . 
D 4 HOH 14  213 213 HOH HOH A . 
D 4 HOH 15  214 214 HOH HOH A . 
D 4 HOH 16  215 215 HOH HOH A . 
D 4 HOH 17  216 216 HOH HOH A . 
D 4 HOH 18  217 217 HOH HOH A . 
D 4 HOH 19  218 218 HOH HOH A . 
D 4 HOH 20  219 219 HOH HOH A . 
D 4 HOH 21  220 220 HOH HOH A . 
D 4 HOH 22  221 221 HOH HOH A . 
D 4 HOH 23  222 222 HOH HOH A . 
D 4 HOH 24  223 223 HOH HOH A . 
D 4 HOH 25  224 224 HOH HOH A . 
D 4 HOH 26  225 225 HOH HOH A . 
D 4 HOH 27  226 226 HOH HOH A . 
D 4 HOH 28  227 227 HOH HOH A . 
D 4 HOH 29  228 228 HOH HOH A . 
D 4 HOH 30  229 229 HOH HOH A . 
D 4 HOH 31  230 230 HOH HOH A . 
D 4 HOH 32  231 231 HOH HOH A . 
D 4 HOH 33  232 232 HOH HOH A . 
D 4 HOH 34  233 233 HOH HOH A . 
D 4 HOH 35  234 234 HOH HOH A . 
D 4 HOH 36  235 235 HOH HOH A . 
D 4 HOH 37  236 236 HOH HOH A . 
D 4 HOH 38  237 237 HOH HOH A . 
D 4 HOH 39  238 238 HOH HOH A . 
D 4 HOH 40  239 239 HOH HOH A . 
D 4 HOH 41  240 240 HOH HOH A . 
D 4 HOH 42  241 241 HOH HOH A . 
D 4 HOH 43  242 242 HOH HOH A . 
D 4 HOH 44  243 243 HOH HOH A . 
D 4 HOH 45  244 244 HOH HOH A . 
D 4 HOH 46  245 245 HOH HOH A . 
D 4 HOH 47  246 246 HOH HOH A . 
D 4 HOH 48  247 247 HOH HOH A . 
D 4 HOH 49  248 248 HOH HOH A . 
D 4 HOH 50  249 249 HOH HOH A . 
D 4 HOH 51  250 250 HOH HOH A . 
D 4 HOH 52  251 251 HOH HOH A . 
D 4 HOH 53  252 252 HOH HOH A . 
D 4 HOH 54  253 253 HOH HOH A . 
D 4 HOH 55  254 254 HOH HOH A . 
D 4 HOH 56  255 255 HOH HOH A . 
D 4 HOH 57  256 256 HOH HOH A . 
D 4 HOH 58  257 257 HOH HOH A . 
D 4 HOH 59  258 258 HOH HOH A . 
D 4 HOH 60  259 259 HOH HOH A . 
D 4 HOH 61  260 260 HOH HOH A . 
D 4 HOH 62  261 261 HOH HOH A . 
D 4 HOH 63  262 262 HOH HOH A . 
D 4 HOH 64  263 263 HOH HOH A . 
D 4 HOH 65  264 264 HOH HOH A . 
D 4 HOH 66  265 265 HOH HOH A . 
D 4 HOH 67  266 266 HOH HOH A . 
D 4 HOH 68  267 267 HOH HOH A . 
D 4 HOH 69  268 268 HOH HOH A . 
D 4 HOH 70  269 269 HOH HOH A . 
D 4 HOH 71  270 270 HOH HOH A . 
D 4 HOH 72  271 271 HOH HOH A . 
D 4 HOH 73  272 272 HOH HOH A . 
D 4 HOH 74  273 273 HOH HOH A . 
D 4 HOH 75  274 274 HOH HOH A . 
D 4 HOH 76  275 275 HOH HOH A . 
D 4 HOH 77  276 276 HOH HOH A . 
D 4 HOH 78  277 277 HOH HOH A . 
D 4 HOH 79  278 278 HOH HOH A . 
D 4 HOH 80  279 279 HOH HOH A . 
D 4 HOH 81  280 280 HOH HOH A . 
D 4 HOH 82  281 281 HOH HOH A . 
D 4 HOH 83  282 282 HOH HOH A . 
D 4 HOH 84  283 283 HOH HOH A . 
D 4 HOH 85  284 284 HOH HOH A . 
D 4 HOH 86  285 285 HOH HOH A . 
D 4 HOH 87  286 286 HOH HOH A . 
D 4 HOH 88  287 287 HOH HOH A . 
D 4 HOH 89  288 288 HOH HOH A . 
D 4 HOH 90  289 289 HOH HOH A . 
D 4 HOH 91  290 290 HOH HOH A . 
D 4 HOH 92  291 291 HOH HOH A . 
D 4 HOH 93  292 292 HOH HOH A . 
D 4 HOH 94  293 293 HOH HOH A . 
D 4 HOH 95  294 294 HOH HOH A . 
D 4 HOH 96  295 295 HOH HOH A . 
D 4 HOH 97  296 296 HOH HOH A . 
D 4 HOH 98  297 297 HOH HOH A . 
D 4 HOH 99  298 298 HOH HOH A . 
D 4 HOH 100 299 299 HOH HOH A . 
D 4 HOH 101 300 300 HOH HOH A . 
D 4 HOH 102 301 301 HOH HOH A . 
D 4 HOH 103 302 302 HOH HOH A . 
D 4 HOH 104 303 303 HOH HOH A . 
D 4 HOH 105 304 304 HOH HOH A . 
# 
loop_
_software.name 
_software.classification 
_software.version 
_software.citation_id 
_software.pdbx_ordinal 
X-PLOR 'model building' . ? 1 
X-PLOR refinement       . ? 2 
X-PLOR phasing          . ? 3 
# 
_cell.entry_id           1NDC 
_cell.length_a           79.800 
_cell.length_b           79.800 
_cell.length_c           160.600 
_cell.angle_alpha        90.00 
_cell.angle_beta         90.00 
_cell.angle_gamma        120.00 
_cell.Z_PDB              18 
_cell.pdbx_unique_axis   ? 
# 
_symmetry.entry_id                         1NDC 
_symmetry.space_group_name_H-M             'H 3 2' 
_symmetry.pdbx_full_space_group_name_H-M   ? 
_symmetry.cell_setting                     ? 
_symmetry.Int_Tables_number                155 
# 
_exptl.entry_id          1NDC 
_exptl.method            'X-RAY DIFFRACTION' 
_exptl.crystals_number   ? 
# 
_exptl_crystal.id                    1 
_exptl_crystal.density_meas          ? 
_exptl_crystal.density_Matthews      2.92 
_exptl_crystal.density_percent_sol   57.94 
_exptl_crystal.description           ? 
# 
_diffrn.id                     1 
_diffrn.ambient_temp           ? 
_diffrn.ambient_temp_details   ? 
_diffrn.crystal_id             1 
# 
_diffrn_radiation.diffrn_id                        1 
_diffrn_radiation.wavelength_id                    1 
_diffrn_radiation.pdbx_monochromatic_or_laue_m_l   ? 
_diffrn_radiation.monochromator                    ? 
_diffrn_radiation.pdbx_diffrn_protocol             ? 
_diffrn_radiation.pdbx_scattering_type             x-ray 
# 
_diffrn_radiation_wavelength.id           1 
_diffrn_radiation_wavelength.wavelength   . 
_diffrn_radiation_wavelength.wt           1.0 
# 
_refine.entry_id                                 1NDC 
_refine.ls_number_reflns_obs                     13562 
_refine.ls_number_reflns_all                     ? 
_refine.pdbx_ls_sigma_I                          ? 
_refine.pdbx_ls_sigma_F                          0.0 
_refine.pdbx_data_cutoff_high_absF               ? 
_refine.pdbx_data_cutoff_low_absF                ? 
_refine.pdbx_data_cutoff_high_rms_absF           ? 
_refine.ls_d_res_low                             16.0 
_refine.ls_d_res_high                            2.0 
_refine.ls_percent_reflns_obs                    ? 
_refine.ls_R_factor_obs                          0.1830000 
_refine.ls_R_factor_all                          ? 
_refine.ls_R_factor_R_work                       0.1830000 
_refine.ls_R_factor_R_free                       ? 
_refine.ls_R_factor_R_free_error                 ? 
_refine.ls_R_factor_R_free_error_details         ? 
_refine.ls_percent_reflns_R_free                 ? 
_refine.ls_number_reflns_R_free                  ? 
_refine.ls_number_parameters                     ? 
_refine.ls_number_restraints                     ? 
_refine.occupancy_min                            ? 
_refine.occupancy_max                            ? 
_refine.B_iso_mean                               ? 
_refine.aniso_B[1][1]                            ? 
_refine.aniso_B[2][2]                            ? 
_refine.aniso_B[3][3]                            ? 
_refine.aniso_B[1][2]                            ? 
_refine.aniso_B[1][3]                            ? 
_refine.aniso_B[2][3]                            ? 
_refine.solvent_model_details                    ? 
_refine.solvent_model_param_ksol                 ? 
_refine.solvent_model_param_bsol                 ? 
_refine.pdbx_ls_cross_valid_method               ? 
_refine.details                                  ? 
_refine.pdbx_starting_model                      ? 
_refine.pdbx_method_to_determine_struct          ? 
_refine.pdbx_isotropic_thermal_model             ? 
_refine.pdbx_stereochemistry_target_values       ? 
_refine.pdbx_stereochem_target_val_spec_case     ? 
_refine.pdbx_R_Free_selection_details            ? 
_refine.pdbx_overall_ESU_R                       ? 
_refine.pdbx_overall_ESU_R_Free                  ? 
_refine.overall_SU_ML                            ? 
_refine.overall_SU_B                             ? 
_refine.pdbx_refine_id                           'X-RAY DIFFRACTION' 
_refine.pdbx_diffrn_id                           1 
_refine.pdbx_TLS_residual_ADP_flag               ? 
_refine.correlation_coeff_Fo_to_Fc               ? 
_refine.correlation_coeff_Fo_to_Fc_free          ? 
_refine.pdbx_solvent_vdw_probe_radii             ? 
_refine.pdbx_solvent_ion_probe_radii             ? 
_refine.pdbx_solvent_shrinkage_radii             ? 
_refine.pdbx_overall_phase_error                 ? 
_refine.overall_SU_R_Cruickshank_DPI             ? 
_refine.pdbx_overall_SU_R_free_Cruickshank_DPI   ? 
_refine.pdbx_overall_SU_R_Blow_DPI               ? 
_refine.pdbx_overall_SU_R_free_Blow_DPI          ? 
# 
_refine_hist.pdbx_refine_id                   'X-RAY DIFFRACTION' 
_refine_hist.cycle_id                         LAST 
_refine_hist.pdbx_number_atoms_protein        1147 
_refine_hist.pdbx_number_atoms_nucleic_acid   0 
_refine_hist.pdbx_number_atoms_ligand         26 
_refine_hist.number_atoms_solvent             105 
_refine_hist.number_atoms_total               1278 
_refine_hist.d_res_high                       2.0 
_refine_hist.d_res_low                        16.0 
# 
loop_
_refine_ls_restr.type 
_refine_ls_restr.dev_ideal 
_refine_ls_restr.dev_ideal_target 
_refine_ls_restr.weight 
_refine_ls_restr.number 
_refine_ls_restr.pdbx_refine_id 
_refine_ls_restr.pdbx_restraint_function 
x_bond_d                0.009 ? ? ? 'X-RAY DIFFRACTION' ? 
x_bond_d_na             ?     ? ? ? 'X-RAY DIFFRACTION' ? 
x_bond_d_prot           ?     ? ? ? 'X-RAY DIFFRACTION' ? 
x_angle_d               ?     ? ? ? 'X-RAY DIFFRACTION' ? 
x_angle_d_na            ?     ? ? ? 'X-RAY DIFFRACTION' ? 
x_angle_d_prot          ?     ? ? ? 'X-RAY DIFFRACTION' ? 
x_angle_deg             1.6   ? ? ? 'X-RAY DIFFRACTION' ? 
x_angle_deg_na          ?     ? ? ? 'X-RAY DIFFRACTION' ? 
x_angle_deg_prot        ?     ? ? ? 'X-RAY DIFFRACTION' ? 
x_dihedral_angle_d      ?     ? ? ? 'X-RAY DIFFRACTION' ? 
x_dihedral_angle_d_na   ?     ? ? ? 'X-RAY DIFFRACTION' ? 
x_dihedral_angle_d_prot ?     ? ? ? 'X-RAY DIFFRACTION' ? 
x_improper_angle_d      ?     ? ? ? 'X-RAY DIFFRACTION' ? 
x_improper_angle_d_na   ?     ? ? ? 'X-RAY DIFFRACTION' ? 
x_improper_angle_d_prot ?     ? ? ? 'X-RAY DIFFRACTION' ? 
x_mcbond_it             ?     ? ? ? 'X-RAY DIFFRACTION' ? 
x_mcangle_it            ?     ? ? ? 'X-RAY DIFFRACTION' ? 
x_scbond_it             ?     ? ? ? 'X-RAY DIFFRACTION' ? 
x_scangle_it            ?     ? ? ? 'X-RAY DIFFRACTION' ? 
# 
_struct.entry_id                  1NDC 
_struct.title                     'X-RAY STRUCTURE OF NUCLEOSIDE DIPHOSPHATE KINASE COMPLEXED WITH DTDP AND MG2+ AT 2 A RESOLUTION' 
_struct.pdbx_model_details        ? 
_struct.pdbx_CASP_flag            ? 
_struct.pdbx_model_type_details   ? 
# 
_struct_keywords.entry_id        1NDC 
_struct_keywords.pdbx_keywords   PHOSPHOTRANSFERASE 
_struct_keywords.text            'PHOSPHOTRANSFERASE, NUCLEOSIDE TRIPHOSPHATE, NUCLEOSIDE DIPHOSPHATE' 
# 
loop_
_struct_asym.id 
_struct_asym.pdbx_blank_PDB_chainid_flag 
_struct_asym.pdbx_modified 
_struct_asym.entity_id 
_struct_asym.details 
A N N 1 ? 
B N N 2 ? 
C N N 3 ? 
D N N 4 ? 
# 
_struct_ref.id                         1 
_struct_ref.db_name                    UNP 
_struct_ref.db_code                    NDKC_DICDI 
_struct_ref.entity_id                  1 
_struct_ref.pdbx_db_accession          P22887 
_struct_ref.pdbx_align_begin           1 
_struct_ref.pdbx_seq_one_letter_code   
;MSTNKVNKERTFLAVKPDGVARGLVGEIIARYEKKGFVLVGLKQLVPTKDLAESHYAEHKERPFFGGLVSFITSGPVVAM
VFEGKGVVASARLMIGVTNPLASAPGSIRGDFGVDVGRNIIHGSDSVESANREIALWFKPEELLTEVKPNPNLYE
;
_struct_ref.pdbx_db_isoform            ? 
# 
_struct_ref_seq.align_id                      1 
_struct_ref_seq.ref_id                        1 
_struct_ref_seq.pdbx_PDB_id_code              1NDC 
_struct_ref_seq.pdbx_strand_id                A 
_struct_ref_seq.seq_align_beg                 1 
_struct_ref_seq.pdbx_seq_align_beg_ins_code   ? 
_struct_ref_seq.seq_align_end                 155 
_struct_ref_seq.pdbx_seq_align_end_ins_code   ? 
_struct_ref_seq.pdbx_db_accession             P22887 
_struct_ref_seq.db_align_beg                  1 
_struct_ref_seq.pdbx_db_align_beg_ins_code    ? 
_struct_ref_seq.db_align_end                  155 
_struct_ref_seq.pdbx_db_align_end_ins_code    ? 
_struct_ref_seq.pdbx_auth_seq_align_beg       1 
_struct_ref_seq.pdbx_auth_seq_align_end       155 
# 
_pdbx_struct_assembly.id                   1 
_pdbx_struct_assembly.details              author_and_software_defined_assembly 
_pdbx_struct_assembly.method_details       PISA,PQS 
_pdbx_struct_assembly.oligomeric_details   hexameric 
_pdbx_struct_assembly.oligomeric_count     6 
# 
loop_
_pdbx_struct_assembly_prop.biol_id 
_pdbx_struct_assembly_prop.type 
_pdbx_struct_assembly_prop.value 
_pdbx_struct_assembly_prop.details 
1 'ABSA (A^2)' 17740 ? 
1 MORE         -133  ? 
1 'SSA (A^2)'  34170 ? 
# 
_pdbx_struct_assembly_gen.assembly_id       1 
_pdbx_struct_assembly_gen.oper_expression   1,2,3,4,5,6 
_pdbx_struct_assembly_gen.asym_id_list      A,B,C,D 
# 
loop_
_pdbx_struct_oper_list.id 
_pdbx_struct_oper_list.type 
_pdbx_struct_oper_list.name 
_pdbx_struct_oper_list.symmetry_operation 
_pdbx_struct_oper_list.matrix[1][1] 
_pdbx_struct_oper_list.matrix[1][2] 
_pdbx_struct_oper_list.matrix[1][3] 
_pdbx_struct_oper_list.vector[1] 
_pdbx_struct_oper_list.matrix[2][1] 
_pdbx_struct_oper_list.matrix[2][2] 
_pdbx_struct_oper_list.matrix[2][3] 
_pdbx_struct_oper_list.vector[2] 
_pdbx_struct_oper_list.matrix[3][1] 
_pdbx_struct_oper_list.matrix[3][2] 
_pdbx_struct_oper_list.matrix[3][3] 
_pdbx_struct_oper_list.vector[3] 
1 'identity operation'         1_555 x,y,z      1.0000000000  0.0000000000  0.0000000000  0.0000000000   0.0000000000  1.0000000000  0.0000000000  0.0000000000   0.0000000000  0.0000000000  1.0000000000  0.0000000000   
2 'crystal symmetry operation' 2_555 -y,x-y,z   0.1054108390  0.9836257336  -0.1461812960 3.3926998609   0.2393126773  0.1175881981  0.9637958592  15.9892198237  0.9652036042  -0.1365775675 -0.2229990371 -28.8902822099 
3 'crystal symmetry operation' 3_555 -x+y,-x,z  0.1054108390  0.2393126773  0.9652036042  23.7009541720  0.9836257336  0.1175881981  -0.1365775675 -9.1630549057  -0.1461812960 0.9637958592  -0.2229990371 -21.3568997100 
4 'crystal symmetry operation' 4_555 y,x,-z     -0.7341114146 -0.5394476914 0.4124034667  8.5910938154   -0.5394476914 0.0944577076  -0.8367042069 -22.4387031349 0.4124034667  -0.8367042069 -0.3603462930 -34.8900568205 
5 'crystal symmetry operation' 5_555 x-y,-y,-z  0.1915733410  -0.8418486229 -0.5045696692 -14.4393261358 -0.8418486229 -0.4052324942 0.3564793425  1.4140384705   -0.5045696692 0.3564793425  -0.7863408468 -36.4586370278 
6 'crystal symmetry operation' 6_555 -x,-x+y,-z -0.6682836045 0.1583579034  -0.7268561057 -12.6727178415 0.1583579034  -0.9244016096 -0.3469934274 -18.2202414737 -0.7268561057 -0.3469934274 0.5926852141  -9.7530549278 
# 
_struct_biol.id   1 
# 
loop_
_struct_conf.conf_type_id 
_struct_conf.id 
_struct_conf.pdbx_PDB_helix_id 
_struct_conf.beg_label_comp_id 
_struct_conf.beg_label_asym_id 
_struct_conf.beg_label_seq_id 
_struct_conf.pdbx_beg_PDB_ins_code 
_struct_conf.end_label_comp_id 
_struct_conf.end_label_asym_id 
_struct_conf.end_label_seq_id 
_struct_conf.pdbx_end_PDB_ins_code 
_struct_conf.beg_auth_comp_id 
_struct_conf.beg_auth_asym_id 
_struct_conf.beg_auth_seq_id 
_struct_conf.end_auth_comp_id 
_struct_conf.end_auth_asym_id 
_struct_conf.end_auth_seq_id 
_struct_conf.pdbx_PDB_helix_class 
_struct_conf.details 
_struct_conf.pdbx_PDB_helix_length 
HELX_P HELX_P1  1  LYS A 16  ? ARG A 22  ? LYS A 16  ARG A 22  1 ? 7  
HELX_P HELX_P2  2  LEU A 24  ? GLY A 36  ? LEU A 24  GLY A 36  1 ? 13 
HELX_P HELX_P3  3  THR A 48  ? TYR A 56  ? THR A 48  TYR A 56  1 ? 9  
HELX_P HELX_P4  4  ALA A 57  ? LYS A 60  ? ALA A 57  LYS A 60  5 ? 4  
HELX_P HELX_P5  5  PHE A 64  ? THR A 73  ? PHE A 64  THR A 73  1 ? 10 
HELX_P HELX_P6  6  GLY A 86  ? GLY A 96  ? GLY A 86  GLY A 96  1 ? 11 
HELX_P HELX_P7  7  ASN A 99  ? SER A 103 ? ASN A 99  SER A 103 5 ? 5  
HELX_P HELX_P8  8  SER A 107 ? GLY A 113 ? SER A 107 GLY A 113 1 ? 7  
HELX_P HELX_P9  9  SER A 126 ? PHE A 138 ? SER A 126 PHE A 138 1 ? 13 
HELX_P HELX_P10 10 LYS A 139 ? LEU A 143 ? LYS A 139 LEU A 143 5 ? 5  
# 
_struct_conf_type.id          HELX_P 
_struct_conf_type.criteria    ? 
_struct_conf_type.reference   ? 
# 
loop_
_struct_conn.id 
_struct_conn.conn_type_id 
_struct_conn.pdbx_leaving_atom_flag 
_struct_conn.pdbx_PDB_id 
_struct_conn.ptnr1_label_asym_id 
_struct_conn.ptnr1_label_comp_id 
_struct_conn.ptnr1_label_seq_id 
_struct_conn.ptnr1_label_atom_id 
_struct_conn.pdbx_ptnr1_label_alt_id 
_struct_conn.pdbx_ptnr1_PDB_ins_code 
_struct_conn.pdbx_ptnr1_standard_comp_id 
_struct_conn.ptnr1_symmetry 
_struct_conn.ptnr2_label_asym_id 
_struct_conn.ptnr2_label_comp_id 
_struct_conn.ptnr2_label_seq_id 
_struct_conn.ptnr2_label_atom_id 
_struct_conn.pdbx_ptnr2_label_alt_id 
_struct_conn.pdbx_ptnr2_PDB_ins_code 
_struct_conn.ptnr1_auth_asym_id 
_struct_conn.ptnr1_auth_comp_id 
_struct_conn.ptnr1_auth_seq_id 
_struct_conn.ptnr2_auth_asym_id 
_struct_conn.ptnr2_auth_comp_id 
_struct_conn.ptnr2_auth_seq_id 
_struct_conn.ptnr2_symmetry 
_struct_conn.pdbx_ptnr3_label_atom_id 
_struct_conn.pdbx_ptnr3_label_seq_id 
_struct_conn.pdbx_ptnr3_label_comp_id 
_struct_conn.pdbx_ptnr3_label_asym_id 
_struct_conn.pdbx_ptnr3_label_alt_id 
_struct_conn.pdbx_ptnr3_PDB_ins_code 
_struct_conn.details 
_struct_conn.pdbx_dist_value 
_struct_conn.pdbx_value_order 
_struct_conn.pdbx_role 
metalc1 metalc ? ? C TYD . O1A ? ? ? 1_555 B MG  . MG ? ? A TYD 160 A MG  161 1_555 ? ? ? ? ? ? ? 2.099 ? ? 
metalc2 metalc ? ? C TYD . O2B ? ? ? 1_555 B MG  . MG ? ? A TYD 160 A MG  161 1_555 ? ? ? ? ? ? ? 2.100 ? ? 
metalc3 metalc ? ? B MG  . MG  ? ? ? 1_555 D HOH . O  ? ? A MG  161 A HOH 204 1_555 ? ? ? ? ? ? ? 1.920 ? ? 
metalc4 metalc ? ? B MG  . MG  ? ? ? 1_555 D HOH . O  ? ? A MG  161 A HOH 224 1_555 ? ? ? ? ? ? ? 1.980 ? ? 
metalc5 metalc ? ? B MG  . MG  ? ? ? 1_555 D HOH . O  ? ? A MG  161 A HOH 243 1_555 ? ? ? ? ? ? ? 1.964 ? ? 
metalc6 metalc ? ? B MG  . MG  ? ? ? 1_555 D HOH . O  ? ? A MG  161 A HOH 264 1_555 ? ? ? ? ? ? ? 2.085 ? ? 
# 
_struct_conn_type.id          metalc 
_struct_conn_type.criteria    ? 
_struct_conn_type.reference   ? 
# 
loop_
_pdbx_struct_conn_angle.id 
_pdbx_struct_conn_angle.ptnr1_label_atom_id 
_pdbx_struct_conn_angle.ptnr1_label_alt_id 
_pdbx_struct_conn_angle.ptnr1_label_asym_id 
_pdbx_struct_conn_angle.ptnr1_label_comp_id 
_pdbx_struct_conn_angle.ptnr1_label_seq_id 
_pdbx_struct_conn_angle.ptnr1_auth_atom_id 
_pdbx_struct_conn_angle.ptnr1_auth_asym_id 
_pdbx_struct_conn_angle.ptnr1_auth_comp_id 
_pdbx_struct_conn_angle.ptnr1_auth_seq_id 
_pdbx_struct_conn_angle.ptnr1_PDB_ins_code 
_pdbx_struct_conn_angle.ptnr1_symmetry 
_pdbx_struct_conn_angle.ptnr2_label_atom_id 
_pdbx_struct_conn_angle.ptnr2_label_alt_id 
_pdbx_struct_conn_angle.ptnr2_label_asym_id 
_pdbx_struct_conn_angle.ptnr2_label_comp_id 
_pdbx_struct_conn_angle.ptnr2_label_seq_id 
_pdbx_struct_conn_angle.ptnr2_auth_atom_id 
_pdbx_struct_conn_angle.ptnr2_auth_asym_id 
_pdbx_struct_conn_angle.ptnr2_auth_comp_id 
_pdbx_struct_conn_angle.ptnr2_auth_seq_id 
_pdbx_struct_conn_angle.ptnr2_PDB_ins_code 
_pdbx_struct_conn_angle.ptnr2_symmetry 
_pdbx_struct_conn_angle.ptnr3_label_atom_id 
_pdbx_struct_conn_angle.ptnr3_label_alt_id 
_pdbx_struct_conn_angle.ptnr3_label_asym_id 
_pdbx_struct_conn_angle.ptnr3_label_comp_id 
_pdbx_struct_conn_angle.ptnr3_label_seq_id 
_pdbx_struct_conn_angle.ptnr3_auth_atom_id 
_pdbx_struct_conn_angle.ptnr3_auth_asym_id 
_pdbx_struct_conn_angle.ptnr3_auth_comp_id 
_pdbx_struct_conn_angle.ptnr3_auth_seq_id 
_pdbx_struct_conn_angle.ptnr3_PDB_ins_code 
_pdbx_struct_conn_angle.ptnr3_symmetry 
_pdbx_struct_conn_angle.value 
_pdbx_struct_conn_angle.value_esd 
1  O1A ? C TYD . ? A TYD 160 ? 1_555 MG ? B MG . ? A MG 161 ? 1_555 O2B ? C TYD . ? A TYD 160 ? 1_555 81.0  ? 
2  O1A ? C TYD . ? A TYD 160 ? 1_555 MG ? B MG . ? A MG 161 ? 1_555 O   ? D HOH . ? A HOH 204 ? 1_555 94.2  ? 
3  O2B ? C TYD . ? A TYD 160 ? 1_555 MG ? B MG . ? A MG 161 ? 1_555 O   ? D HOH . ? A HOH 204 ? 1_555 174.1 ? 
4  O1A ? C TYD . ? A TYD 160 ? 1_555 MG ? B MG . ? A MG 161 ? 1_555 O   ? D HOH . ? A HOH 224 ? 1_555 164.4 ? 
5  O2B ? C TYD . ? A TYD 160 ? 1_555 MG ? B MG . ? A MG 161 ? 1_555 O   ? D HOH . ? A HOH 224 ? 1_555 90.7  ? 
6  O   ? D HOH . ? A HOH 204 ? 1_555 MG ? B MG . ? A MG 161 ? 1_555 O   ? D HOH . ? A HOH 224 ? 1_555 94.7  ? 
7  O1A ? C TYD . ? A TYD 160 ? 1_555 MG ? B MG . ? A MG 161 ? 1_555 O   ? D HOH . ? A HOH 243 ? 1_555 90.6  ? 
8  O2B ? C TYD . ? A TYD 160 ? 1_555 MG ? B MG . ? A MG 161 ? 1_555 O   ? D HOH . ? A HOH 243 ? 1_555 86.5  ? 
9  O   ? D HOH . ? A HOH 204 ? 1_555 MG ? B MG . ? A MG 161 ? 1_555 O   ? D HOH . ? A HOH 243 ? 1_555 90.2  ? 
10 O   ? D HOH . ? A HOH 224 ? 1_555 MG ? B MG . ? A MG 161 ? 1_555 O   ? D HOH . ? A HOH 243 ? 1_555 102.1 ? 
11 O1A ? C TYD . ? A TYD 160 ? 1_555 MG ? B MG . ? A MG 161 ? 1_555 O   ? D HOH . ? A HOH 264 ? 1_555 81.9  ? 
12 O2B ? C TYD . ? A TYD 160 ? 1_555 MG ? B MG . ? A MG 161 ? 1_555 O   ? D HOH . ? A HOH 264 ? 1_555 92.9  ? 
13 O   ? D HOH . ? A HOH 204 ? 1_555 MG ? B MG . ? A MG 161 ? 1_555 O   ? D HOH . ? A HOH 264 ? 1_555 89.8  ? 
14 O   ? D HOH . ? A HOH 224 ? 1_555 MG ? B MG . ? A MG 161 ? 1_555 O   ? D HOH . ? A HOH 264 ? 1_555 85.5  ? 
15 O   ? D HOH . ? A HOH 243 ? 1_555 MG ? B MG . ? A MG 161 ? 1_555 O   ? D HOH . ? A HOH 264 ? 1_555 172.4 ? 
# 
_struct_sheet.id               A 
_struct_sheet.type             ? 
_struct_sheet.number_strands   4 
_struct_sheet.details          ? 
# 
loop_
_struct_sheet_order.sheet_id 
_struct_sheet_order.range_id_1 
_struct_sheet_order.range_id_2 
_struct_sheet_order.offset 
_struct_sheet_order.sense 
A 1 2 ? anti-parallel 
A 2 3 ? anti-parallel 
A 3 4 ? anti-parallel 
# 
loop_
_struct_sheet_range.sheet_id 
_struct_sheet_range.id 
_struct_sheet_range.beg_label_comp_id 
_struct_sheet_range.beg_label_asym_id 
_struct_sheet_range.beg_label_seq_id 
_struct_sheet_range.pdbx_beg_PDB_ins_code 
_struct_sheet_range.end_label_comp_id 
_struct_sheet_range.end_label_asym_id 
_struct_sheet_range.end_label_seq_id 
_struct_sheet_range.pdbx_end_PDB_ins_code 
_struct_sheet_range.beg_auth_comp_id 
_struct_sheet_range.beg_auth_asym_id 
_struct_sheet_range.beg_auth_seq_id 
_struct_sheet_range.end_auth_comp_id 
_struct_sheet_range.end_auth_asym_id 
_struct_sheet_range.end_auth_seq_id 
A 1 VAL A 38  ? LEU A 45  ? VAL A 38  LEU A 45  
A 2 VAL A 77  ? GLU A 83  ? VAL A 77  GLU A 83  
A 3 ARG A 10  ? VAL A 15  ? ARG A 10  VAL A 15  
A 4 ILE A 121 ? GLY A 123 ? ILE A 121 GLY A 123 
# 
loop_
_pdbx_struct_sheet_hbond.sheet_id 
_pdbx_struct_sheet_hbond.range_id_1 
_pdbx_struct_sheet_hbond.range_id_2 
_pdbx_struct_sheet_hbond.range_1_label_atom_id 
_pdbx_struct_sheet_hbond.range_1_label_comp_id 
_pdbx_struct_sheet_hbond.range_1_label_asym_id 
_pdbx_struct_sheet_hbond.range_1_label_seq_id 
_pdbx_struct_sheet_hbond.range_1_PDB_ins_code 
_pdbx_struct_sheet_hbond.range_1_auth_atom_id 
_pdbx_struct_sheet_hbond.range_1_auth_comp_id 
_pdbx_struct_sheet_hbond.range_1_auth_asym_id 
_pdbx_struct_sheet_hbond.range_1_auth_seq_id 
_pdbx_struct_sheet_hbond.range_2_label_atom_id 
_pdbx_struct_sheet_hbond.range_2_label_comp_id 
_pdbx_struct_sheet_hbond.range_2_label_asym_id 
_pdbx_struct_sheet_hbond.range_2_label_seq_id 
_pdbx_struct_sheet_hbond.range_2_PDB_ins_code 
_pdbx_struct_sheet_hbond.range_2_auth_atom_id 
_pdbx_struct_sheet_hbond.range_2_auth_comp_id 
_pdbx_struct_sheet_hbond.range_2_auth_asym_id 
_pdbx_struct_sheet_hbond.range_2_auth_seq_id 
A 1 2 O LEU A 45 ? O LEU A 45 N VAL A 77  ? N VAL A 77  
A 2 3 O PHE A 82 ? O PHE A 82 N THR A 11  ? N THR A 11  
A 3 4 O ALA A 14 ? O ALA A 14 N HIS A 122 ? N HIS A 122 
# 
loop_
_struct_site.id 
_struct_site.pdbx_evidence_code 
_struct_site.pdbx_auth_asym_id 
_struct_site.pdbx_auth_comp_id 
_struct_site.pdbx_auth_seq_id 
_struct_site.pdbx_auth_ins_code 
_struct_site.pdbx_num_residues 
_struct_site.details 
AC1 Software A MG  161 ? 5  'BINDING SITE FOR RESIDUE MG A 161'  
AC2 Software A TYD 160 ? 19 'BINDING SITE FOR RESIDUE TYD A 160' 
# 
loop_
_struct_site_gen.id 
_struct_site_gen.site_id 
_struct_site_gen.pdbx_num_res 
_struct_site_gen.label_comp_id 
_struct_site_gen.label_asym_id 
_struct_site_gen.label_seq_id 
_struct_site_gen.pdbx_auth_ins_code 
_struct_site_gen.auth_comp_id 
_struct_site_gen.auth_asym_id 
_struct_site_gen.auth_seq_id 
_struct_site_gen.label_atom_id 
_struct_site_gen.label_alt_id 
_struct_site_gen.symmetry 
_struct_site_gen.details 
1  AC1 5  TYD C .   ? TYD A 160 . ? 1_555  ? 
2  AC1 5  HOH D .   ? HOH A 204 . ? 1_555  ? 
3  AC1 5  HOH D .   ? HOH A 224 . ? 1_555  ? 
4  AC1 5  HOH D .   ? HOH A 243 . ? 1_555  ? 
5  AC1 5  HOH D .   ? HOH A 264 . ? 1_555  ? 
6  AC2 19 LYS A 16  ? LYS A 16  . ? 1_555  ? 
7  AC2 19 HIS A 59  ? HIS A 59  . ? 1_555  ? 
8  AC2 19 ARG A 62  ? ARG A 62  . ? 16_544 ? 
9  AC2 19 PHE A 64  ? PHE A 64  . ? 1_555  ? 
10 AC2 19 LEU A 68  ? LEU A 68  . ? 1_555  ? 
11 AC2 19 ARG A 92  ? ARG A 92  . ? 1_555  ? 
12 AC2 19 THR A 98  ? THR A 98  . ? 1_555  ? 
13 AC2 19 ARG A 109 ? ARG A 109 . ? 1_555  ? 
14 AC2 19 VAL A 116 ? VAL A 116 . ? 1_555  ? 
15 AC2 19 ASN A 119 ? ASN A 119 . ? 1_555  ? 
16 AC2 19 MG  B .   ? MG  A 161 . ? 1_555  ? 
17 AC2 19 HOH D .   ? HOH A 204 . ? 1_555  ? 
18 AC2 19 HOH D .   ? HOH A 224 . ? 1_555  ? 
19 AC2 19 HOH D .   ? HOH A 232 . ? 1_555  ? 
20 AC2 19 HOH D .   ? HOH A 243 . ? 1_555  ? 
21 AC2 19 HOH D .   ? HOH A 246 . ? 1_555  ? 
22 AC2 19 HOH D .   ? HOH A 264 . ? 1_555  ? 
23 AC2 19 HOH D .   ? HOH A 270 . ? 1_555  ? 
24 AC2 19 HOH D .   ? HOH A 284 . ? 1_555  ? 
# 
_pdbx_validate_torsion.id              1 
_pdbx_validate_torsion.PDB_model_num   1 
_pdbx_validate_torsion.auth_comp_id    ILE 
_pdbx_validate_torsion.auth_asym_id    A 
_pdbx_validate_torsion.auth_seq_id     120 
_pdbx_validate_torsion.PDB_ins_code    ? 
_pdbx_validate_torsion.label_alt_id    ? 
_pdbx_validate_torsion.phi             64.16 
_pdbx_validate_torsion.psi             -47.25 
# 
_pdbx_struct_special_symmetry.id              1 
_pdbx_struct_special_symmetry.PDB_model_num   1 
_pdbx_struct_special_symmetry.auth_asym_id    A 
_pdbx_struct_special_symmetry.auth_comp_id    HOH 
_pdbx_struct_special_symmetry.auth_seq_id     303 
_pdbx_struct_special_symmetry.PDB_ins_code    ? 
_pdbx_struct_special_symmetry.label_asym_id   D 
_pdbx_struct_special_symmetry.label_comp_id   HOH 
_pdbx_struct_special_symmetry.label_seq_id    . 
# 
_pdbx_entry_details.entry_id                 1NDC 
_pdbx_entry_details.compound_details         ? 
_pdbx_entry_details.source_details           ? 
_pdbx_entry_details.nonpolymer_details       'A MG++ ION IS ASSOCIATED WITH TDP.' 
_pdbx_entry_details.sequence_details         ? 
_pdbx_entry_details.has_ligand_of_interest   ? 
# 
loop_
_pdbx_unobs_or_zero_occ_residues.id 
_pdbx_unobs_or_zero_occ_residues.PDB_model_num 
_pdbx_unobs_or_zero_occ_residues.polymer_flag 
_pdbx_unobs_or_zero_occ_residues.occupancy_flag 
_pdbx_unobs_or_zero_occ_residues.auth_asym_id 
_pdbx_unobs_or_zero_occ_residues.auth_comp_id 
_pdbx_unobs_or_zero_occ_residues.auth_seq_id 
_pdbx_unobs_or_zero_occ_residues.PDB_ins_code 
_pdbx_unobs_or_zero_occ_residues.label_asym_id 
_pdbx_unobs_or_zero_occ_residues.label_comp_id 
_pdbx_unobs_or_zero_occ_residues.label_seq_id 
1 1 Y 1 A MET 1 ? A MET 1 
2 1 Y 1 A SER 2 ? A SER 2 
3 1 Y 1 A THR 3 ? A THR 3 
4 1 Y 1 A ASN 4 ? A ASN 4 
5 1 Y 1 A LYS 5 ? A LYS 5 
# 
loop_
_chem_comp_atom.comp_id 
_chem_comp_atom.atom_id 
_chem_comp_atom.type_symbol 
_chem_comp_atom.pdbx_aromatic_flag 
_chem_comp_atom.pdbx_stereo_config 
_chem_comp_atom.pdbx_ordinal 
ALA N      N  N N 1   
ALA CA     C  N S 2   
ALA C      C  N N 3   
ALA O      O  N N 4   
ALA CB     C  N N 5   
ALA OXT    O  N N 6   
ALA H      H  N N 7   
ALA H2     H  N N 8   
ALA HA     H  N N 9   
ALA HB1    H  N N 10  
ALA HB2    H  N N 11  
ALA HB3    H  N N 12  
ALA HXT    H  N N 13  
ARG N      N  N N 14  
ARG CA     C  N S 15  
ARG C      C  N N 16  
ARG O      O  N N 17  
ARG CB     C  N N 18  
ARG CG     C  N N 19  
ARG CD     C  N N 20  
ARG NE     N  N N 21  
ARG CZ     C  N N 22  
ARG NH1    N  N N 23  
ARG NH2    N  N N 24  
ARG OXT    O  N N 25  
ARG H      H  N N 26  
ARG H2     H  N N 27  
ARG HA     H  N N 28  
ARG HB2    H  N N 29  
ARG HB3    H  N N 30  
ARG HG2    H  N N 31  
ARG HG3    H  N N 32  
ARG HD2    H  N N 33  
ARG HD3    H  N N 34  
ARG HE     H  N N 35  
ARG HH11   H  N N 36  
ARG HH12   H  N N 37  
ARG HH21   H  N N 38  
ARG HH22   H  N N 39  
ARG HXT    H  N N 40  
ASN N      N  N N 41  
ASN CA     C  N S 42  
ASN C      C  N N 43  
ASN O      O  N N 44  
ASN CB     C  N N 45  
ASN CG     C  N N 46  
ASN OD1    O  N N 47  
ASN ND2    N  N N 48  
ASN OXT    O  N N 49  
ASN H      H  N N 50  
ASN H2     H  N N 51  
ASN HA     H  N N 52  
ASN HB2    H  N N 53  
ASN HB3    H  N N 54  
ASN HD21   H  N N 55  
ASN HD22   H  N N 56  
ASN HXT    H  N N 57  
ASP N      N  N N 58  
ASP CA     C  N S 59  
ASP C      C  N N 60  
ASP O      O  N N 61  
ASP CB     C  N N 62  
ASP CG     C  N N 63  
ASP OD1    O  N N 64  
ASP OD2    O  N N 65  
ASP OXT    O  N N 66  
ASP H      H  N N 67  
ASP H2     H  N N 68  
ASP HA     H  N N 69  
ASP HB2    H  N N 70  
ASP HB3    H  N N 71  
ASP HD2    H  N N 72  
ASP HXT    H  N N 73  
GLN N      N  N N 74  
GLN CA     C  N S 75  
GLN C      C  N N 76  
GLN O      O  N N 77  
GLN CB     C  N N 78  
GLN CG     C  N N 79  
GLN CD     C  N N 80  
GLN OE1    O  N N 81  
GLN NE2    N  N N 82  
GLN OXT    O  N N 83  
GLN H      H  N N 84  
GLN H2     H  N N 85  
GLN HA     H  N N 86  
GLN HB2    H  N N 87  
GLN HB3    H  N N 88  
GLN HG2    H  N N 89  
GLN HG3    H  N N 90  
GLN HE21   H  N N 91  
GLN HE22   H  N N 92  
GLN HXT    H  N N 93  
GLU N      N  N N 94  
GLU CA     C  N S 95  
GLU C      C  N N 96  
GLU O      O  N N 97  
GLU CB     C  N N 98  
GLU CG     C  N N 99  
GLU CD     C  N N 100 
GLU OE1    O  N N 101 
GLU OE2    O  N N 102 
GLU OXT    O  N N 103 
GLU H      H  N N 104 
GLU H2     H  N N 105 
GLU HA     H  N N 106 
GLU HB2    H  N N 107 
GLU HB3    H  N N 108 
GLU HG2    H  N N 109 
GLU HG3    H  N N 110 
GLU HE2    H  N N 111 
GLU HXT    H  N N 112 
GLY N      N  N N 113 
GLY CA     C  N N 114 
GLY C      C  N N 115 
GLY O      O  N N 116 
GLY OXT    O  N N 117 
GLY H      H  N N 118 
GLY H2     H  N N 119 
GLY HA2    H  N N 120 
GLY HA3    H  N N 121 
GLY HXT    H  N N 122 
HIS N      N  N N 123 
HIS CA     C  N S 124 
HIS C      C  N N 125 
HIS O      O  N N 126 
HIS CB     C  N N 127 
HIS CG     C  Y N 128 
HIS ND1    N  Y N 129 
HIS CD2    C  Y N 130 
HIS CE1    C  Y N 131 
HIS NE2    N  Y N 132 
HIS OXT    O  N N 133 
HIS H      H  N N 134 
HIS H2     H  N N 135 
HIS HA     H  N N 136 
HIS HB2    H  N N 137 
HIS HB3    H  N N 138 
HIS HD1    H  N N 139 
HIS HD2    H  N N 140 
HIS HE1    H  N N 141 
HIS HE2    H  N N 142 
HIS HXT    H  N N 143 
HOH O      O  N N 144 
HOH H1     H  N N 145 
HOH H2     H  N N 146 
ILE N      N  N N 147 
ILE CA     C  N S 148 
ILE C      C  N N 149 
ILE O      O  N N 150 
ILE CB     C  N S 151 
ILE CG1    C  N N 152 
ILE CG2    C  N N 153 
ILE CD1    C  N N 154 
ILE OXT    O  N N 155 
ILE H      H  N N 156 
ILE H2     H  N N 157 
ILE HA     H  N N 158 
ILE HB     H  N N 159 
ILE HG12   H  N N 160 
ILE HG13   H  N N 161 
ILE HG21   H  N N 162 
ILE HG22   H  N N 163 
ILE HG23   H  N N 164 
ILE HD11   H  N N 165 
ILE HD12   H  N N 166 
ILE HD13   H  N N 167 
ILE HXT    H  N N 168 
LEU N      N  N N 169 
LEU CA     C  N S 170 
LEU C      C  N N 171 
LEU O      O  N N 172 
LEU CB     C  N N 173 
LEU CG     C  N N 174 
LEU CD1    C  N N 175 
LEU CD2    C  N N 176 
LEU OXT    O  N N 177 
LEU H      H  N N 178 
LEU H2     H  N N 179 
LEU HA     H  N N 180 
LEU HB2    H  N N 181 
LEU HB3    H  N N 182 
LEU HG     H  N N 183 
LEU HD11   H  N N 184 
LEU HD12   H  N N 185 
LEU HD13   H  N N 186 
LEU HD21   H  N N 187 
LEU HD22   H  N N 188 
LEU HD23   H  N N 189 
LEU HXT    H  N N 190 
LYS N      N  N N 191 
LYS CA     C  N S 192 
LYS C      C  N N 193 
LYS O      O  N N 194 
LYS CB     C  N N 195 
LYS CG     C  N N 196 
LYS CD     C  N N 197 
LYS CE     C  N N 198 
LYS NZ     N  N N 199 
LYS OXT    O  N N 200 
LYS H      H  N N 201 
LYS H2     H  N N 202 
LYS HA     H  N N 203 
LYS HB2    H  N N 204 
LYS HB3    H  N N 205 
LYS HG2    H  N N 206 
LYS HG3    H  N N 207 
LYS HD2    H  N N 208 
LYS HD3    H  N N 209 
LYS HE2    H  N N 210 
LYS HE3    H  N N 211 
LYS HZ1    H  N N 212 
LYS HZ2    H  N N 213 
LYS HZ3    H  N N 214 
LYS HXT    H  N N 215 
MET N      N  N N 216 
MET CA     C  N S 217 
MET C      C  N N 218 
MET O      O  N N 219 
MET CB     C  N N 220 
MET CG     C  N N 221 
MET SD     S  N N 222 
MET CE     C  N N 223 
MET OXT    O  N N 224 
MET H      H  N N 225 
MET H2     H  N N 226 
MET HA     H  N N 227 
MET HB2    H  N N 228 
MET HB3    H  N N 229 
MET HG2    H  N N 230 
MET HG3    H  N N 231 
MET HE1    H  N N 232 
MET HE2    H  N N 233 
MET HE3    H  N N 234 
MET HXT    H  N N 235 
MG  MG     MG N N 236 
PHE N      N  N N 237 
PHE CA     C  N S 238 
PHE C      C  N N 239 
PHE O      O  N N 240 
PHE CB     C  N N 241 
PHE CG     C  Y N 242 
PHE CD1    C  Y N 243 
PHE CD2    C  Y N 244 
PHE CE1    C  Y N 245 
PHE CE2    C  Y N 246 
PHE CZ     C  Y N 247 
PHE OXT    O  N N 248 
PHE H      H  N N 249 
PHE H2     H  N N 250 
PHE HA     H  N N 251 
PHE HB2    H  N N 252 
PHE HB3    H  N N 253 
PHE HD1    H  N N 254 
PHE HD2    H  N N 255 
PHE HE1    H  N N 256 
PHE HE2    H  N N 257 
PHE HZ     H  N N 258 
PHE HXT    H  N N 259 
PRO N      N  N N 260 
PRO CA     C  N S 261 
PRO C      C  N N 262 
PRO O      O  N N 263 
PRO CB     C  N N 264 
PRO CG     C  N N 265 
PRO CD     C  N N 266 
PRO OXT    O  N N 267 
PRO H      H  N N 268 
PRO HA     H  N N 269 
PRO HB2    H  N N 270 
PRO HB3    H  N N 271 
PRO HG2    H  N N 272 
PRO HG3    H  N N 273 
PRO HD2    H  N N 274 
PRO HD3    H  N N 275 
PRO HXT    H  N N 276 
SER N      N  N N 277 
SER CA     C  N S 278 
SER C      C  N N 279 
SER O      O  N N 280 
SER CB     C  N N 281 
SER OG     O  N N 282 
SER OXT    O  N N 283 
SER H      H  N N 284 
SER H2     H  N N 285 
SER HA     H  N N 286 
SER HB2    H  N N 287 
SER HB3    H  N N 288 
SER HG     H  N N 289 
SER HXT    H  N N 290 
THR N      N  N N 291 
THR CA     C  N S 292 
THR C      C  N N 293 
THR O      O  N N 294 
THR CB     C  N R 295 
THR OG1    O  N N 296 
THR CG2    C  N N 297 
THR OXT    O  N N 298 
THR H      H  N N 299 
THR H2     H  N N 300 
THR HA     H  N N 301 
THR HB     H  N N 302 
THR HG1    H  N N 303 
THR HG21   H  N N 304 
THR HG22   H  N N 305 
THR HG23   H  N N 306 
THR HXT    H  N N 307 
TRP N      N  N N 308 
TRP CA     C  N S 309 
TRP C      C  N N 310 
TRP O      O  N N 311 
TRP CB     C  N N 312 
TRP CG     C  Y N 313 
TRP CD1    C  Y N 314 
TRP CD2    C  Y N 315 
TRP NE1    N  Y N 316 
TRP CE2    C  Y N 317 
TRP CE3    C  Y N 318 
TRP CZ2    C  Y N 319 
TRP CZ3    C  Y N 320 
TRP CH2    C  Y N 321 
TRP OXT    O  N N 322 
TRP H      H  N N 323 
TRP H2     H  N N 324 
TRP HA     H  N N 325 
TRP HB2    H  N N 326 
TRP HB3    H  N N 327 
TRP HD1    H  N N 328 
TRP HE1    H  N N 329 
TRP HE3    H  N N 330 
TRP HZ2    H  N N 331 
TRP HZ3    H  N N 332 
TRP HH2    H  N N 333 
TRP HXT    H  N N 334 
TYD PA     P  N S 335 
TYD O1A    O  N N 336 
TYD O2A    O  N N 337 
TYD O3A    O  N N 338 
TYD PB     P  N N 339 
TYD O1B    O  N N 340 
TYD O2B    O  N N 341 
TYD O3B    O  N N 342 
TYD "O5'"  O  N N 343 
TYD "C5'"  C  N N 344 
TYD "C4'"  C  N R 345 
TYD "O4'"  O  N N 346 
TYD "C3'"  C  N S 347 
TYD "O3'"  O  N N 348 
TYD "C2'"  C  N N 349 
TYD "C1'"  C  N R 350 
TYD N1     N  Y N 351 
TYD C2     C  Y N 352 
TYD O2     O  N N 353 
TYD N3     N  Y N 354 
TYD C4     C  Y N 355 
TYD O4     O  N N 356 
TYD C5     C  Y N 357 
TYD C5M    C  N N 358 
TYD C6     C  Y N 359 
TYD HOA2   H  N N 360 
TYD HOB2   H  N N 361 
TYD HOB3   H  N N 362 
TYD "H5'1" H  N N 363 
TYD "H5'2" H  N N 364 
TYD "H4'"  H  N N 365 
TYD "H3'"  H  N N 366 
TYD "HO3'" H  N N 367 
TYD "H2'1" H  N N 368 
TYD "H2'2" H  N N 369 
TYD "H1'"  H  N N 370 
TYD HN3    H  N N 371 
TYD H51    H  N N 372 
TYD H52    H  N N 373 
TYD H53    H  N N 374 
TYD H6     H  N N 375 
TYR N      N  N N 376 
TYR CA     C  N S 377 
TYR C      C  N N 378 
TYR O      O  N N 379 
TYR CB     C  N N 380 
TYR CG     C  Y N 381 
TYR CD1    C  Y N 382 
TYR CD2    C  Y N 383 
TYR CE1    C  Y N 384 
TYR CE2    C  Y N 385 
TYR CZ     C  Y N 386 
TYR OH     O  N N 387 
TYR OXT    O  N N 388 
TYR H      H  N N 389 
TYR H2     H  N N 390 
TYR HA     H  N N 391 
TYR HB2    H  N N 392 
TYR HB3    H  N N 393 
TYR HD1    H  N N 394 
TYR HD2    H  N N 395 
TYR HE1    H  N N 396 
TYR HE2    H  N N 397 
TYR HH     H  N N 398 
TYR HXT    H  N N 399 
VAL N      N  N N 400 
VAL CA     C  N S 401 
VAL C      C  N N 402 
VAL O      O  N N 403 
VAL CB     C  N N 404 
VAL CG1    C  N N 405 
VAL CG2    C  N N 406 
VAL OXT    O  N N 407 
VAL H      H  N N 408 
VAL H2     H  N N 409 
VAL HA     H  N N 410 
VAL HB     H  N N 411 
VAL HG11   H  N N 412 
VAL HG12   H  N N 413 
VAL HG13   H  N N 414 
VAL HG21   H  N N 415 
VAL HG22   H  N N 416 
VAL HG23   H  N N 417 
VAL HXT    H  N N 418 
# 
loop_
_chem_comp_bond.comp_id 
_chem_comp_bond.atom_id_1 
_chem_comp_bond.atom_id_2 
_chem_comp_bond.value_order 
_chem_comp_bond.pdbx_aromatic_flag 
_chem_comp_bond.pdbx_stereo_config 
_chem_comp_bond.pdbx_ordinal 
ALA N     CA     sing N N 1   
ALA N     H      sing N N 2   
ALA N     H2     sing N N 3   
ALA CA    C      sing N N 4   
ALA CA    CB     sing N N 5   
ALA CA    HA     sing N N 6   
ALA C     O      doub N N 7   
ALA C     OXT    sing N N 8   
ALA CB    HB1    sing N N 9   
ALA CB    HB2    sing N N 10  
ALA CB    HB3    sing N N 11  
ALA OXT   HXT    sing N N 12  
ARG N     CA     sing N N 13  
ARG N     H      sing N N 14  
ARG N     H2     sing N N 15  
ARG CA    C      sing N N 16  
ARG CA    CB     sing N N 17  
ARG CA    HA     sing N N 18  
ARG C     O      doub N N 19  
ARG C     OXT    sing N N 20  
ARG CB    CG     sing N N 21  
ARG CB    HB2    sing N N 22  
ARG CB    HB3    sing N N 23  
ARG CG    CD     sing N N 24  
ARG CG    HG2    sing N N 25  
ARG CG    HG3    sing N N 26  
ARG CD    NE     sing N N 27  
ARG CD    HD2    sing N N 28  
ARG CD    HD3    sing N N 29  
ARG NE    CZ     sing N N 30  
ARG NE    HE     sing N N 31  
ARG CZ    NH1    sing N N 32  
ARG CZ    NH2    doub N N 33  
ARG NH1   HH11   sing N N 34  
ARG NH1   HH12   sing N N 35  
ARG NH2   HH21   sing N N 36  
ARG NH2   HH22   sing N N 37  
ARG OXT   HXT    sing N N 38  
ASN N     CA     sing N N 39  
ASN N     H      sing N N 40  
ASN N     H2     sing N N 41  
ASN CA    C      sing N N 42  
ASN CA    CB     sing N N 43  
ASN CA    HA     sing N N 44  
ASN C     O      doub N N 45  
ASN C     OXT    sing N N 46  
ASN CB    CG     sing N N 47  
ASN CB    HB2    sing N N 48  
ASN CB    HB3    sing N N 49  
ASN CG    OD1    doub N N 50  
ASN CG    ND2    sing N N 51  
ASN ND2   HD21   sing N N 52  
ASN ND2   HD22   sing N N 53  
ASN OXT   HXT    sing N N 54  
ASP N     CA     sing N N 55  
ASP N     H      sing N N 56  
ASP N     H2     sing N N 57  
ASP CA    C      sing N N 58  
ASP CA    CB     sing N N 59  
ASP CA    HA     sing N N 60  
ASP C     O      doub N N 61  
ASP C     OXT    sing N N 62  
ASP CB    CG     sing N N 63  
ASP CB    HB2    sing N N 64  
ASP CB    HB3    sing N N 65  
ASP CG    OD1    doub N N 66  
ASP CG    OD2    sing N N 67  
ASP OD2   HD2    sing N N 68  
ASP OXT   HXT    sing N N 69  
GLN N     CA     sing N N 70  
GLN N     H      sing N N 71  
GLN N     H2     sing N N 72  
GLN CA    C      sing N N 73  
GLN CA    CB     sing N N 74  
GLN CA    HA     sing N N 75  
GLN C     O      doub N N 76  
GLN C     OXT    sing N N 77  
GLN CB    CG     sing N N 78  
GLN CB    HB2    sing N N 79  
GLN CB    HB3    sing N N 80  
GLN CG    CD     sing N N 81  
GLN CG    HG2    sing N N 82  
GLN CG    HG3    sing N N 83  
GLN CD    OE1    doub N N 84  
GLN CD    NE2    sing N N 85  
GLN NE2   HE21   sing N N 86  
GLN NE2   HE22   sing N N 87  
GLN OXT   HXT    sing N N 88  
GLU N     CA     sing N N 89  
GLU N     H      sing N N 90  
GLU N     H2     sing N N 91  
GLU CA    C      sing N N 92  
GLU CA    CB     sing N N 93  
GLU CA    HA     sing N N 94  
GLU C     O      doub N N 95  
GLU C     OXT    sing N N 96  
GLU CB    CG     sing N N 97  
GLU CB    HB2    sing N N 98  
GLU CB    HB3    sing N N 99  
GLU CG    CD     sing N N 100 
GLU CG    HG2    sing N N 101 
GLU CG    HG3    sing N N 102 
GLU CD    OE1    doub N N 103 
GLU CD    OE2    sing N N 104 
GLU OE2   HE2    sing N N 105 
GLU OXT   HXT    sing N N 106 
GLY N     CA     sing N N 107 
GLY N     H      sing N N 108 
GLY N     H2     sing N N 109 
GLY CA    C      sing N N 110 
GLY CA    HA2    sing N N 111 
GLY CA    HA3    sing N N 112 
GLY C     O      doub N N 113 
GLY C     OXT    sing N N 114 
GLY OXT   HXT    sing N N 115 
HIS N     CA     sing N N 116 
HIS N     H      sing N N 117 
HIS N     H2     sing N N 118 
HIS CA    C      sing N N 119 
HIS CA    CB     sing N N 120 
HIS CA    HA     sing N N 121 
HIS C     O      doub N N 122 
HIS C     OXT    sing N N 123 
HIS CB    CG     sing N N 124 
HIS CB    HB2    sing N N 125 
HIS CB    HB3    sing N N 126 
HIS CG    ND1    sing Y N 127 
HIS CG    CD2    doub Y N 128 
HIS ND1   CE1    doub Y N 129 
HIS ND1   HD1    sing N N 130 
HIS CD2   NE2    sing Y N 131 
HIS CD2   HD2    sing N N 132 
HIS CE1   NE2    sing Y N 133 
HIS CE1   HE1    sing N N 134 
HIS NE2   HE2    sing N N 135 
HIS OXT   HXT    sing N N 136 
HOH O     H1     sing N N 137 
HOH O     H2     sing N N 138 
ILE N     CA     sing N N 139 
ILE N     H      sing N N 140 
ILE N     H2     sing N N 141 
ILE CA    C      sing N N 142 
ILE CA    CB     sing N N 143 
ILE CA    HA     sing N N 144 
ILE C     O      doub N N 145 
ILE C     OXT    sing N N 146 
ILE CB    CG1    sing N N 147 
ILE CB    CG2    sing N N 148 
ILE CB    HB     sing N N 149 
ILE CG1   CD1    sing N N 150 
ILE CG1   HG12   sing N N 151 
ILE CG1   HG13   sing N N 152 
ILE CG2   HG21   sing N N 153 
ILE CG2   HG22   sing N N 154 
ILE CG2   HG23   sing N N 155 
ILE CD1   HD11   sing N N 156 
ILE CD1   HD12   sing N N 157 
ILE CD1   HD13   sing N N 158 
ILE OXT   HXT    sing N N 159 
LEU N     CA     sing N N 160 
LEU N     H      sing N N 161 
LEU N     H2     sing N N 162 
LEU CA    C      sing N N 163 
LEU CA    CB     sing N N 164 
LEU CA    HA     sing N N 165 
LEU C     O      doub N N 166 
LEU C     OXT    sing N N 167 
LEU CB    CG     sing N N 168 
LEU CB    HB2    sing N N 169 
LEU CB    HB3    sing N N 170 
LEU CG    CD1    sing N N 171 
LEU CG    CD2    sing N N 172 
LEU CG    HG     sing N N 173 
LEU CD1   HD11   sing N N 174 
LEU CD1   HD12   sing N N 175 
LEU CD1   HD13   sing N N 176 
LEU CD2   HD21   sing N N 177 
LEU CD2   HD22   sing N N 178 
LEU CD2   HD23   sing N N 179 
LEU OXT   HXT    sing N N 180 
LYS N     CA     sing N N 181 
LYS N     H      sing N N 182 
LYS N     H2     sing N N 183 
LYS CA    C      sing N N 184 
LYS CA    CB     sing N N 185 
LYS CA    HA     sing N N 186 
LYS C     O      doub N N 187 
LYS C     OXT    sing N N 188 
LYS CB    CG     sing N N 189 
LYS CB    HB2    sing N N 190 
LYS CB    HB3    sing N N 191 
LYS CG    CD     sing N N 192 
LYS CG    HG2    sing N N 193 
LYS CG    HG3    sing N N 194 
LYS CD    CE     sing N N 195 
LYS CD    HD2    sing N N 196 
LYS CD    HD3    sing N N 197 
LYS CE    NZ     sing N N 198 
LYS CE    HE2    sing N N 199 
LYS CE    HE3    sing N N 200 
LYS NZ    HZ1    sing N N 201 
LYS NZ    HZ2    sing N N 202 
LYS NZ    HZ3    sing N N 203 
LYS OXT   HXT    sing N N 204 
MET N     CA     sing N N 205 
MET N     H      sing N N 206 
MET N     H2     sing N N 207 
MET CA    C      sing N N 208 
MET CA    CB     sing N N 209 
MET CA    HA     sing N N 210 
MET C     O      doub N N 211 
MET C     OXT    sing N N 212 
MET CB    CG     sing N N 213 
MET CB    HB2    sing N N 214 
MET CB    HB3    sing N N 215 
MET CG    SD     sing N N 216 
MET CG    HG2    sing N N 217 
MET CG    HG3    sing N N 218 
MET SD    CE     sing N N 219 
MET CE    HE1    sing N N 220 
MET CE    HE2    sing N N 221 
MET CE    HE3    sing N N 222 
MET OXT   HXT    sing N N 223 
PHE N     CA     sing N N 224 
PHE N     H      sing N N 225 
PHE N     H2     sing N N 226 
PHE CA    C      sing N N 227 
PHE CA    CB     sing N N 228 
PHE CA    HA     sing N N 229 
PHE C     O      doub N N 230 
PHE C     OXT    sing N N 231 
PHE CB    CG     sing N N 232 
PHE CB    HB2    sing N N 233 
PHE CB    HB3    sing N N 234 
PHE CG    CD1    doub Y N 235 
PHE CG    CD2    sing Y N 236 
PHE CD1   CE1    sing Y N 237 
PHE CD1   HD1    sing N N 238 
PHE CD2   CE2    doub Y N 239 
PHE CD2   HD2    sing N N 240 
PHE CE1   CZ     doub Y N 241 
PHE CE1   HE1    sing N N 242 
PHE CE2   CZ     sing Y N 243 
PHE CE2   HE2    sing N N 244 
PHE CZ    HZ     sing N N 245 
PHE OXT   HXT    sing N N 246 
PRO N     CA     sing N N 247 
PRO N     CD     sing N N 248 
PRO N     H      sing N N 249 
PRO CA    C      sing N N 250 
PRO CA    CB     sing N N 251 
PRO CA    HA     sing N N 252 
PRO C     O      doub N N 253 
PRO C     OXT    sing N N 254 
PRO CB    CG     sing N N 255 
PRO CB    HB2    sing N N 256 
PRO CB    HB3    sing N N 257 
PRO CG    CD     sing N N 258 
PRO CG    HG2    sing N N 259 
PRO CG    HG3    sing N N 260 
PRO CD    HD2    sing N N 261 
PRO CD    HD3    sing N N 262 
PRO OXT   HXT    sing N N 263 
SER N     CA     sing N N 264 
SER N     H      sing N N 265 
SER N     H2     sing N N 266 
SER CA    C      sing N N 267 
SER CA    CB     sing N N 268 
SER CA    HA     sing N N 269 
SER C     O      doub N N 270 
SER C     OXT    sing N N 271 
SER CB    OG     sing N N 272 
SER CB    HB2    sing N N 273 
SER CB    HB3    sing N N 274 
SER OG    HG     sing N N 275 
SER OXT   HXT    sing N N 276 
THR N     CA     sing N N 277 
THR N     H      sing N N 278 
THR N     H2     sing N N 279 
THR CA    C      sing N N 280 
THR CA    CB     sing N N 281 
THR CA    HA     sing N N 282 
THR C     O      doub N N 283 
THR C     OXT    sing N N 284 
THR CB    OG1    sing N N 285 
THR CB    CG2    sing N N 286 
THR CB    HB     sing N N 287 
THR OG1   HG1    sing N N 288 
THR CG2   HG21   sing N N 289 
THR CG2   HG22   sing N N 290 
THR CG2   HG23   sing N N 291 
THR OXT   HXT    sing N N 292 
TRP N     CA     sing N N 293 
TRP N     H      sing N N 294 
TRP N     H2     sing N N 295 
TRP CA    C      sing N N 296 
TRP CA    CB     sing N N 297 
TRP CA    HA     sing N N 298 
TRP C     O      doub N N 299 
TRP C     OXT    sing N N 300 
TRP CB    CG     sing N N 301 
TRP CB    HB2    sing N N 302 
TRP CB    HB3    sing N N 303 
TRP CG    CD1    doub Y N 304 
TRP CG    CD2    sing Y N 305 
TRP CD1   NE1    sing Y N 306 
TRP CD1   HD1    sing N N 307 
TRP CD2   CE2    doub Y N 308 
TRP CD2   CE3    sing Y N 309 
TRP NE1   CE2    sing Y N 310 
TRP NE1   HE1    sing N N 311 
TRP CE2   CZ2    sing Y N 312 
TRP CE3   CZ3    doub Y N 313 
TRP CE3   HE3    sing N N 314 
TRP CZ2   CH2    doub Y N 315 
TRP CZ2   HZ2    sing N N 316 
TRP CZ3   CH2    sing Y N 317 
TRP CZ3   HZ3    sing N N 318 
TRP CH2   HH2    sing N N 319 
TRP OXT   HXT    sing N N 320 
TYD PA    O1A    doub N N 321 
TYD PA    O2A    sing N N 322 
TYD PA    O3A    sing N N 323 
TYD PA    "O5'"  sing N N 324 
TYD O2A   HOA2   sing N N 325 
TYD O3A   PB     sing N N 326 
TYD PB    O1B    doub N N 327 
TYD PB    O2B    sing N N 328 
TYD PB    O3B    sing N N 329 
TYD O2B   HOB2   sing N N 330 
TYD O3B   HOB3   sing N N 331 
TYD "O5'" "C5'"  sing N N 332 
TYD "C5'" "C4'"  sing N N 333 
TYD "C5'" "H5'1" sing N N 334 
TYD "C5'" "H5'2" sing N N 335 
TYD "C4'" "O4'"  sing N N 336 
TYD "C4'" "C3'"  sing N N 337 
TYD "C4'" "H4'"  sing N N 338 
TYD "O4'" "C1'"  sing N N 339 
TYD "C3'" "O3'"  sing N N 340 
TYD "C3'" "C2'"  sing N N 341 
TYD "C3'" "H3'"  sing N N 342 
TYD "O3'" "HO3'" sing N N 343 
TYD "C2'" "C1'"  sing N N 344 
TYD "C2'" "H2'1" sing N N 345 
TYD "C2'" "H2'2" sing N N 346 
TYD "C1'" N1     sing N N 347 
TYD "C1'" "H1'"  sing N N 348 
TYD N1    C2     sing Y N 349 
TYD N1    C6     sing Y N 350 
TYD C2    O2     doub N N 351 
TYD C2    N3     sing Y N 352 
TYD N3    C4     sing Y N 353 
TYD N3    HN3    sing N N 354 
TYD C4    O4     doub N N 355 
TYD C4    C5     sing Y N 356 
TYD C5    C5M    sing N N 357 
TYD C5    C6     doub Y N 358 
TYD C5M   H51    sing N N 359 
TYD C5M   H52    sing N N 360 
TYD C5M   H53    sing N N 361 
TYD C6    H6     sing N N 362 
TYR N     CA     sing N N 363 
TYR N     H      sing N N 364 
TYR N     H2     sing N N 365 
TYR CA    C      sing N N 366 
TYR CA    CB     sing N N 367 
TYR CA    HA     sing N N 368 
TYR C     O      doub N N 369 
TYR C     OXT    sing N N 370 
TYR CB    CG     sing N N 371 
TYR CB    HB2    sing N N 372 
TYR CB    HB3    sing N N 373 
TYR CG    CD1    doub Y N 374 
TYR CG    CD2    sing Y N 375 
TYR CD1   CE1    sing Y N 376 
TYR CD1   HD1    sing N N 377 
TYR CD2   CE2    doub Y N 378 
TYR CD2   HD2    sing N N 379 
TYR CE1   CZ     doub Y N 380 
TYR CE1   HE1    sing N N 381 
TYR CE2   CZ     sing Y N 382 
TYR CE2   HE2    sing N N 383 
TYR CZ    OH     sing N N 384 
TYR OH    HH     sing N N 385 
TYR OXT   HXT    sing N N 386 
VAL N     CA     sing N N 387 
VAL N     H      sing N N 388 
VAL N     H2     sing N N 389 
VAL CA    C      sing N N 390 
VAL CA    CB     sing N N 391 
VAL CA    HA     sing N N 392 
VAL C     O      doub N N 393 
VAL C     OXT    sing N N 394 
VAL CB    CG1    sing N N 395 
VAL CB    CG2    sing N N 396 
VAL CB    HB     sing N N 397 
VAL CG1   HG11   sing N N 398 
VAL CG1   HG12   sing N N 399 
VAL CG1   HG13   sing N N 400 
VAL CG2   HG21   sing N N 401 
VAL CG2   HG22   sing N N 402 
VAL CG2   HG23   sing N N 403 
VAL OXT   HXT    sing N N 404 
# 
_atom_sites.entry_id                    1NDC 
_atom_sites.fract_transf_matrix[1][1]   -0.00949421 
_atom_sites.fract_transf_matrix[1][2]   0.01073566 
_atom_sites.fract_transf_matrix[1][3]   -0.00199416 
_atom_sites.fract_transf_matrix[2][1]   0.00035624 
_atom_sites.fract_transf_matrix[2][2]   0.00780429 
_atom_sites.fract_transf_matrix[2][3]   -0.01217978 
_atom_sites.fract_transf_matrix[3][1]   -0.00395602 
_atom_sites.fract_transf_matrix[3][2]   -0.00399561 
_atom_sites.fract_transf_matrix[3][3]   -0.00267592 
_atom_sites.fract_transf_vector[1]      0.027916 
_atom_sites.fract_transf_vector[2]      -0.224975 
_atom_sites.fract_transf_vector[3]      -0.074516 
# 
loop_
_atom_type.symbol 
C  
MG 
N  
O  
P  
S  
# 
loop_
_atom_site.group_PDB 
_atom_site.id 
_atom_site.type_symbol 
_atom_site.label_atom_id 
_atom_site.label_alt_id 
_atom_site.label_comp_id 
_atom_site.label_asym_id 
_atom_site.label_entity_id 
_atom_site.label_seq_id 
_atom_site.pdbx_PDB_ins_code 
_atom_site.Cartn_x 
_atom_site.Cartn_y 
_atom_site.Cartn_z 
_atom_site.occupancy 
_atom_site.B_iso_or_equiv 
_atom_site.pdbx_formal_charge 
_atom_site.auth_seq_id 
_atom_site.auth_comp_id 
_atom_site.auth_asym_id 
_atom_site.auth_atom_id 
_atom_site.pdbx_PDB_model_num 
ATOM   1    N  N     . VAL A 1 6   ? 17.077  -8.967  6.204   1.00 36.79 ? 6   VAL A N     1 
ATOM   2    C  CA    . VAL A 1 6   ? 16.343  -10.265 6.183   1.00 34.00 ? 6   VAL A CA    1 
ATOM   3    C  C     . VAL A 1 6   ? 15.298  -10.195 5.065   1.00 31.10 ? 6   VAL A C     1 
ATOM   4    O  O     . VAL A 1 6   ? 14.717  -9.132  4.799   1.00 28.53 ? 6   VAL A O     1 
ATOM   5    C  CB    . VAL A 1 6   ? 15.674  -10.586 7.583   1.00 35.97 ? 6   VAL A CB    1 
ATOM   6    C  CG1   . VAL A 1 6   ? 14.300  -9.910  7.721   1.00 35.32 ? 6   VAL A CG1   1 
ATOM   7    C  CG2   . VAL A 1 6   ? 15.578  -12.099 7.823   1.00 35.67 ? 6   VAL A CG2   1 
ATOM   8    N  N     . ASN A 1 7   ? 15.076  -11.332 4.424   1.00 28.13 ? 7   ASN A N     1 
ATOM   9    C  CA    . ASN A 1 7   ? 14.127  -11.451 3.327   1.00 26.83 ? 7   ASN A CA    1 
ATOM   10   C  C     . ASN A 1 7   ? 12.681  -11.552 3.801   1.00 24.07 ? 7   ASN A C     1 
ATOM   11   O  O     . ASN A 1 7   ? 11.780  -11.798 3.001   1.00 24.40 ? 7   ASN A O     1 
ATOM   12   C  CB    . ASN A 1 7   ? 14.487  -12.673 2.471   1.00 27.44 ? 7   ASN A CB    1 
ATOM   13   C  CG    . ASN A 1 7   ? 15.931  -12.639 1.985   1.00 29.73 ? 7   ASN A CG    1 
ATOM   14   O  OD1   . ASN A 1 7   ? 16.560  -11.578 1.937   1.00 29.47 ? 7   ASN A OD1   1 
ATOM   15   N  ND2   . ASN A 1 7   ? 16.471  -13.802 1.649   1.00 32.39 ? 7   ASN A ND2   1 
ATOM   16   N  N     . LYS A 1 8   ? 12.453  -11.339 5.093   1.00 21.26 ? 8   LYS A N     1 
ATOM   17   C  CA    . LYS A 1 8   ? 11.111  -11.436 5.646   1.00 18.90 ? 8   LYS A CA    1 
ATOM   18   C  C     . LYS A 1 8   ? 10.491  -10.113 6.072   1.00 15.33 ? 8   LYS A C     1 
ATOM   19   O  O     . LYS A 1 8   ? 9.513   -10.093 6.813   1.00 14.07 ? 8   LYS A O     1 
ATOM   20   C  CB    . LYS A 1 8   ? 11.079  -12.453 6.792   1.00 24.05 ? 8   LYS A CB    1 
ATOM   21   C  CG    . LYS A 1 8   ? 11.424  -13.869 6.325   1.00 29.90 ? 8   LYS A CG    1 
ATOM   22   C  CD    . LYS A 1 8   ? 11.244  -14.908 7.421   1.00 37.13 ? 8   LYS A CD    1 
ATOM   23   C  CE    . LYS A 1 8   ? 11.556  -16.331 6.920   1.00 40.75 ? 8   LYS A CE    1 
ATOM   24   N  NZ    . LYS A 1 8   ? 10.576  -16.850 5.907   1.00 44.26 ? 8   LYS A NZ    1 
ATOM   25   N  N     . GLU A 1 9   ? 11.060  -9.008  5.604   1.00 11.36 ? 9   GLU A N     1 
ATOM   26   C  CA    . GLU A 1 9   ? 10.530  -7.687  5.911   1.00 8.38  ? 9   GLU A CA    1 
ATOM   27   C  C     . GLU A 1 9   ? 9.177   -7.607  5.209   1.00 8.50  ? 9   GLU A C     1 
ATOM   28   O  O     . GLU A 1 9   ? 8.997   -8.238  4.164   1.00 6.91  ? 9   GLU A O     1 
ATOM   29   C  CB    . GLU A 1 9   ? 11.467  -6.634  5.340   1.00 8.36  ? 9   GLU A CB    1 
ATOM   30   C  CG    . GLU A 1 9   ? 11.035  -5.201  5.542   1.00 7.07  ? 9   GLU A CG    1 
ATOM   31   C  CD    . GLU A 1 9   ? 12.095  -4.249  5.053   1.00 11.33 ? 9   GLU A CD    1 
ATOM   32   O  OE1   . GLU A 1 9   ? 13.240  -4.342  5.547   1.00 10.39 ? 9   GLU A OE1   1 
ATOM   33   O  OE2   . GLU A 1 9   ? 11.806  -3.420  4.171   1.00 9.18  ? 9   GLU A OE2   1 
ATOM   34   N  N     . ARG A 1 10  ? 8.246   -6.837  5.766   1.00 6.95  ? 10  ARG A N     1 
ATOM   35   C  CA    . ARG A 1 10  ? 6.924   -6.700  5.187   1.00 7.29  ? 10  ARG A CA    1 
ATOM   36   C  C     . ARG A 1 10  ? 6.501   -5.253  5.109   1.00 8.15  ? 10  ARG A C     1 
ATOM   37   O  O     . ARG A 1 10  ? 6.942   -4.417  5.902   1.00 7.91  ? 10  ARG A O     1 
ATOM   38   C  CB    . ARG A 1 10  ? 5.891   -7.449  6.033   1.00 7.39  ? 10  ARG A CB    1 
ATOM   39   C  CG    . ARG A 1 10  ? 6.109   -8.925  6.097   1.00 6.36  ? 10  ARG A CG    1 
ATOM   40   C  CD    . ARG A 1 10  ? 5.099   -9.604  7.002   1.00 9.33  ? 10  ARG A CD    1 
ATOM   41   N  NE    . ARG A 1 10  ? 5.144   -11.045 6.798   1.00 10.76 ? 10  ARG A NE    1 
ATOM   42   C  CZ    . ARG A 1 10  ? 4.308   -11.921 7.343   1.00 12.85 ? 10  ARG A CZ    1 
ATOM   43   N  NH1   . ARG A 1 10  ? 3.344   -11.525 8.161   1.00 12.32 ? 10  ARG A NH1   1 
ATOM   44   N  NH2   . ARG A 1 10  ? 4.450   -13.208 7.062   1.00 12.26 ? 10  ARG A NH2   1 
ATOM   45   N  N     . THR A 1 11  ? 5.653   -4.951  4.137   1.00 5.58  ? 11  THR A N     1 
ATOM   46   C  CA    . THR A 1 11  ? 5.138   -3.602  4.009   1.00 5.78  ? 11  THR A CA    1 
ATOM   47   C  C     . THR A 1 11  ? 3.641   -3.682  3.809   1.00 4.60  ? 11  THR A C     1 
ATOM   48   O  O     . THR A 1 11  ? 3.118   -4.725  3.398   1.00 5.17  ? 11  THR A O     1 
ATOM   49   C  CB    . THR A 1 11  ? 5.783   -2.811  2.846   1.00 5.40  ? 11  THR A CB    1 
ATOM   50   O  OG1   . THR A 1 11  ? 5.495   -1.424  3.032   1.00 3.77  ? 11  THR A OG1   1 
ATOM   51   C  CG2   . THR A 1 11  ? 5.240   -3.242  1.476   1.00 2.69  ? 11  THR A CG2   1 
ATOM   52   N  N     . PHE A 1 12  ? 2.956   -2.605  4.157   1.00 5.27  ? 12  PHE A N     1 
ATOM   53   C  CA    . PHE A 1 12  ? 1.517   -2.524  3.992   1.00 5.63  ? 12  PHE A CA    1 
ATOM   54   C  C     . PHE A 1 12  ? 1.227   -1.615  2.811   1.00 5.20  ? 12  PHE A C     1 
ATOM   55   O  O     . PHE A 1 12  ? 1.745   -0.497  2.742   1.00 5.50  ? 12  PHE A O     1 
ATOM   56   C  CB    . PHE A 1 12  ? 0.844   -1.956  5.249   1.00 5.38  ? 12  PHE A CB    1 
ATOM   57   C  CG    . PHE A 1 12  ? -0.631  -1.714  5.079   1.00 4.74  ? 12  PHE A CG    1 
ATOM   58   C  CD1   . PHE A 1 12  ? -1.521  -2.777  5.075   1.00 4.23  ? 12  PHE A CD1   1 
ATOM   59   C  CD2   . PHE A 1 12  ? -1.121  -0.431  4.852   1.00 4.63  ? 12  PHE A CD2   1 
ATOM   60   C  CE1   . PHE A 1 12  ? -2.873  -2.570  4.837   1.00 4.28  ? 12  PHE A CE1   1 
ATOM   61   C  CE2   . PHE A 1 12  ? -2.476  -0.209  4.614   1.00 4.18  ? 12  PHE A CE2   1 
ATOM   62   C  CZ    . PHE A 1 12  ? -3.355  -1.281  4.604   1.00 2.52  ? 12  PHE A CZ    1 
ATOM   63   N  N     . LEU A 1 13  ? 0.395   -2.095  1.889   1.00 4.80  ? 13  LEU A N     1 
ATOM   64   C  CA    . LEU A 1 13  ? 0.002   -1.323  0.714   1.00 6.75  ? 13  LEU A CA    1 
ATOM   65   C  C     . LEU A 1 13  ? -1.514  -1.360  0.655   1.00 7.63  ? 13  LEU A C     1 
ATOM   66   O  O     . LEU A 1 13  ? -2.136  -2.360  1.035   1.00 8.68  ? 13  LEU A O     1 
ATOM   67   C  CB    . LEU A 1 13  ? 0.571   -1.944  -0.572  1.00 8.23  ? 13  LEU A CB    1 
ATOM   68   C  CG    . LEU A 1 13  ? 2.085   -2.130  -0.711  1.00 8.58  ? 13  LEU A CG    1 
ATOM   69   C  CD1   . LEU A 1 13  ? 2.376   -2.999  -1.905  1.00 10.17 ? 13  LEU A CD1   1 
ATOM   70   C  CD2   . LEU A 1 13  ? 2.777   -0.788  -0.852  1.00 9.54  ? 13  LEU A CD2   1 
ATOM   71   N  N     . ALA A 1 14  ? -2.114  -0.266  0.203   1.00 6.79  ? 14  ALA A N     1 
ATOM   72   C  CA    . ALA A 1 14  ? -3.567  -0.194  0.098   1.00 8.35  ? 14  ALA A CA    1 
ATOM   73   C  C     . ALA A 1 14  ? -3.935  0.534   -1.174  1.00 6.24  ? 14  ALA A C     1 
ATOM   74   O  O     . ALA A 1 14  ? -3.478  1.647   -1.399  1.00 7.96  ? 14  ALA A O     1 
ATOM   75   C  CB    . ALA A 1 14  ? -4.153  0.546   1.295   1.00 4.58  ? 14  ALA A CB    1 
ATOM   76   N  N     . VAL A 1 15  ? -4.703  -0.113  -2.037  1.00 7.20  ? 15  VAL A N     1 
ATOM   77   C  CA    . VAL A 1 15  ? -5.136  0.548   -3.248  1.00 3.62  ? 15  VAL A CA    1 
ATOM   78   C  C     . VAL A 1 15  ? -6.343  1.347   -2.778  1.00 4.75  ? 15  VAL A C     1 
ATOM   79   O  O     . VAL A 1 15  ? -7.320  0.786   -2.296  1.00 6.62  ? 15  VAL A O     1 
ATOM   80   C  CB    . VAL A 1 15  ? -5.531  -0.455  -4.341  1.00 3.98  ? 15  VAL A CB    1 
ATOM   81   C  CG1   . VAL A 1 15  ? -5.991  0.293   -5.601  1.00 2.31  ? 15  VAL A CG1   1 
ATOM   82   C  CG2   . VAL A 1 15  ? -4.343  -1.348  -4.665  1.00 3.05  ? 15  VAL A CG2   1 
ATOM   83   N  N     . LYS A 1 16  ? -6.246  2.666   -2.872  1.00 4.72  ? 16  LYS A N     1 
ATOM   84   C  CA    . LYS A 1 16  ? -7.310  3.555   -2.422  1.00 4.70  ? 16  LYS A CA    1 
ATOM   85   C  C     . LYS A 1 16  ? -8.542  3.472   -3.325  1.00 5.62  ? 16  LYS A C     1 
ATOM   86   O  O     . LYS A 1 16  ? -8.473  2.918   -4.425  1.00 8.48  ? 16  LYS A O     1 
ATOM   87   C  CB    . LYS A 1 16  ? -6.778  4.985   -2.342  1.00 6.41  ? 16  LYS A CB    1 
ATOM   88   C  CG    . LYS A 1 16  ? -5.605  5.188   -1.387  1.00 7.68  ? 16  LYS A CG    1 
ATOM   89   C  CD    . LYS A 1 16  ? -5.296  6.675   -1.350  1.00 13.88 ? 16  LYS A CD    1 
ATOM   90   C  CE    . LYS A 1 16  ? -3.902  6.985   -0.901  1.00 15.11 ? 16  LYS A CE    1 
ATOM   91   N  NZ    . LYS A 1 16  ? -3.689  8.468   -0.850  1.00 16.09 ? 16  LYS A NZ    1 
ATOM   92   N  N     . PRO A 1 17  ? -9.672  4.063   -2.898  1.00 6.49  ? 17  PRO A N     1 
ATOM   93   C  CA    . PRO A 1 17  ? -10.915 4.035   -3.681  1.00 4.40  ? 17  PRO A CA    1 
ATOM   94   C  C     . PRO A 1 17  ? -10.800 4.495   -5.134  1.00 6.16  ? 17  PRO A C     1 
ATOM   95   O  O     . PRO A 1 17  ? -11.483 3.967   -6.006  1.00 5.12  ? 17  PRO A O     1 
ATOM   96   C  CB    . PRO A 1 17  ? -11.850 4.920   -2.865  1.00 5.05  ? 17  PRO A CB    1 
ATOM   97   C  CG    . PRO A 1 17  ? -11.402 4.655   -1.462  1.00 3.62  ? 17  PRO A CG    1 
ATOM   98   C  CD    . PRO A 1 17  ? -9.900  4.730   -1.602  1.00 6.14  ? 17  PRO A CD    1 
ATOM   99   N  N     . ASP A 1 18  ? -9.961  5.491   -5.399  1.00 5.98  ? 18  ASP A N     1 
ATOM   100  C  CA    . ASP A 1 18  ? -9.772  5.951   -6.775  1.00 5.14  ? 18  ASP A CA    1 
ATOM   101  C  C     . ASP A 1 18  ? -9.076  4.864   -7.589  1.00 5.27  ? 18  ASP A C     1 
ATOM   102  O  O     . ASP A 1 18  ? -9.440  4.619   -8.734  1.00 4.95  ? 18  ASP A O     1 
ATOM   103  C  CB    . ASP A 1 18  ? -8.988  7.271   -6.830  1.00 4.61  ? 18  ASP A CB    1 
ATOM   104  C  CG    . ASP A 1 18  ? -7.647  7.207   -6.099  1.00 6.85  ? 18  ASP A CG    1 
ATOM   105  O  OD1   . ASP A 1 18  ? -7.557  6.592   -5.022  1.00 9.17  ? 18  ASP A OD1   1 
ATOM   106  O  OD2   . ASP A 1 18  ? -6.672  7.797   -6.600  1.00 5.90  ? 18  ASP A OD2   1 
ATOM   107  N  N     . GLY A 1 19  ? -8.116  4.178   -6.975  1.00 4.31  ? 19  GLY A N     1 
ATOM   108  C  CA    . GLY A 1 19  ? -7.416  3.107   -7.663  1.00 5.52  ? 19  GLY A CA    1 
ATOM   109  C  C     . GLY A 1 19  ? -8.358  1.945   -7.942  1.00 7.80  ? 19  GLY A C     1 
ATOM   110  O  O     . GLY A 1 19  ? -8.317  1.344   -9.020  1.00 7.45  ? 19  GLY A O     1 
ATOM   111  N  N     . VAL A 1 20  ? -9.209  1.619   -6.975  1.00 5.58  ? 20  VAL A N     1 
ATOM   112  C  CA    . VAL A 1 20  ? -10.170 0.531   -7.148  1.00 4.41  ? 20  VAL A CA    1 
ATOM   113  C  C     . VAL A 1 20  ? -11.198 0.881   -8.239  1.00 6.32  ? 20  VAL A C     1 
ATOM   114  O  O     . VAL A 1 20  ? -11.416 0.103   -9.176  1.00 6.86  ? 20  VAL A O     1 
ATOM   115  C  CB    . VAL A 1 20  ? -10.878 0.203   -5.814  1.00 2.84  ? 20  VAL A CB    1 
ATOM   116  C  CG1   . VAL A 1 20  ? -11.981 -0.820  -6.036  1.00 3.92  ? 20  VAL A CG1   1 
ATOM   117  C  CG2   . VAL A 1 20  ? -9.877  -0.323  -4.809  1.00 2.10  ? 20  VAL A CG2   1 
ATOM   118  N  N     . ALA A 1 21  ? -11.776 2.078   -8.160  1.00 6.14  ? 21  ALA A N     1 
ATOM   119  C  CA    . ALA A 1 21  ? -12.767 2.531   -9.139  1.00 6.82  ? 21  ALA A CA    1 
ATOM   120  C  C     . ALA A 1 21  ? -12.229 2.613   -10.573 1.00 8.92  ? 21  ALA A C     1 
ATOM   121  O  O     . ALA A 1 21  ? -12.984 2.464   -11.541 1.00 7.64  ? 21  ALA A O     1 
ATOM   122  C  CB    . ALA A 1 21  ? -13.338 3.880   -8.715  1.00 8.28  ? 21  ALA A CB    1 
ATOM   123  N  N     . ARG A 1 22  ? -10.935 2.871   -10.713 1.00 6.84  ? 22  ARG A N     1 
ATOM   124  C  CA    . ARG A 1 22  ? -10.324 2.987   -12.025 1.00 5.98  ? 22  ARG A CA    1 
ATOM   125  C  C     . ARG A 1 22  ? -9.858  1.634   -12.574 1.00 5.39  ? 22  ARG A C     1 
ATOM   126  O  O     . ARG A 1 22  ? -9.281  1.565   -13.652 1.00 8.54  ? 22  ARG A O     1 
ATOM   127  C  CB    . ARG A 1 22  ? -9.175  4.014   -11.985 1.00 4.52  ? 22  ARG A CB    1 
ATOM   128  C  CG    . ARG A 1 22  ? -9.654  5.460   -11.769 1.00 3.25  ? 22  ARG A CG    1 
ATOM   129  C  CD    . ARG A 1 22  ? -8.494  6.454   -11.702 1.00 2.84  ? 22  ARG A CD    1 
ATOM   130  N  NE    . ARG A 1 22  ? -7.632  6.366   -12.877 1.00 7.42  ? 22  ARG A NE    1 
ATOM   131  C  CZ    . ARG A 1 22  ? -6.367  6.774   -12.922 1.00 8.99  ? 22  ARG A CZ    1 
ATOM   132  N  NH1   . ARG A 1 22  ? -5.793  7.335   -11.865 1.00 7.68  ? 22  ARG A NH1   1 
ATOM   133  N  NH2   . ARG A 1 22  ? -5.676  6.637   -14.042 1.00 7.42  ? 22  ARG A NH2   1 
ATOM   134  N  N     . GLY A 1 23  ? -10.123 0.562   -11.833 1.00 4.57  ? 23  GLY A N     1 
ATOM   135  C  CA    . GLY A 1 23  ? -9.735  -0.765  -12.279 1.00 3.44  ? 23  GLY A CA    1 
ATOM   136  C  C     . GLY A 1 23  ? -8.237  -0.994  -12.359 1.00 6.36  ? 23  GLY A C     1 
ATOM   137  O  O     . GLY A 1 23  ? -7.758  -1.620  -13.312 1.00 6.11  ? 23  GLY A O     1 
ATOM   138  N  N     . LEU A 1 24  ? -7.500  -0.574  -11.328 1.00 4.19  ? 24  LEU A N     1 
ATOM   139  C  CA    . LEU A 1 24  ? -6.041  -0.721  -11.306 1.00 5.20  ? 24  LEU A CA    1 
ATOM   140  C  C     . LEU A 1 24  ? -5.520  -1.701  -10.267 1.00 4.50  ? 24  LEU A C     1 
ATOM   141  O  O     . LEU A 1 24  ? -4.315  -1.801  -10.051 1.00 7.77  ? 24  LEU A O     1 
ATOM   142  C  CB    . LEU A 1 24  ? -5.377  0.658   -11.083 1.00 5.71  ? 24  LEU A CB    1 
ATOM   143  C  CG    . LEU A 1 24  ? -5.569  1.722   -12.168 1.00 7.66  ? 24  LEU A CG    1 
ATOM   144  C  CD1   . LEU A 1 24  ? -5.069  3.073   -11.670 1.00 6.94  ? 24  LEU A CD1   1 
ATOM   145  C  CD2   . LEU A 1 24  ? -4.838  1.310   -13.434 1.00 7.17  ? 24  LEU A CD2   1 
ATOM   146  N  N     . VAL A 1 25  ? -6.421  -2.415  -9.606  1.00 3.40  ? 25  VAL A N     1 
ATOM   147  C  CA    . VAL A 1 25  ? -6.025  -3.386  -8.581  1.00 2.97  ? 25  VAL A CA    1 
ATOM   148  C  C     . VAL A 1 25  ? -5.076  -4.450  -9.139  1.00 3.97  ? 25  VAL A C     1 
ATOM   149  O  O     . VAL A 1 25  ? -3.969  -4.631  -8.635  1.00 3.23  ? 25  VAL A O     1 
ATOM   150  C  CB    . VAL A 1 25  ? -7.274  -4.055  -7.939  1.00 2.66  ? 25  VAL A CB    1 
ATOM   151  C  CG1   . VAL A 1 25  ? -6.867  -5.116  -6.918  1.00 2.00  ? 25  VAL A CG1   1 
ATOM   152  C  CG2   . VAL A 1 25  ? -8.122  -2.991  -7.273  1.00 2.01  ? 25  VAL A CG2   1 
ATOM   153  N  N     . GLY A 1 26  ? -5.505  -5.134  -10.193 1.00 2.34  ? 26  GLY A N     1 
ATOM   154  C  CA    . GLY A 1 26  ? -4.685  -6.170  -10.803 1.00 3.26  ? 26  GLY A CA    1 
ATOM   155  C  C     . GLY A 1 26  ? -3.359  -5.653  -11.325 1.00 2.00  ? 26  GLY A C     1 
ATOM   156  O  O     . GLY A 1 26  ? -2.338  -6.308  -11.162 1.00 2.64  ? 26  GLY A O     1 
ATOM   157  N  N     . GLU A 1 27  ? -3.385  -4.505  -11.999 1.00 3.31  ? 27  GLU A N     1 
ATOM   158  C  CA    . GLU A 1 27  ? -2.171  -3.874  -12.523 1.00 5.54  ? 27  GLU A CA    1 
ATOM   159  C  C     . GLU A 1 27  ? -1.147  -3.667  -11.391 1.00 4.38  ? 27  GLU A C     1 
ATOM   160  O  O     . GLU A 1 27  ? 0.026   -4.011  -11.525 1.00 3.26  ? 27  GLU A O     1 
ATOM   161  C  CB    . GLU A 1 27  ? -2.521  -2.520  -13.165 1.00 8.14  ? 27  GLU A CB    1 
ATOM   162  C  CG    . GLU A 1 27  ? -1.322  -1.582  -13.435 1.00 13.90 ? 27  GLU A CG    1 
ATOM   163  C  CD    . GLU A 1 27  ? -0.483  -1.995  -14.635 1.00 17.49 ? 27  GLU A CD    1 
ATOM   164  O  OE1   . GLU A 1 27  ? -1.050  -2.567  -15.592 1.00 19.98 ? 27  GLU A OE1   1 
ATOM   165  O  OE2   . GLU A 1 27  ? 0.740   -1.741  -14.637 1.00 16.76 ? 27  GLU A OE2   1 
ATOM   166  N  N     . ILE A 1 28  ? -1.620  -3.157  -10.262 1.00 3.67  ? 28  ILE A N     1 
ATOM   167  C  CA    . ILE A 1 28  ? -0.762  -2.910  -9.117  1.00 3.93  ? 28  ILE A CA    1 
ATOM   168  C  C     . ILE A 1 28  ? -0.218  -4.197  -8.482  1.00 4.08  ? 28  ILE A C     1 
ATOM   169  O  O     . ILE A 1 28  ? 0.994   -4.325  -8.250  1.00 7.41  ? 28  ILE A O     1 
ATOM   170  C  CB    . ILE A 1 28  ? -1.505  -2.039  -8.099  1.00 3.77  ? 28  ILE A CB    1 
ATOM   171  C  CG1   . ILE A 1 28  ? -1.654  -0.625  -8.675  1.00 3.90  ? 28  ILE A CG1   1 
ATOM   172  C  CG2   . ILE A 1 28  ? -0.793  -2.044  -6.763  1.00 4.74  ? 28  ILE A CG2   1 
ATOM   173  C  CD1   . ILE A 1 28  ? -2.641  0.268   -7.925  1.00 3.83  ? 28  ILE A CD1   1 
ATOM   174  N  N     . ILE A 1 29  ? -1.088  -5.163  -8.216  1.00 2.16  ? 29  ILE A N     1 
ATOM   175  C  CA    . ILE A 1 29  ? -0.640  -6.417  -7.624  1.00 2.02  ? 29  ILE A CA    1 
ATOM   176  C  C     . ILE A 1 29  ? 0.400   -7.084  -8.529  1.00 2.02  ? 29  ILE A C     1 
ATOM   177  O  O     . ILE A 1 29  ? 1.413   -7.590  -8.046  1.00 4.22  ? 29  ILE A O     1 
ATOM   178  C  CB    . ILE A 1 29  ? -1.839  -7.388  -7.379  1.00 3.56  ? 29  ILE A CB    1 
ATOM   179  C  CG1   . ILE A 1 29  ? -2.786  -6.798  -6.318  1.00 4.90  ? 29  ILE A CG1   1 
ATOM   180  C  CG2   . ILE A 1 29  ? -1.344  -8.755  -6.941  1.00 2.01  ? 29  ILE A CG2   1 
ATOM   181  C  CD1   . ILE A 1 29  ? -4.083  -7.589  -6.084  1.00 4.17  ? 29  ILE A CD1   1 
ATOM   182  N  N     . ALA A 1 30  ? 0.162   -7.052  -9.838  1.00 2.35  ? 30  ALA A N     1 
ATOM   183  C  CA    . ALA A 1 30  ? 1.058   -7.671  -10.817 1.00 3.14  ? 30  ALA A CA    1 
ATOM   184  C  C     . ALA A 1 30  ? 2.465   -7.096  -10.788 1.00 4.54  ? 30  ALA A C     1 
ATOM   185  O  O     . ALA A 1 30  ? 3.438   -7.842  -10.937 1.00 3.45  ? 30  ALA A O     1 
ATOM   186  C  CB    . ALA A 1 30  ? 0.491   -7.572  -12.210 1.00 2.28  ? 30  ALA A CB    1 
ATOM   187  N  N     . ARG A 1 31  ? 2.584   -5.783  -10.613 1.00 2.48  ? 31  ARG A N     1 
ATOM   188  C  CA    . ARG A 1 31  ? 3.904   -5.161  -10.546 1.00 3.49  ? 31  ARG A CA    1 
ATOM   189  C  C     . ARG A 1 31  ? 4.716   -5.713  -9.380  1.00 2.00  ? 31  ARG A C     1 
ATOM   190  O  O     . ARG A 1 31  ? 5.894   -5.993  -9.519  1.00 2.01  ? 31  ARG A O     1 
ATOM   191  C  CB    . ARG A 1 31  ? 3.774   -3.646  -10.437 1.00 2.73  ? 31  ARG A CB    1 
ATOM   192  C  CG    . ARG A 1 31  ? 3.352   -3.002  -11.736 1.00 4.97  ? 31  ARG A CG    1 
ATOM   193  C  CD    . ARG A 1 31  ? 3.183   -1.504  -11.581 1.00 7.05  ? 31  ARG A CD    1 
ATOM   194  N  NE    . ARG A 1 31  ? 2.649   -0.902  -12.794 1.00 4.70  ? 31  ARG A NE    1 
ATOM   195  C  CZ    . ARG A 1 31  ? 3.088   0.229   -13.336 1.00 6.15  ? 31  ARG A CZ    1 
ATOM   196  N  NH1   . ARG A 1 31  ? 4.078   0.902   -12.767 1.00 3.76  ? 31  ARG A NH1   1 
ATOM   197  N  NH2   . ARG A 1 31  ? 2.530   0.687   -14.453 1.00 5.06  ? 31  ARG A NH2   1 
ATOM   198  N  N     . TYR A 1 32  ? 4.063   -5.920  -8.246  1.00 2.01  ? 32  TYR A N     1 
ATOM   199  C  CA    . TYR A 1 32  ? 4.725   -6.457  -7.057  1.00 2.49  ? 32  TYR A CA    1 
ATOM   200  C  C     . TYR A 1 32  ? 5.035   -7.953  -7.178  1.00 2.43  ? 32  TYR A C     1 
ATOM   201  O  O     . TYR A 1 32  ? 6.072   -8.423  -6.712  1.00 2.00  ? 32  TYR A O     1 
ATOM   202  C  CB    . TYR A 1 32  ? 3.911   -6.123  -5.794  1.00 3.54  ? 32  TYR A CB    1 
ATOM   203  C  CG    . TYR A 1 32  ? 3.986   -4.647  -5.453  1.00 6.33  ? 32  TYR A CG    1 
ATOM   204  C  CD1   . TYR A 1 32  ? 5.146   -4.103  -4.888  1.00 7.20  ? 32  TYR A CD1   1 
ATOM   205  C  CD2   . TYR A 1 32  ? 2.940   -3.777  -5.773  1.00 3.44  ? 32  TYR A CD2   1 
ATOM   206  C  CE1   . TYR A 1 32  ? 5.262   -2.730  -4.660  1.00 4.98  ? 32  TYR A CE1   1 
ATOM   207  C  CE2   . TYR A 1 32  ? 3.048   -2.408  -5.548  1.00 5.11  ? 32  TYR A CE2   1 
ATOM   208  C  CZ    . TYR A 1 32  ? 4.215   -1.892  -4.993  1.00 8.22  ? 32  TYR A CZ    1 
ATOM   209  O  OH    . TYR A 1 32  ? 4.332   -0.538  -4.780  1.00 5.40  ? 32  TYR A OH    1 
ATOM   210  N  N     . GLU A 1 33  ? 4.170   -8.699  -7.849  1.00 2.00  ? 33  GLU A N     1 
ATOM   211  C  CA    . GLU A 1 33  ? 4.423   -10.122 -8.064  1.00 2.01  ? 33  GLU A CA    1 
ATOM   212  C  C     . GLU A 1 33  ? 5.592   -10.310 -9.026  1.00 2.00  ? 33  GLU A C     1 
ATOM   213  O  O     . GLU A 1 33  ? 6.405   -11.211 -8.841  1.00 4.53  ? 33  GLU A O     1 
ATOM   214  C  CB    . GLU A 1 33  ? 3.202   -10.820 -8.660  1.00 2.00  ? 33  GLU A CB    1 
ATOM   215  C  CG    . GLU A 1 33  ? 2.060   -10.994 -7.716  1.00 2.45  ? 33  GLU A CG    1 
ATOM   216  C  CD    . GLU A 1 33  ? 0.875   -11.588 -8.416  1.00 2.86  ? 33  GLU A CD    1 
ATOM   217  O  OE1   . GLU A 1 33  ? 0.269   -10.879 -9.233  1.00 3.31  ? 33  GLU A OE1   1 
ATOM   218  O  OE2   . GLU A 1 33  ? 0.583   -12.771 -8.184  1.00 6.02  ? 33  GLU A OE2   1 
ATOM   219  N  N     . LYS A 1 34  ? 5.645   -9.493  -10.075 1.00 2.77  ? 34  LYS A N     1 
ATOM   220  C  CA    . LYS A 1 34  ? 6.726   -9.585  -11.053 1.00 5.72  ? 34  LYS A CA    1 
ATOM   221  C  C     . LYS A 1 34  ? 8.069   -9.261  -10.415 1.00 5.00  ? 34  LYS A C     1 
ATOM   222  O  O     . LYS A 1 34  ? 9.093   -9.821  -10.799 1.00 4.64  ? 34  LYS A O     1 
ATOM   223  C  CB    . LYS A 1 34  ? 6.497   -8.632  -12.215 1.00 6.63  ? 34  LYS A CB    1 
ATOM   224  C  CG    . LYS A 1 34  ? 5.408   -9.033  -13.163 1.00 14.43 ? 34  LYS A CG    1 
ATOM   225  C  CD    . LYS A 1 34  ? 5.366   -8.040  -14.304 1.00 22.50 ? 34  LYS A CD    1 
ATOM   226  C  CE    . LYS A 1 34  ? 4.298   -8.401  -15.314 1.00 28.45 ? 34  LYS A CE    1 
ATOM   227  N  NZ    . LYS A 1 34  ? 4.683   -7.913  -16.688 1.00 36.91 ? 34  LYS A NZ    1 
ATOM   228  N  N     . LYS A 1 35  ? 8.048   -8.326  -9.471  1.00 4.48  ? 35  LYS A N     1 
ATOM   229  C  CA    . LYS A 1 35  ? 9.238   -7.901  -8.737  1.00 3.95  ? 35  LYS A CA    1 
ATOM   230  C  C     . LYS A 1 35  ? 9.781   -9.053  -7.911  1.00 4.71  ? 35  LYS A C     1 
ATOM   231  O  O     . LYS A 1 35  ? 10.989  -9.144  -7.682  1.00 7.00  ? 35  LYS A O     1 
ATOM   232  C  CB    . LYS A 1 35  ? 8.879   -6.707  -7.833  1.00 2.80  ? 35  LYS A CB    1 
ATOM   233  C  CG    . LYS A 1 35  ? 10.022  -6.124  -6.989  1.00 3.55  ? 35  LYS A CG    1 
ATOM   234  C  CD    . LYS A 1 35  ? 11.146  -5.536  -7.850  1.00 3.30  ? 35  LYS A CD    1 
ATOM   235  C  CE    . LYS A 1 35  ? 12.103  -4.670  -7.015  1.00 2.02  ? 35  LYS A CE    1 
ATOM   236  N  NZ    . LYS A 1 35  ? 13.250  -4.180  -7.835  1.00 2.02  ? 35  LYS A NZ    1 
ATOM   237  N  N     . GLY A 1 36  ? 8.893   -9.914  -7.428  1.00 5.30  ? 36  GLY A N     1 
ATOM   238  C  CA    . GLY A 1 36  ? 9.336   -11.045 -6.630  1.00 4.64  ? 36  GLY A CA    1 
ATOM   239  C  C     . GLY A 1 36  ? 8.886   -11.012 -5.181  1.00 6.39  ? 36  GLY A C     1 
ATOM   240  O  O     . GLY A 1 36  ? 9.273   -11.866 -4.385  1.00 8.75  ? 36  GLY A O     1 
ATOM   241  N  N     . PHE A 1 37  ? 8.090   -10.022 -4.813  1.00 4.55  ? 37  PHE A N     1 
ATOM   242  C  CA    . PHE A 1 37  ? 7.607   -9.942  -3.445  1.00 5.83  ? 37  PHE A CA    1 
ATOM   243  C  C     . PHE A 1 37  ? 6.452   -10.912 -3.290  1.00 6.12  ? 37  PHE A C     1 
ATOM   244  O  O     . PHE A 1 37  ? 5.722   -11.159 -4.249  1.00 7.41  ? 37  PHE A O     1 
ATOM   245  C  CB    . PHE A 1 37  ? 7.189   -8.521  -3.122  1.00 4.46  ? 37  PHE A CB    1 
ATOM   246  C  CG    . PHE A 1 37  ? 8.335   -7.565  -3.098  1.00 7.41  ? 37  PHE A CG    1 
ATOM   247  C  CD1   . PHE A 1 37  ? 9.494   -7.879  -2.395  1.00 5.32  ? 37  PHE A CD1   1 
ATOM   248  C  CD2   . PHE A 1 37  ? 8.262   -6.355  -3.775  1.00 5.60  ? 37  PHE A CD2   1 
ATOM   249  C  CE1   . PHE A 1 37  ? 10.569  -6.998  -2.366  1.00 7.85  ? 37  PHE A CE1   1 
ATOM   250  C  CE2   . PHE A 1 37  ? 9.322   -5.470  -3.757  1.00 5.93  ? 37  PHE A CE2   1 
ATOM   251  C  CZ    . PHE A 1 37  ? 10.479  -5.788  -3.051  1.00 6.46  ? 37  PHE A CZ    1 
ATOM   252  N  N     . VAL A 1 38  ? 6.287   -11.462 -2.093  1.00 7.90  ? 38  VAL A N     1 
ATOM   253  C  CA    . VAL A 1 38  ? 5.234   -12.435 -1.854  1.00 7.01  ? 38  VAL A CA    1 
ATOM   254  C  C     . VAL A 1 38  ? 4.050   -11.835 -1.146  1.00 8.21  ? 38  VAL A C     1 
ATOM   255  O  O     . VAL A 1 38  ? 4.200   -11.124 -0.149  1.00 7.09  ? 38  VAL A O     1 
ATOM   256  C  CB    . VAL A 1 38  ? 5.748   -13.631 -1.029  1.00 7.71  ? 38  VAL A CB    1 
ATOM   257  C  CG1   . VAL A 1 38  ? 4.615   -14.622 -0.780  1.00 9.54  ? 38  VAL A CG1   1 
ATOM   258  C  CG2   . VAL A 1 38  ? 6.878   -14.300 -1.752  1.00 8.17  ? 38  VAL A CG2   1 
ATOM   259  N  N     . LEU A 1 39  ? 2.864   -12.133 -1.662  1.00 6.89  ? 39  LEU A N     1 
ATOM   260  C  CA    . LEU A 1 39  ? 1.628   -11.639 -1.086  1.00 7.82  ? 39  LEU A CA    1 
ATOM   261  C  C     . LEU A 1 39  ? 1.328   -12.439 0.183   1.00 7.86  ? 39  LEU A C     1 
ATOM   262  O  O     . LEU A 1 39  ? 1.103   -13.645 0.103   1.00 9.11  ? 39  LEU A O     1 
ATOM   263  C  CB    . LEU A 1 39  ? 0.513   -11.836 -2.105  1.00 7.90  ? 39  LEU A CB    1 
ATOM   264  C  CG    . LEU A 1 39  ? -0.852  -11.206 -1.906  1.00 11.86 ? 39  LEU A CG    1 
ATOM   265  C  CD1   . LEU A 1 39  ? -0.744  -9.688  -1.835  1.00 9.90  ? 39  LEU A CD1   1 
ATOM   266  C  CD2   . LEU A 1 39  ? -1.716  -11.623 -3.085  1.00 13.50 ? 39  LEU A CD2   1 
ATOM   267  N  N     . VAL A 1 40  ? 1.350   -11.797 1.350   1.00 8.27  ? 40  VAL A N     1 
ATOM   268  C  CA    . VAL A 1 40  ? 1.050   -12.519 2.590   1.00 6.64  ? 40  VAL A CA    1 
ATOM   269  C  C     . VAL A 1 40  ? -0.276  -12.144 3.243   1.00 6.53  ? 40  VAL A C     1 
ATOM   270  O  O     . VAL A 1 40  ? -0.675  -12.780 4.209   1.00 8.67  ? 40  VAL A O     1 
ATOM   271  C  CB    . VAL A 1 40  ? 2.209   -12.470 3.640   1.00 6.73  ? 40  VAL A CB    1 
ATOM   272  C  CG1   . VAL A 1 40  ? 3.502   -12.989 3.026   1.00 6.65  ? 40  VAL A CG1   1 
ATOM   273  C  CG2   . VAL A 1 40  ? 2.399   -11.093 4.182   1.00 7.69  ? 40  VAL A CG2   1 
ATOM   274  N  N     . GLY A 1 41  ? -0.972  -11.153 2.687   1.00 7.29  ? 41  GLY A N     1 
ATOM   275  C  CA    . GLY A 1 41  ? -2.265  -10.731 3.212   1.00 5.92  ? 41  GLY A CA    1 
ATOM   276  C  C     . GLY A 1 41  ? -2.985  -9.985  2.106   1.00 5.89  ? 41  GLY A C     1 
ATOM   277  O  O     . GLY A 1 41  ? -2.348  -9.275  1.338   1.00 6.15  ? 41  GLY A O     1 
ATOM   278  N  N     . LEU A 1 42  ? -4.297  -10.145 1.995   1.00 6.30  ? 42  LEU A N     1 
ATOM   279  C  CA    . LEU A 1 42  ? -5.052  -9.479  0.936   1.00 7.37  ? 42  LEU A CA    1 
ATOM   280  C  C     . LEU A 1 42  ? -6.533  -9.520  1.245   1.00 8.19  ? 42  LEU A C     1 
ATOM   281  O  O     . LEU A 1 42  ? -7.070  -10.575 1.569   1.00 9.49  ? 42  LEU A O     1 
ATOM   282  C  CB    . LEU A 1 42  ? -4.812  -10.189 -0.420  1.00 7.68  ? 42  LEU A CB    1 
ATOM   283  C  CG    . LEU A 1 42  ? -5.565  -9.670  -1.655  1.00 6.30  ? 42  LEU A CG    1 
ATOM   284  C  CD1   . LEU A 1 42  ? -5.019  -8.300  -2.073  1.00 3.29  ? 42  LEU A CD1   1 
ATOM   285  C  CD2   . LEU A 1 42  ? -5.460  -10.661 -2.804  1.00 6.12  ? 42  LEU A CD2   1 
ATOM   286  N  N     . LYS A 1 43  ? -7.192  -8.370  1.158   1.00 8.97  ? 43  LYS A N     1 
ATOM   287  C  CA    . LYS A 1 43  ? -8.627  -8.299  1.385   1.00 10.51 ? 43  LYS A CA    1 
ATOM   288  C  C     . LYS A 1 43  ? -9.199  -6.979  0.924   1.00 10.04 ? 43  LYS A C     1 
ATOM   289  O  O     . LYS A 1 43  ? -8.492  -5.975  0.845   1.00 9.99  ? 43  LYS A O     1 
ATOM   290  C  CB    . LYS A 1 43  ? -8.981  -8.518  2.856   1.00 12.45 ? 43  LYS A CB    1 
ATOM   291  C  CG    . LYS A 1 43  ? -8.413  -7.497  3.827   1.00 14.83 ? 43  LYS A CG    1 
ATOM   292  C  CD    . LYS A 1 43  ? -8.791  -7.893  5.240   1.00 15.90 ? 43  LYS A CD    1 
ATOM   293  C  CE    . LYS A 1 43  ? -8.198  -6.961  6.247   1.00 16.09 ? 43  LYS A CE    1 
ATOM   294  N  NZ    . LYS A 1 43  ? -8.678  -7.326  7.605   1.00 18.52 ? 43  LYS A NZ    1 
ATOM   295  N  N     . GLN A 1 44  ? -10.461 -6.998  0.524   1.00 9.07  ? 44  GLN A N     1 
ATOM   296  C  CA    . GLN A 1 44  ? -11.123 -5.772  0.129   1.00 9.03  ? 44  GLN A CA    1 
ATOM   297  C  C     . GLN A 1 44  ? -12.098 -5.457  1.255   1.00 10.55 ? 44  GLN A C     1 
ATOM   298  O  O     . GLN A 1 44  ? -12.767 -6.357  1.779   1.00 11.04 ? 44  GLN A O     1 
ATOM   299  C  CB    . GLN A 1 44  ? -11.877 -5.916  -1.201  1.00 6.59  ? 44  GLN A CB    1 
ATOM   300  C  CG    . GLN A 1 44  ? -12.614 -4.631  -1.595  1.00 5.49  ? 44  GLN A CG    1 
ATOM   301  C  CD    . GLN A 1 44  ? -13.322 -4.704  -2.926  1.00 7.97  ? 44  GLN A CD    1 
ATOM   302  O  OE1   . GLN A 1 44  ? -12.907 -4.066  -3.882  1.00 13.12 ? 44  GLN A OE1   1 
ATOM   303  N  NE2   . GLN A 1 44  ? -14.424 -5.429  -2.979  1.00 13.24 ? 44  GLN A NE2   1 
ATOM   304  N  N     . LEU A 1 45  ? -12.151 -4.186  1.643   1.00 10.89 ? 45  LEU A N     1 
ATOM   305  C  CA    . LEU A 1 45  ? -13.048 -3.731  2.708   1.00 11.01 ? 45  LEU A CA    1 
ATOM   306  C  C     . LEU A 1 45  ? -13.312 -2.246  2.500   1.00 11.27 ? 45  LEU A C     1 
ATOM   307  O  O     . LEU A 1 45  ? -12.609 -1.591  1.727   1.00 10.26 ? 45  LEU A O     1 
ATOM   308  C  CB    . LEU A 1 45  ? -12.386 -3.912  4.082   1.00 10.66 ? 45  LEU A CB    1 
ATOM   309  C  CG    . LEU A 1 45  ? -11.186 -2.987  4.366   1.00 9.78  ? 45  LEU A CG    1 
ATOM   310  C  CD1   . LEU A 1 45  ? -10.966 -2.870  5.841   1.00 13.28 ? 45  LEU A CD1   1 
ATOM   311  C  CD2   . LEU A 1 45  ? -9.923  -3.494  3.679   1.00 11.08 ? 45  LEU A CD2   1 
ATOM   312  N  N     . VAL A 1 46  ? -14.374 -1.738  3.115   1.00 11.59 ? 46  VAL A N     1 
ATOM   313  C  CA    . VAL A 1 46  ? -14.673 -0.309  3.058   1.00 12.82 ? 46  VAL A CA    1 
ATOM   314  C  C     . VAL A 1 46  ? -14.266 0.140   4.464   1.00 12.69 ? 46  VAL A C     1 
ATOM   315  O  O     . VAL A 1 46  ? -14.854 -0.297  5.447   1.00 11.67 ? 46  VAL A O     1 
ATOM   316  C  CB    . VAL A 1 46  ? -16.171 -0.026  2.816   1.00 13.31 ? 46  VAL A CB    1 
ATOM   317  C  CG1   . VAL A 1 46  ? -16.441 1.480   2.895   1.00 13.35 ? 46  VAL A CG1   1 
ATOM   318  C  CG2   . VAL A 1 46  ? -16.596 -0.565  1.454   1.00 12.55 ? 46  VAL A CG2   1 
ATOM   319  N  N     . PRO A 1 47  ? -13.208 0.955   4.576   1.00 13.12 ? 47  PRO A N     1 
ATOM   320  C  CA    . PRO A 1 47  ? -12.721 1.439   5.875   1.00 13.71 ? 47  PRO A CA    1 
ATOM   321  C  C     . PRO A 1 47  ? -13.719 2.271   6.664   1.00 12.41 ? 47  PRO A C     1 
ATOM   322  O  O     . PRO A 1 47  ? -14.449 3.079   6.097   1.00 13.27 ? 47  PRO A O     1 
ATOM   323  C  CB    . PRO A 1 47  ? -11.510 2.303   5.491   1.00 14.45 ? 47  PRO A CB    1 
ATOM   324  C  CG    . PRO A 1 47  ? -11.082 1.734   4.158   1.00 15.91 ? 47  PRO A CG    1 
ATOM   325  C  CD    . PRO A 1 47  ? -12.405 1.520   3.477   1.00 12.05 ? 47  PRO A CD    1 
ATOM   326  N  N     . THR A 1 48  ? -13.755 2.060   7.973   1.00 14.27 ? 48  THR A N     1 
ATOM   327  C  CA    . THR A 1 48  ? -14.624 2.841   8.849   1.00 18.00 ? 48  THR A CA    1 
ATOM   328  C  C     . THR A 1 48  ? -13.862 4.139   9.147   1.00 19.26 ? 48  THR A C     1 
ATOM   329  O  O     . THR A 1 48  ? -12.654 4.231   8.873   1.00 19.20 ? 48  THR A O     1 
ATOM   330  C  CB    . THR A 1 48  ? -14.889 2.121   10.198  1.00 18.95 ? 48  THR A CB    1 
ATOM   331  O  OG1   . THR A 1 48  ? -13.645 1.713   10.789  1.00 20.00 ? 48  THR A OG1   1 
ATOM   332  C  CG2   . THR A 1 48  ? -15.777 0.912   10.005  1.00 21.80 ? 48  THR A CG2   1 
ATOM   333  N  N     . LYS A 1 49  ? -14.544 5.122   9.726   1.00 19.46 ? 49  LYS A N     1 
ATOM   334  C  CA    . LYS A 1 49  ? -13.901 6.388   10.062  1.00 20.44 ? 49  LYS A CA    1 
ATOM   335  C  C     . LYS A 1 49  ? -12.795 6.154   11.093  1.00 20.90 ? 49  LYS A C     1 
ATOM   336  O  O     . LYS A 1 49  ? -11.740 6.782   11.030  1.00 21.75 ? 49  LYS A O     1 
ATOM   337  C  CB    . LYS A 1 49  ? -14.921 7.381   10.626  1.00 22.09 ? 49  LYS A CB    1 
ATOM   338  C  CG    . LYS A 1 49  ? -14.466 8.825   10.567  1.00 25.07 ? 49  LYS A CG    1 
ATOM   339  C  CD    . LYS A 1 49  ? -15.347 9.715   11.422  1.00 29.66 ? 49  LYS A CD    1 
ATOM   340  C  CE    . LYS A 1 49  ? -14.966 11.177  11.269  1.00 33.31 ? 49  LYS A CE    1 
ATOM   341  N  NZ    . LYS A 1 49  ? -15.213 11.917  12.532  1.00 38.01 ? 49  LYS A NZ    1 
ATOM   342  N  N     . ASP A 1 50  ? -13.025 5.218   12.013  1.00 20.63 ? 50  ASP A N     1 
ATOM   343  C  CA    . ASP A 1 50  ? -12.064 4.900   13.074  1.00 21.31 ? 50  ASP A CA    1 
ATOM   344  C  C     . ASP A 1 50  ? -10.762 4.350   12.537  1.00 19.47 ? 50  ASP A C     1 
ATOM   345  O  O     . ASP A 1 50  ? -9.689  4.668   13.051  1.00 18.37 ? 50  ASP A O     1 
ATOM   346  C  CB    . ASP A 1 50  ? -12.649 3.886   14.064  1.00 27.02 ? 50  ASP A CB    1 
ATOM   347  C  CG    . ASP A 1 50  ? -13.799 4.456   14.898  1.00 35.55 ? 50  ASP A CG    1 
ATOM   348  O  OD1   . ASP A 1 50  ? -14.015 5.696   14.902  1.00 36.55 ? 50  ASP A OD1   1 
ATOM   349  O  OD2   . ASP A 1 50  ? -14.495 3.646   15.553  1.00 40.76 ? 50  ASP A OD2   1 
ATOM   350  N  N     . LEU A 1 51  ? -10.868 3.481   11.538  1.00 17.02 ? 51  LEU A N     1 
ATOM   351  C  CA    . LEU A 1 51  ? -9.708  2.874   10.913  1.00 13.50 ? 51  LEU A CA    1 
ATOM   352  C  C     . LEU A 1 51  ? -8.947  3.936   10.130  1.00 10.47 ? 51  LEU A C     1 
ATOM   353  O  O     . LEU A 1 51  ? -7.728  4.044   10.235  1.00 11.86 ? 51  LEU A O     1 
ATOM   354  C  CB    . LEU A 1 51  ? -10.147 1.736   9.989   1.00 13.51 ? 51  LEU A CB    1 
ATOM   355  C  CG    . LEU A 1 51  ? -9.043  1.046   9.190   1.00 14.18 ? 51  LEU A CG    1 
ATOM   356  C  CD1   . LEU A 1 51  ? -7.964  0.496   10.112  1.00 15.53 ? 51  LEU A CD1   1 
ATOM   357  C  CD2   . LEU A 1 51  ? -9.657  -0.062  8.366   1.00 16.55 ? 51  LEU A CD2   1 
ATOM   358  N  N     . ALA A 1 52  ? -9.681  4.743   9.376   1.00 10.13 ? 52  ALA A N     1 
ATOM   359  C  CA    . ALA A 1 52  ? -9.082  5.798   8.582   1.00 8.24  ? 52  ALA A CA    1 
ATOM   360  C  C     . ALA A 1 52  ? -8.305  6.770   9.461   1.00 10.70 ? 52  ALA A C     1 
ATOM   361  O  O     . ALA A 1 52  ? -7.161  7.112   9.158   1.00 10.43 ? 52  ALA A O     1 
ATOM   362  C  CB    . ALA A 1 52  ? -10.146 6.536   7.824   1.00 6.47  ? 52  ALA A CB    1 
ATOM   363  N  N     . GLU A 1 53  ? -8.937  7.224   10.539  1.00 11.01 ? 53  GLU A N     1 
ATOM   364  C  CA    . GLU A 1 53  ? -8.307  8.159   11.464  1.00 13.99 ? 53  GLU A CA    1 
ATOM   365  C  C     . GLU A 1 53  ? -7.075  7.602   12.179  1.00 12.79 ? 53  GLU A C     1 
ATOM   366  O  O     . GLU A 1 53  ? -6.133  8.346   12.450  1.00 14.35 ? 53  GLU A O     1 
ATOM   367  C  CB    . GLU A 1 53  ? -9.329  8.698   12.472  1.00 14.30 ? 53  GLU A CB    1 
ATOM   368  C  CG    . GLU A 1 53  ? -10.287 9.724   11.869  1.00 20.38 ? 53  GLU A CG    1 
ATOM   369  C  CD    . GLU A 1 53  ? -11.273 10.338  12.870  1.00 22.54 ? 53  GLU A CD    1 
ATOM   370  O  OE1   . GLU A 1 53  ? -11.458 9.792   13.981  1.00 24.64 ? 53  GLU A OE1   1 
ATOM   371  O  OE2   . GLU A 1 53  ? -11.881 11.374  12.517  1.00 25.30 ? 53  GLU A OE2   1 
ATOM   372  N  N     . SER A 1 54  ? -7.079  6.304   12.482  1.00 12.24 ? 54  SER A N     1 
ATOM   373  C  CA    . SER A 1 54  ? -5.942  5.661   13.145  1.00 13.00 ? 54  SER A CA    1 
ATOM   374  C  C     . SER A 1 54  ? -4.793  5.499   12.154  1.00 12.32 ? 54  SER A C     1 
ATOM   375  O  O     . SER A 1 54  ? -3.642  5.792   12.445  1.00 12.76 ? 54  SER A O     1 
ATOM   376  C  CB    . SER A 1 54  ? -6.337  4.276   13.672  1.00 16.17 ? 54  SER A CB    1 
ATOM   377  O  OG    . SER A 1 54  ? -7.350  4.365   14.656  1.00 25.07 ? 54  SER A OG    1 
ATOM   378  N  N     . HIS A 1 55  ? -5.122  5.010   10.973  1.00 10.55 ? 55  HIS A N     1 
ATOM   379  C  CA    . HIS A 1 55  ? -4.142  4.809   9.930   1.00 7.58  ? 55  HIS A CA    1 
ATOM   380  C  C     . HIS A 1 55  ? -3.389  6.106   9.596   1.00 6.33  ? 55  HIS A C     1 
ATOM   381  O  O     . HIS A 1 55  ? -2.158  6.100   9.434   1.00 7.79  ? 55  HIS A O     1 
ATOM   382  C  CB    . HIS A 1 55  ? -4.863  4.288   8.681   1.00 5.35  ? 55  HIS A CB    1 
ATOM   383  C  CG    . HIS A 1 55  ? -3.973  4.111   7.499   1.00 4.20  ? 55  HIS A CG    1 
ATOM   384  N  ND1   . HIS A 1 55  ? -3.020  3.112   7.423   1.00 3.59  ? 55  HIS A ND1   1 
ATOM   385  C  CD2   . HIS A 1 55  ? -3.876  4.803   6.339   1.00 3.26  ? 55  HIS A CD2   1 
ATOM   386  C  CE1   . HIS A 1 55  ? -2.385  3.199   6.276   1.00 3.37  ? 55  HIS A CE1   1 
ATOM   387  N  NE2   . HIS A 1 55  ? -2.882  4.219   5.597   1.00 6.43  ? 55  HIS A NE2   1 
ATOM   388  N  N     . TYR A 1 56  ? -4.145  7.193   9.432   1.00 6.07  ? 56  TYR A N     1 
ATOM   389  C  CA    . TYR A 1 56  ? -3.603  8.501   9.063   1.00 5.55  ? 56  TYR A CA    1 
ATOM   390  C  C     . TYR A 1 56  ? -3.374  9.463   10.225  1.00 6.19  ? 56  TYR A C     1 
ATOM   391  O  O     . TYR A 1 56  ? -3.192  10.660  10.014  1.00 4.91  ? 56  TYR A O     1 
ATOM   392  C  CB    . TYR A 1 56  ? -4.533  9.147   8.033   1.00 6.77  ? 56  TYR A CB    1 
ATOM   393  C  CG    . TYR A 1 56  ? -4.350  8.597   6.635   1.00 8.58  ? 56  TYR A CG    1 
ATOM   394  C  CD1   . TYR A 1 56  ? -3.078  8.503   6.073   1.00 9.30  ? 56  TYR A CD1   1 
ATOM   395  C  CD2   . TYR A 1 56  ? -5.452  8.248   5.839   1.00 12.26 ? 56  TYR A CD2   1 
ATOM   396  C  CE1   . TYR A 1 56  ? -2.902  8.100   4.750   1.00 11.06 ? 56  TYR A CE1   1 
ATOM   397  C  CE2   . TYR A 1 56  ? -5.278  7.834   4.496   1.00 10.56 ? 56  TYR A CE2   1 
ATOM   398  C  CZ    . TYR A 1 56  ? -4.001  7.774   3.968   1.00 12.54 ? 56  TYR A CZ    1 
ATOM   399  O  OH    . TYR A 1 56  ? -3.796  7.460   2.632   1.00 19.43 ? 56  TYR A OH    1 
ATOM   400  N  N     . ALA A 1 57  ? -3.339  8.920   11.436  1.00 7.34  ? 57  ALA A N     1 
ATOM   401  C  CA    . ALA A 1 57  ? -3.163  9.695   12.663  1.00 9.58  ? 57  ALA A CA    1 
ATOM   402  C  C     . ALA A 1 57  ? -2.042  10.712  12.588  1.00 9.44  ? 57  ALA A C     1 
ATOM   403  O  O     . ALA A 1 57  ? -2.207  11.847  13.003  1.00 11.66 ? 57  ALA A O     1 
ATOM   404  C  CB    . ALA A 1 57  ? -2.927  8.763   13.834  1.00 9.40  ? 57  ALA A CB    1 
ATOM   405  N  N     . GLU A 1 58  ? -0.894  10.307  12.067  1.00 10.19 ? 58  GLU A N     1 
ATOM   406  C  CA    . GLU A 1 58  ? 0.243   11.215  11.965  1.00 9.92  ? 58  GLU A CA    1 
ATOM   407  C  C     . GLU A 1 58  ? -0.072  12.541  11.262  1.00 10.28 ? 58  GLU A C     1 
ATOM   408  O  O     . GLU A 1 58  ? 0.634   13.531  11.480  1.00 8.76  ? 58  GLU A O     1 
ATOM   409  C  CB    . GLU A 1 58  ? 1.415   10.535  11.239  1.00 10.32 ? 58  GLU A CB    1 
ATOM   410  C  CG    . GLU A 1 58  ? 1.100   10.234  9.768   1.00 11.87 ? 58  GLU A CG    1 
ATOM   411  C  CD    . GLU A 1 58  ? 2.316   9.985   8.918   1.00 15.23 ? 58  GLU A CD    1 
ATOM   412  O  OE1   . GLU A 1 58  ? 3.275   10.779  8.977   1.00 22.01 ? 58  GLU A OE1   1 
ATOM   413  O  OE2   . GLU A 1 58  ? 2.303   9.008   8.153   1.00 14.34 ? 58  GLU A OE2   1 
ATOM   414  N  N     . HIS A 1 59  ? -1.110  12.566  10.418  1.00 8.51  ? 59  HIS A N     1 
ATOM   415  C  CA    . HIS A 1 59  ? -1.471  13.778  9.674   1.00 6.80  ? 59  HIS A CA    1 
ATOM   416  C  C     . HIS A 1 59  ? -2.588  14.589  10.286  1.00 6.89  ? 59  HIS A C     1 
ATOM   417  O  O     . HIS A 1 59  ? -3.052  15.526  9.657   1.00 6.06  ? 59  HIS A O     1 
ATOM   418  C  CB    . HIS A 1 59  ? -1.932  13.430  8.254   1.00 5.89  ? 59  HIS A CB    1 
ATOM   419  C  CG    . HIS A 1 59  ? -0.906  12.726  7.429   1.00 5.68  ? 59  HIS A CG    1 
ATOM   420  N  ND1   . HIS A 1 59  ? 0.296   13.296  7.087   1.00 6.88  ? 59  HIS A ND1   1 
ATOM   421  C  CD2   . HIS A 1 59  ? -0.912  11.487  6.879   1.00 4.42  ? 59  HIS A CD2   1 
ATOM   422  C  CE1   . HIS A 1 59  ? 0.997   12.445  6.357   1.00 4.86  ? 59  HIS A CE1   1 
ATOM   423  N  NE2   . HIS A 1 59  ? 0.286   11.337  6.219   1.00 5.08  ? 59  HIS A NE2   1 
ATOM   424  N  N     . LYS A 1 60  ? -3.034  14.247  11.487  1.00 8.49  ? 60  LYS A N     1 
ATOM   425  C  CA    . LYS A 1 60  ? -4.164  14.957  12.078  1.00 11.27 ? 60  LYS A CA    1 
ATOM   426  C  C     . LYS A 1 60  ? -4.146  16.482  12.139  1.00 10.10 ? 60  LYS A C     1 
ATOM   427  O  O     . LYS A 1 60  ? -5.196  17.107  12.017  1.00 10.03 ? 60  LYS A O     1 
ATOM   428  C  CB    . LYS A 1 60  ? -4.574  14.341  13.423  1.00 15.68 ? 60  LYS A CB    1 
ATOM   429  C  CG    . LYS A 1 60  ? -3.505  14.271  14.502  1.00 23.69 ? 60  LYS A CG    1 
ATOM   430  C  CD    . LYS A 1 60  ? -3.955  13.324  15.630  1.00 30.11 ? 60  LYS A CD    1 
ATOM   431  C  CE    . LYS A 1 60  ? -4.065  14.017  16.993  1.00 37.35 ? 60  LYS A CE    1 
ATOM   432  N  NZ    . LYS A 1 60  ? -2.787  14.026  17.788  1.00 41.21 ? 60  LYS A NZ    1 
ATOM   433  N  N     . GLU A 1 61  ? -2.971  17.093  12.235  1.00 7.67  ? 61  GLU A N     1 
ATOM   434  C  CA    . GLU A 1 61  ? -2.922  18.552  12.306  1.00 7.02  ? 61  GLU A CA    1 
ATOM   435  C  C     . GLU A 1 61  ? -2.615  19.203  10.975  1.00 7.38  ? 61  GLU A C     1 
ATOM   436  O  O     . GLU A 1 61  ? -2.535  20.421  10.891  1.00 7.39  ? 61  GLU A O     1 
ATOM   437  C  CB    . GLU A 1 61  ? -1.900  18.986  13.353  1.00 6.79  ? 61  GLU A CB    1 
ATOM   438  C  CG    . GLU A 1 61  ? -2.232  18.498  14.757  1.00 8.02  ? 61  GLU A CG    1 
ATOM   439  C  CD    . GLU A 1 61  ? -1.108  18.746  15.737  1.00 7.52  ? 61  GLU A CD    1 
ATOM   440  O  OE1   . GLU A 1 61  ? -0.168  19.490  15.396  1.00 10.97 ? 61  GLU A OE1   1 
ATOM   441  O  OE2   . GLU A 1 61  ? -1.148  18.172  16.837  1.00 11.68 ? 61  GLU A OE2   1 
ATOM   442  N  N     . ARG A 1 62  ? -2.484  18.390  9.928   1.00 8.17  ? 62  ARG A N     1 
ATOM   443  C  CA    . ARG A 1 62  ? -2.171  18.886  8.592   1.00 7.24  ? 62  ARG A CA    1 
ATOM   444  C  C     . ARG A 1 62  ? -3.454  19.213  7.832   1.00 8.85  ? 62  ARG A C     1 
ATOM   445  O  O     . ARG A 1 62  ? -4.488  18.564  8.032   1.00 11.05 ? 62  ARG A O     1 
ATOM   446  C  CB    . ARG A 1 62  ? -1.259  17.882  7.885   1.00 7.52  ? 62  ARG A CB    1 
ATOM   447  C  CG    . ARG A 1 62  ? 0.002   17.646  8.722   1.00 5.89  ? 62  ARG A CG    1 
ATOM   448  C  CD    . ARG A 1 62  ? 1.036   16.713  8.124   1.00 6.42  ? 62  ARG A CD    1 
ATOM   449  N  NE    . ARG A 1 62  ? 2.144   16.592  9.068   1.00 5.80  ? 62  ARG A NE    1 
ATOM   450  C  CZ    . ARG A 1 62  ? 2.777   15.468  9.380   1.00 8.02  ? 62  ARG A CZ    1 
ATOM   451  N  NH1   . ARG A 1 62  ? 2.441   14.315  8.820   1.00 7.87  ? 62  ARG A NH1   1 
ATOM   452  N  NH2   . ARG A 1 62  ? 3.727   15.497  10.299  1.00 7.38  ? 62  ARG A NH2   1 
ATOM   453  N  N     . PRO A 1 63  ? -3.421  20.215  6.948   1.00 8.98  ? 63  PRO A N     1 
ATOM   454  C  CA    . PRO A 1 63  ? -4.587  20.648  6.177   1.00 10.10 ? 63  PRO A CA    1 
ATOM   455  C  C     . PRO A 1 63  ? -5.357  19.648  5.308   1.00 12.18 ? 63  PRO A C     1 
ATOM   456  O  O     . PRO A 1 63  ? -6.563  19.797  5.110   1.00 12.88 ? 63  PRO A O     1 
ATOM   457  C  CB    . PRO A 1 63  ? -4.059  21.841  5.379   1.00 11.33 ? 63  PRO A CB    1 
ATOM   458  C  CG    . PRO A 1 63  ? -2.603  21.561  5.243   1.00 11.87 ? 63  PRO A CG    1 
ATOM   459  C  CD    . PRO A 1 63  ? -2.223  20.999  6.576   1.00 10.56 ? 63  PRO A CD    1 
ATOM   460  N  N     . PHE A 1 64  ? -4.677  18.614  4.837   1.00 12.44 ? 64  PHE A N     1 
ATOM   461  C  CA    . PHE A 1 64  ? -5.297  17.608  3.973   1.00 11.94 ? 64  PHE A CA    1 
ATOM   462  C  C     . PHE A 1 64  ? -5.920  16.428  4.712   1.00 12.68 ? 64  PHE A C     1 
ATOM   463  O  O     . PHE A 1 64  ? -6.580  15.599  4.096   1.00 12.72 ? 64  PHE A O     1 
ATOM   464  C  CB    . PHE A 1 64  ? -4.258  17.092  2.964   1.00 9.71  ? 64  PHE A CB    1 
ATOM   465  C  CG    . PHE A 1 64  ? -2.963  16.670  3.599   1.00 8.69  ? 64  PHE A CG    1 
ATOM   466  C  CD1   . PHE A 1 64  ? -2.834  15.416  4.184   1.00 10.33 ? 64  PHE A CD1   1 
ATOM   467  C  CD2   . PHE A 1 64  ? -1.881  17.542  3.643   1.00 7.70  ? 64  PHE A CD2   1 
ATOM   468  C  CE1   . PHE A 1 64  ? -1.652  15.035  4.805   1.00 5.87  ? 64  PHE A CE1   1 
ATOM   469  C  CE2   . PHE A 1 64  ? -0.696  17.167  4.261   1.00 4.96  ? 64  PHE A CE2   1 
ATOM   470  C  CZ    . PHE A 1 64  ? -0.586  15.905  4.843   1.00 10.15 ? 64  PHE A CZ    1 
ATOM   471  N  N     . PHE A 1 65  ? -5.726  16.358  6.027   1.00 12.71 ? 65  PHE A N     1 
ATOM   472  C  CA    . PHE A 1 65  ? -6.252  15.250  6.820   1.00 11.10 ? 65  PHE A CA    1 
ATOM   473  C  C     . PHE A 1 65  ? -7.754  15.015  6.671   1.00 13.39 ? 65  PHE A C     1 
ATOM   474  O  O     . PHE A 1 65  ? -8.192  13.869  6.526   1.00 13.28 ? 65  PHE A O     1 
ATOM   475  C  CB    . PHE A 1 65  ? -5.912  15.464  8.291   1.00 10.95 ? 65  PHE A CB    1 
ATOM   476  C  CG    . PHE A 1 65  ? -6.378  14.365  9.191   1.00 8.57  ? 65  PHE A CG    1 
ATOM   477  C  CD1   . PHE A 1 65  ? -5.707  13.154  9.229   1.00 8.13  ? 65  PHE A CD1   1 
ATOM   478  C  CD2   . PHE A 1 65  ? -7.449  14.566  10.049  1.00 11.11 ? 65  PHE A CD2   1 
ATOM   479  C  CE1   . PHE A 1 65  ? -6.088  12.159  10.110  1.00 9.72  ? 65  PHE A CE1   1 
ATOM   480  C  CE2   . PHE A 1 65  ? -7.846  13.574  10.937  1.00 10.44 ? 65  PHE A CE2   1 
ATOM   481  C  CZ    . PHE A 1 65  ? -7.160  12.367  10.971  1.00 12.17 ? 65  PHE A CZ    1 
ATOM   482  N  N     . GLY A 1 66  ? -8.539  16.089  6.731   1.00 13.31 ? 66  GLY A N     1 
ATOM   483  C  CA    . GLY A 1 66  ? -9.980  15.974  6.609   1.00 13.21 ? 66  GLY A CA    1 
ATOM   484  C  C     . GLY A 1 66  ? -10.428 15.259  5.349   1.00 13.91 ? 66  GLY A C     1 
ATOM   485  O  O     . GLY A 1 66  ? -11.181 14.284  5.415   1.00 15.41 ? 66  GLY A O     1 
ATOM   486  N  N     . GLY A 1 67  ? -9.957  15.736  4.205   1.00 12.83 ? 67  GLY A N     1 
ATOM   487  C  CA    . GLY A 1 67  ? -10.317 15.141  2.929   1.00 14.33 ? 67  GLY A CA    1 
ATOM   488  C  C     . GLY A 1 67  ? -9.745  13.755  2.742   1.00 15.07 ? 67  GLY A C     1 
ATOM   489  O  O     . GLY A 1 67  ? -10.342 12.906  2.081   1.00 16.64 ? 67  GLY A O     1 
ATOM   490  N  N     . LEU A 1 68  ? -8.583  13.529  3.332   1.00 13.69 ? 68  LEU A N     1 
ATOM   491  C  CA    . LEU A 1 68  ? -7.909  12.253  3.259   1.00 11.59 ? 68  LEU A CA    1 
ATOM   492  C  C     . LEU A 1 68  ? -8.779  11.197  3.915   1.00 12.79 ? 68  LEU A C     1 
ATOM   493  O  O     . LEU A 1 68  ? -9.081  10.158  3.321   1.00 12.70 ? 68  LEU A O     1 
ATOM   494  C  CB    . LEU A 1 68  ? -6.582  12.365  3.993   1.00 12.48 ? 68  LEU A CB    1 
ATOM   495  C  CG    . LEU A 1 68  ? -5.538  11.284  3.811   1.00 10.53 ? 68  LEU A CG    1 
ATOM   496  C  CD1   . LEU A 1 68  ? -5.243  11.089  2.330   1.00 9.33  ? 68  LEU A CD1   1 
ATOM   497  C  CD2   . LEU A 1 68  ? -4.294  11.709  4.570   1.00 7.39  ? 68  LEU A CD2   1 
ATOM   498  N  N     . VAL A 1 69  ? -9.197  11.468  5.145   1.00 11.08 ? 69  VAL A N     1 
ATOM   499  C  CA    . VAL A 1 69  ? -10.032 10.538  5.885   1.00 11.37 ? 69  VAL A CA    1 
ATOM   500  C  C     . VAL A 1 69  ? -11.387 10.358  5.206   1.00 11.98 ? 69  VAL A C     1 
ATOM   501  O  O     . VAL A 1 69  ? -11.859 9.230   5.070   1.00 12.46 ? 69  VAL A O     1 
ATOM   502  C  CB    . VAL A 1 69  ? -10.179 10.981  7.366   1.00 12.72 ? 69  VAL A CB    1 
ATOM   503  C  CG1   . VAL A 1 69  ? -11.284 10.200  8.066   1.00 13.14 ? 69  VAL A CG1   1 
ATOM   504  C  CG2   . VAL A 1 69  ? -8.849  10.767  8.089   1.00 10.90 ? 69  VAL A CG2   1 
ATOM   505  N  N     . SER A 1 70  ? -11.987 11.445  4.731   1.00 11.77 ? 70  SER A N     1 
ATOM   506  C  CA    . SER A 1 70  ? -13.285 11.354  4.049   1.00 17.00 ? 70  SER A CA    1 
ATOM   507  C  C     . SER A 1 70  ? -13.199 10.501  2.781   1.00 17.24 ? 70  SER A C     1 
ATOM   508  O  O     . SER A 1 70  ? -14.070 9.666   2.524   1.00 17.34 ? 70  SER A O     1 
ATOM   509  C  CB    . SER A 1 70  ? -13.831 12.742  3.678   1.00 16.32 ? 70  SER A CB    1 
ATOM   510  O  OG    . SER A 1 70  ? -14.596 13.296  4.739   1.00 29.20 ? 70  SER A OG    1 
ATOM   511  N  N     . PHE A 1 71  ? -12.142 10.708  1.999   1.00 16.32 ? 71  PHE A N     1 
ATOM   512  C  CA    . PHE A 1 71  ? -11.982 9.966   0.767   1.00 14.24 ? 71  PHE A CA    1 
ATOM   513  C  C     . PHE A 1 71  ? -11.719 8.482   0.947   1.00 14.30 ? 71  PHE A C     1 
ATOM   514  O  O     . PHE A 1 71  ? -12.325 7.662   0.260   1.00 14.77 ? 71  PHE A O     1 
ATOM   515  C  CB    . PHE A 1 71  ? -10.903 10.573  -0.124  1.00 13.68 ? 71  PHE A CB    1 
ATOM   516  C  CG    . PHE A 1 71  ? -10.799 9.900   -1.465  1.00 13.98 ? 71  PHE A CG    1 
ATOM   517  C  CD1   . PHE A 1 71  ? -11.830 10.019  -2.389  1.00 12.49 ? 71  PHE A CD1   1 
ATOM   518  C  CD2   . PHE A 1 71  ? -9.720  9.080   -1.768  1.00 13.37 ? 71  PHE A CD2   1 
ATOM   519  C  CE1   . PHE A 1 71  ? -11.792 9.330   -3.590  1.00 13.08 ? 71  PHE A CE1   1 
ATOM   520  C  CE2   . PHE A 1 71  ? -9.677  8.391   -2.963  1.00 10.91 ? 71  PHE A CE2   1 
ATOM   521  C  CZ    . PHE A 1 71  ? -10.714 8.515   -3.873  1.00 9.90  ? 71  PHE A CZ    1 
ATOM   522  N  N     . ILE A 1 72  ? -10.853 8.114   1.885   1.00 14.13 ? 72  ILE A N     1 
ATOM   523  C  CA    . ILE A 1 72  ? -10.553 6.696   2.062   1.00 13.53 ? 72  ILE A CA    1 
ATOM   524  C  C     . ILE A 1 72  ? -11.736 5.873   2.582   1.00 13.28 ? 72  ILE A C     1 
ATOM   525  O  O     . ILE A 1 72  ? -11.774 4.662   2.394   1.00 11.57 ? 72  ILE A O     1 
ATOM   526  C  CB    . ILE A 1 72  ? -9.259  6.462   2.902   1.00 14.48 ? 72  ILE A CB    1 
ATOM   527  C  CG1   . ILE A 1 72  ? -8.649  5.105   2.548   1.00 15.18 ? 72  ILE A CG1   1 
ATOM   528  C  CG2   . ILE A 1 72  ? -9.550  6.509   4.380   1.00 14.40 ? 72  ILE A CG2   1 
ATOM   529  C  CD1   . ILE A 1 72  ? -7.239  4.915   3.037   1.00 16.76 ? 72  ILE A CD1   1 
ATOM   530  N  N     . THR A 1 73  ? -12.699 6.529   3.224   1.00 12.28 ? 73  THR A N     1 
ATOM   531  C  CA    . THR A 1 73  ? -13.876 5.837   3.732   1.00 13.10 ? 73  THR A CA    1 
ATOM   532  C  C     . THR A 1 73  ? -15.054 5.904   2.729   1.00 12.73 ? 73  THR A C     1 
ATOM   533  O  O     . THR A 1 73  ? -16.117 5.346   2.995   1.00 14.45 ? 73  THR A O     1 
ATOM   534  C  CB    . THR A 1 73  ? -14.345 6.416   5.114   1.00 14.53 ? 73  THR A CB    1 
ATOM   535  O  OG1   . THR A 1 73  ? -14.663 7.807   4.976   1.00 15.92 ? 73  THR A OG1   1 
ATOM   536  C  CG2   . THR A 1 73  ? -13.266 6.262   6.178   1.00 12.27 ? 73  THR A CG2   1 
ATOM   537  N  N     . SER A 1 74  ? -14.861 6.541   1.571   1.00 11.58 ? 74  SER A N     1 
ATOM   538  C  CA    . SER A 1 74  ? -15.918 6.686   0.568   1.00 11.72 ? 74  SER A CA    1 
ATOM   539  C  C     . SER A 1 74  ? -16.192 5.487   -0.343  1.00 13.83 ? 74  SER A C     1 
ATOM   540  O  O     . SER A 1 74  ? -17.195 5.470   -1.064  1.00 13.36 ? 74  SER A O     1 
ATOM   541  C  CB    . SER A 1 74  ? -15.647 7.903   -0.312  1.00 10.66 ? 74  SER A CB    1 
ATOM   542  O  OG    . SER A 1 74  ? -14.610 7.637   -1.239  1.00 14.63 ? 74  SER A OG    1 
ATOM   543  N  N     . GLY A 1 75  ? -15.285 4.520   -0.373  1.00 12.95 ? 75  GLY A N     1 
ATOM   544  C  CA    . GLY A 1 75  ? -15.495 3.374   -1.230  1.00 11.85 ? 75  GLY A CA    1 
ATOM   545  C  C     . GLY A 1 75  ? -14.564 2.257   -0.848  1.00 11.88 ? 75  GLY A C     1 
ATOM   546  O  O     . GLY A 1 75  ? -13.782 2.414   0.088   1.00 12.86 ? 75  GLY A O     1 
ATOM   547  N  N     . PRO A 1 76  ? -14.622 1.115   -1.550  1.00 10.24 ? 76  PRO A N     1 
ATOM   548  C  CA    . PRO A 1 76  ? -13.743 -0.007  -1.227  1.00 9.01  ? 76  PRO A CA    1 
ATOM   549  C  C     . PRO A 1 76  ? -12.259 0.293   -1.381  1.00 7.33  ? 76  PRO A C     1 
ATOM   550  O  O     . PRO A 1 76  ? -11.840 1.099   -2.209  1.00 6.49  ? 76  PRO A O     1 
ATOM   551  C  CB    . PRO A 1 76  ? -14.211 -1.093  -2.198  1.00 7.92  ? 76  PRO A CB    1 
ATOM   552  C  CG    . PRO A 1 76  ? -14.747 -0.326  -3.348  1.00 9.66  ? 76  PRO A CG    1 
ATOM   553  C  CD    . PRO A 1 76  ? -15.512 0.777   -2.667  1.00 10.53 ? 76  PRO A CD    1 
ATOM   554  N  N     . VAL A 1 77  ? -11.478 -0.397  -0.571  1.00 7.17  ? 77  VAL A N     1 
ATOM   555  C  CA    . VAL A 1 77  ? -10.039 -0.283  -0.562  1.00 8.06  ? 77  VAL A CA    1 
ATOM   556  C  C     . VAL A 1 77  ? -9.536  -1.715  -0.599  1.00 7.97  ? 77  VAL A C     1 
ATOM   557  O  O     . VAL A 1 77  ? -10.182 -2.613  -0.059  1.00 8.62  ? 77  VAL A O     1 
ATOM   558  C  CB    . VAL A 1 77  ? -9.558  0.408   0.754   1.00 8.56  ? 77  VAL A CB    1 
ATOM   559  C  CG1   . VAL A 1 77  ? -8.100  0.084   1.057   1.00 12.97 ? 77  VAL A CG1   1 
ATOM   560  C  CG2   . VAL A 1 77  ? -9.730  1.903   0.635   1.00 9.04  ? 77  VAL A CG2   1 
ATOM   561  N  N     . VAL A 1 78  ? -8.443  -1.949  -1.310  1.00 7.36  ? 78  VAL A N     1 
ATOM   562  C  CA    . VAL A 1 78  ? -7.855  -3.281  -1.341  1.00 6.30  ? 78  VAL A CA    1 
ATOM   563  C  C     . VAL A 1 78  ? -6.568  -3.214  -0.512  1.00 7.17  ? 78  VAL A C     1 
ATOM   564  O  O     . VAL A 1 78  ? -5.622  -2.514  -0.873  1.00 7.01  ? 78  VAL A O     1 
ATOM   565  C  CB    . VAL A 1 78  ? -7.595  -3.765  -2.792  1.00 4.74  ? 78  VAL A CB    1 
ATOM   566  C  CG1   . VAL A 1 78  ? -6.801  -5.073  -2.790  1.00 4.63  ? 78  VAL A CG1   1 
ATOM   567  C  CG2   . VAL A 1 78  ? -8.931  -3.975  -3.492  1.00 4.96  ? 78  VAL A CG2   1 
ATOM   568  N  N     . ALA A 1 79  ? -6.573  -3.890  0.634   1.00 6.43  ? 79  ALA A N     1 
ATOM   569  C  CA    . ALA A 1 79  ? -5.431  -3.917  1.535   1.00 6.28  ? 79  ALA A CA    1 
ATOM   570  C  C     . ALA A 1 79  ? -4.577  -5.142  1.297   1.00 6.97  ? 79  ALA A C     1 
ATOM   571  O  O     . ALA A 1 79  ? -5.094  -6.254  1.167   1.00 6.05  ? 79  ALA A O     1 
ATOM   572  C  CB    . ALA A 1 79  ? -5.912  -3.898  2.993   1.00 6.76  ? 79  ALA A CB    1 
ATOM   573  N  N     . MET A 1 80  ? -3.262  -4.959  1.287   1.00 5.99  ? 80  MET A N     1 
ATOM   574  C  CA    . MET A 1 80  ? -2.363  -6.080  1.080   1.00 7.56  ? 80  MET A CA    1 
ATOM   575  C  C     . MET A 1 80  ? -1.051  -5.916  1.818   1.00 6.53  ? 80  MET A C     1 
ATOM   576  O  O     . MET A 1 80  ? -0.652  -4.804  2.181   1.00 6.39  ? 80  MET A O     1 
ATOM   577  C  CB    . MET A 1 80  ? -2.107  -6.317  -0.413  1.00 8.38  ? 80  MET A CB    1 
ATOM   578  C  CG    . MET A 1 80  ? -1.685  -5.103  -1.179  1.00 14.41 ? 80  MET A CG    1 
ATOM   579  S  SD    . MET A 1 80  ? -2.091  -5.208  -2.942  1.00 15.93 ? 80  MET A SD    1 
ATOM   580  C  CE    . MET A 1 80  ? -1.015  -4.041  -3.596  1.00 18.34 ? 80  MET A CE    1 
ATOM   581  N  N     . VAL A 1 81  ? -0.407  -7.046  2.065   1.00 5.31  ? 81  VAL A N     1 
ATOM   582  C  CA    . VAL A 1 81  ? 0.872   -7.076  2.747   1.00 5.81  ? 81  VAL A CA    1 
ATOM   583  C  C     . VAL A 1 81  ? 1.824   -7.886  1.875   1.00 7.14  ? 81  VAL A C     1 
ATOM   584  O  O     . VAL A 1 81  ? 1.494   -9.006  1.472   1.00 7.39  ? 81  VAL A O     1 
ATOM   585  C  CB    . VAL A 1 81  ? 0.736   -7.749  4.137   1.00 5.45  ? 81  VAL A CB    1 
ATOM   586  C  CG1   . VAL A 1 81  ? 2.079   -7.751  4.866   1.00 4.52  ? 81  VAL A CG1   1 
ATOM   587  C  CG2   . VAL A 1 81  ? -0.304  -7.026  4.967   1.00 2.69  ? 81  VAL A CG2   1 
ATOM   588  N  N     . PHE A 1 82  ? 2.957   -7.291  1.521   1.00 5.91  ? 82  PHE A N     1 
ATOM   589  C  CA    . PHE A 1 82  ? 3.963   -7.969  0.711   1.00 4.66  ? 82  PHE A CA    1 
ATOM   590  C  C     . PHE A 1 82  ? 5.206   -8.194  1.555   1.00 6.62  ? 82  PHE A C     1 
ATOM   591  O  O     . PHE A 1 82  ? 5.543   -7.369  2.414   1.00 4.09  ? 82  PHE A O     1 
ATOM   592  C  CB    . PHE A 1 82  ? 4.313   -7.178  -0.558  1.00 5.25  ? 82  PHE A CB    1 
ATOM   593  C  CG    . PHE A 1 82  ? 3.387   -7.446  -1.706  1.00 5.20  ? 82  PHE A CG    1 
ATOM   594  C  CD1   . PHE A 1 82  ? 3.556   -8.575  -2.495  1.00 4.98  ? 82  PHE A CD1   1 
ATOM   595  C  CD2   . PHE A 1 82  ? 2.341   -6.583  -1.989  1.00 8.04  ? 82  PHE A CD2   1 
ATOM   596  C  CE1   . PHE A 1 82  ? 2.698   -8.837  -3.552  1.00 6.78  ? 82  PHE A CE1   1 
ATOM   597  C  CE2   . PHE A 1 82  ? 1.471   -6.844  -3.053  1.00 6.91  ? 82  PHE A CE2   1 
ATOM   598  C  CZ    . PHE A 1 82  ? 1.653   -7.971  -3.828  1.00 6.19  ? 82  PHE A CZ    1 
ATOM   599  N  N     . GLU A 1 83  ? 5.866   -9.318  1.306   1.00 5.62  ? 83  GLU A N     1 
ATOM   600  C  CA    . GLU A 1 83  ? 7.060   -9.706  2.034   1.00 7.55  ? 83  GLU A CA    1 
ATOM   601  C  C     . GLU A 1 83  ? 8.243   -9.941  1.099   1.00 7.63  ? 83  GLU A C     1 
ATOM   602  O  O     . GLU A 1 83  ? 8.091   -10.493 -0.001  1.00 7.73  ? 83  GLU A O     1 
ATOM   603  C  CB    . GLU A 1 83  ? 6.774   -10.972 2.851   1.00 6.76  ? 83  GLU A CB    1 
ATOM   604  C  CG    . GLU A 1 83  ? 7.978   -11.520 3.606   1.00 8.14  ? 83  GLU A CG    1 
ATOM   605  C  CD    . GLU A 1 83  ? 7.658   -12.769 4.430   1.00 10.68 ? 83  GLU A CD    1 
ATOM   606  O  OE1   . GLU A 1 83  ? 6.653   -12.775 5.166   1.00 13.48 ? 83  GLU A OE1   1 
ATOM   607  O  OE2   . GLU A 1 83  ? 8.429   -13.743 4.357   1.00 13.52 ? 83  GLU A OE2   1 
ATOM   608  N  N     . GLY A 1 84  ? 9.413   -9.487  1.529   1.00 6.87  ? 84  GLY A N     1 
ATOM   609  C  CA    . GLY A 1 84  ? 10.615  -9.663  0.747   1.00 6.15  ? 84  GLY A CA    1 
ATOM   610  C  C     . GLY A 1 84  ? 11.709  -8.764  1.269   1.00 7.02  ? 84  GLY A C     1 
ATOM   611  O  O     . GLY A 1 84  ? 11.468  -7.909  2.131   1.00 6.13  ? 84  GLY A O     1 
ATOM   612  N  N     . LYS A 1 85  ? 12.914  -8.975  0.757   1.00 8.09  ? 85  LYS A N     1 
ATOM   613  C  CA    . LYS A 1 85  ? 14.081  -8.182  1.127   1.00 9.50  ? 85  LYS A CA    1 
ATOM   614  C  C     . LYS A 1 85  ? 13.885  -6.726  0.697   1.00 8.65  ? 85  LYS A C     1 
ATOM   615  O  O     . LYS A 1 85  ? 13.539  -6.439  -0.452  1.00 8.01  ? 85  LYS A O     1 
ATOM   616  C  CB    . LYS A 1 85  ? 15.323  -8.757  0.445   1.00 11.92 ? 85  LYS A CB    1 
ATOM   617  C  CG    . LYS A 1 85  ? 16.620  -8.030  0.742   1.00 15.15 ? 85  LYS A CG    1 
ATOM   618  C  CD    . LYS A 1 85  ? 17.762  -8.575  -0.111  1.00 18.69 ? 85  LYS A CD    1 
ATOM   619  C  CE    . LYS A 1 85  ? 19.059  -7.833  0.201   1.00 26.26 ? 85  LYS A CE    1 
ATOM   620  N  NZ    . LYS A 1 85  ? 20.197  -8.200  -0.701  1.00 32.31 ? 85  LYS A NZ    1 
ATOM   621  N  N     . GLY A 1 86  ? 14.060  -5.814  1.648   1.00 7.93  ? 86  GLY A N     1 
ATOM   622  C  CA    . GLY A 1 86  ? 13.917  -4.394  1.370   1.00 4.91  ? 86  GLY A CA    1 
ATOM   623  C  C     . GLY A 1 86  ? 12.594  -3.978  0.762   1.00 6.14  ? 86  GLY A C     1 
ATOM   624  O  O     . GLY A 1 86  ? 12.526  -2.951  0.090   1.00 6.18  ? 86  GLY A O     1 
ATOM   625  N  N     . VAL A 1 87  ? 11.531  -4.709  1.076   1.00 5.72  ? 87  VAL A N     1 
ATOM   626  C  CA    . VAL A 1 87  ? 10.214  -4.426  0.513   1.00 4.92  ? 87  VAL A CA    1 
ATOM   627  C  C     . VAL A 1 87  ? 9.632   -3.044  0.839   1.00 6.16  ? 87  VAL A C     1 
ATOM   628  O  O     . VAL A 1 87  ? 8.994   -2.426  -0.004  1.00 5.21  ? 87  VAL A O     1 
ATOM   629  C  CB    . VAL A 1 87  ? 9.193   -5.567  0.849   1.00 4.80  ? 87  VAL A CB    1 
ATOM   630  C  CG1   . VAL A 1 87  ? 8.862   -5.583  2.311   1.00 3.34  ? 87  VAL A CG1   1 
ATOM   631  C  CG2   . VAL A 1 87  ? 7.929   -5.420  0.017   1.00 4.92  ? 87  VAL A CG2   1 
ATOM   632  N  N     . VAL A 1 88  ? 9.867   -2.534  2.039   1.00 5.92  ? 88  VAL A N     1 
ATOM   633  C  CA    . VAL A 1 88  ? 9.330   -1.220  2.382   1.00 4.45  ? 88  VAL A CA    1 
ATOM   634  C  C     . VAL A 1 88  ? 9.881   -0.134  1.458   1.00 4.24  ? 88  VAL A C     1 
ATOM   635  O  O     . VAL A 1 88  ? 9.117   0.581   0.811   1.00 6.09  ? 88  VAL A O     1 
ATOM   636  C  CB    . VAL A 1 88  ? 9.588   -0.858  3.868   1.00 4.40  ? 88  VAL A CB    1 
ATOM   637  C  CG1   . VAL A 1 88  ? 9.164   0.575   4.149   1.00 2.00  ? 88  VAL A CG1   1 
ATOM   638  C  CG2   . VAL A 1 88  ? 8.833   -1.802  4.782   1.00 4.45  ? 88  VAL A CG2   1 
ATOM   639  N  N     . ALA A 1 89  ? 11.205  -0.033  1.361   1.00 3.31  ? 89  ALA A N     1 
ATOM   640  C  CA    . ALA A 1 89  ? 11.805  0.990   0.515   1.00 4.20  ? 89  ALA A CA    1 
ATOM   641  C  C     . ALA A 1 89  ? 11.578  0.722   -0.972  1.00 3.83  ? 89  ALA A C     1 
ATOM   642  O  O     . ALA A 1 89  ? 11.313  1.644   -1.740  1.00 5.49  ? 89  ALA A O     1 
ATOM   643  C  CB    . ALA A 1 89  ? 13.297  1.141   0.822   1.00 4.47  ? 89  ALA A CB    1 
ATOM   644  N  N     . SER A 1 90  ? 11.634  -0.544  -1.370  1.00 5.22  ? 90  SER A N     1 
ATOM   645  C  CA    . SER A 1 90  ? 11.428  -0.899  -2.765  1.00 4.53  ? 90  SER A CA    1 
ATOM   646  C  C     . SER A 1 90  ? 9.994   -0.584  -3.191  1.00 5.28  ? 90  SER A C     1 
ATOM   647  O  O     . SER A 1 90  ? 9.777   -0.001  -4.253  1.00 6.05  ? 90  SER A O     1 
ATOM   648  C  CB    . SER A 1 90  ? 11.730  -2.375  -2.976  1.00 5.26  ? 90  SER A CB    1 
ATOM   649  O  OG    . SER A 1 90  ? 11.636  -2.724  -4.336  1.00 6.46  ? 90  SER A OG    1 
ATOM   650  N  N     . ALA A 1 91  ? 9.022   -0.935  -2.352  1.00 5.98  ? 91  ALA A N     1 
ATOM   651  C  CA    . ALA A 1 91  ? 7.632   -0.669  -2.670  1.00 5.54  ? 91  ALA A CA    1 
ATOM   652  C  C     . ALA A 1 91  ? 7.411   0.833   -2.834  1.00 5.13  ? 91  ALA A C     1 
ATOM   653  O  O     . ALA A 1 91  ? 6.622   1.241   -3.678  1.00 2.95  ? 91  ALA A O     1 
ATOM   654  C  CB    . ALA A 1 91  ? 6.706   -1.240  -1.603  1.00 4.56  ? 91  ALA A CB    1 
ATOM   655  N  N     . ARG A 1 92  ? 8.113   1.660   -2.054  1.00 4.13  ? 92  ARG A N     1 
ATOM   656  C  CA    . ARG A 1 92  ? 7.961   3.114   -2.197  1.00 6.03  ? 92  ARG A CA    1 
ATOM   657  C  C     . ARG A 1 92  ? 8.498   3.581   -3.556  1.00 4.93  ? 92  ARG A C     1 
ATOM   658  O  O     . ARG A 1 92  ? 7.862   4.379   -4.237  1.00 6.62  ? 92  ARG A O     1 
ATOM   659  C  CB    . ARG A 1 92  ? 8.673   3.879   -1.073  1.00 4.74  ? 92  ARG A CB    1 
ATOM   660  C  CG    . ARG A 1 92  ? 8.017   3.787   0.301   1.00 7.49  ? 92  ARG A CG    1 
ATOM   661  C  CD    . ARG A 1 92  ? 6.634   4.414   0.334   1.00 9.26  ? 92  ARG A CD    1 
ATOM   662  N  NE    . ARG A 1 92  ? 6.644   5.807   -0.122  1.00 12.16 ? 92  ARG A NE    1 
ATOM   663  C  CZ    . ARG A 1 92  ? 5.631   6.654   0.027   1.00 10.49 ? 92  ARG A CZ    1 
ATOM   664  N  NH1   . ARG A 1 92  ? 4.523   6.253   0.636   1.00 8.80  ? 92  ARG A NH1   1 
ATOM   665  N  NH2   . ARG A 1 92  ? 5.727   7.896   -0.434  1.00 6.17  ? 92  ARG A NH2   1 
ATOM   666  N  N     . LEU A 1 93  ? 9.659   3.067   -3.954  1.00 6.27  ? 93  LEU A N     1 
ATOM   667  C  CA    . LEU A 1 93  ? 10.282  3.418   -5.233  1.00 5.92  ? 93  LEU A CA    1 
ATOM   668  C  C     . LEU A 1 93  ? 9.344   3.043   -6.386  1.00 5.15  ? 93  LEU A C     1 
ATOM   669  O  O     . LEU A 1 93  ? 9.225   3.761   -7.374  1.00 5.41  ? 93  LEU A O     1 
ATOM   670  C  CB    . LEU A 1 93  ? 11.611  2.667   -5.351  1.00 8.98  ? 93  LEU A CB    1 
ATOM   671  C  CG    . LEU A 1 93  ? 12.675  3.057   -6.368  1.00 13.45 ? 93  LEU A CG    1 
ATOM   672  C  CD1   . LEU A 1 93  ? 13.167  4.493   -6.120  1.00 13.59 ? 93  LEU A CD1   1 
ATOM   673  C  CD2   . LEU A 1 93  ? 13.831  2.068   -6.252  1.00 11.43 ? 93  LEU A CD2   1 
ATOM   674  N  N     . MET A 1 94  ? 8.644   1.928   -6.231  1.00 3.86  ? 94  MET A N     1 
ATOM   675  C  CA    . MET A 1 94  ? 7.709   1.467   -7.248  1.00 3.04  ? 94  MET A CA    1 
ATOM   676  C  C     . MET A 1 94  ? 6.455   2.321   -7.295  1.00 2.82  ? 94  MET A C     1 
ATOM   677  O  O     . MET A 1 94  ? 5.823   2.460   -8.342  1.00 6.06  ? 94  MET A O     1 
ATOM   678  C  CB    . MET A 1 94  ? 7.382   -0.002  -7.018  1.00 3.24  ? 94  MET A CB    1 
ATOM   679  C  CG    . MET A 1 94  ? 8.581   -0.900  -7.298  1.00 5.16  ? 94  MET A CG    1 
ATOM   680  S  SD    . MET A 1 94  ? 8.369   -2.580  -6.793  1.00 10.11 ? 94  MET A SD    1 
ATOM   681  C  CE    . MET A 1 94  ? 7.177   -3.101  -7.987  1.00 8.14  ? 94  MET A CE    1 
ATOM   682  N  N     . ILE A 1 95  ? 6.107   2.926   -6.165  1.00 2.64  ? 95  ILE A N     1 
ATOM   683  C  CA    . ILE A 1 95  ? 4.941   3.792   -6.093  1.00 2.41  ? 95  ILE A CA    1 
ATOM   684  C  C     . ILE A 1 95  ? 5.228   5.159   -6.717  1.00 4.18  ? 95  ILE A C     1 
ATOM   685  O  O     . ILE A 1 95  ? 4.405   5.694   -7.469  1.00 3.53  ? 95  ILE A O     1 
ATOM   686  C  CB    . ILE A 1 95  ? 4.482   3.968   -4.615  1.00 5.33  ? 95  ILE A CB    1 
ATOM   687  C  CG1   . ILE A 1 95  ? 3.691   2.737   -4.156  1.00 5.05  ? 95  ILE A CG1   1 
ATOM   688  C  CG2   . ILE A 1 95  ? 3.651   5.242   -4.426  1.00 4.25  ? 95  ILE A CG2   1 
ATOM   689  C  CD1   . ILE A 1 95  ? 3.450   2.697   -2.660  1.00 5.48  ? 95  ILE A CD1   1 
ATOM   690  N  N     . GLY A 1 96  ? 6.412   5.703   -6.427  1.00 2.69  ? 96  GLY A N     1 
ATOM   691  C  CA    . GLY A 1 96  ? 6.788   7.010   -6.944  1.00 3.17  ? 96  GLY A CA    1 
ATOM   692  C  C     . GLY A 1 96  ? 6.952   7.934   -5.740  1.00 6.92  ? 96  GLY A C     1 
ATOM   693  O  O     . GLY A 1 96  ? 7.582   7.528   -4.758  1.00 9.88  ? 96  GLY A O     1 
ATOM   694  N  N     . VAL A 1 97  ? 6.446   9.166   -5.814  1.00 5.86  ? 97  VAL A N     1 
ATOM   695  C  CA    . VAL A 1 97  ? 6.520   10.099  -4.685  1.00 6.05  ? 97  VAL A CA    1 
ATOM   696  C  C     . VAL A 1 97  ? 5.113   10.633  -4.417  1.00 6.71  ? 97  VAL A C     1 
ATOM   697  O  O     . VAL A 1 97  ? 4.187   10.373  -5.189  1.00 6.67  ? 97  VAL A O     1 
ATOM   698  C  CB    . VAL A 1 97  ? 7.521   11.279  -4.915  1.00 5.54  ? 97  VAL A CB    1 
ATOM   699  C  CG1   . VAL A 1 97  ? 8.956   10.766  -4.960  1.00 3.30  ? 97  VAL A CG1   1 
ATOM   700  C  CG2   . VAL A 1 97  ? 7.191   12.038  -6.182  1.00 6.34  ? 97  VAL A CG2   1 
ATOM   701  N  N     . THR A 1 98  ? 4.944   11.380  -3.330  1.00 6.18  ? 98  THR A N     1 
ATOM   702  C  CA    . THR A 1 98  ? 3.640   11.922  -2.972  1.00 5.02  ? 98  THR A CA    1 
ATOM   703  C  C     . THR A 1 98  ? 2.888   12.601  -4.124  1.00 6.43  ? 98  THR A C     1 
ATOM   704  O  O     . THR A 1 98  ? 1.688   12.382  -4.301  1.00 6.62  ? 98  THR A O     1 
ATOM   705  C  CB    . THR A 1 98  ? 3.762   12.863  -1.766  1.00 5.75  ? 98  THR A CB    1 
ATOM   706  O  OG1   . THR A 1 98  ? 4.466   12.176  -0.718  1.00 7.91  ? 98  THR A OG1   1 
ATOM   707  C  CG2   . THR A 1 98  ? 2.366   13.266  -1.254  1.00 5.63  ? 98  THR A CG2   1 
ATOM   708  N  N     . ASN A 1 99  ? 3.572   13.453  -4.878  1.00 5.88  ? 99  ASN A N     1 
ATOM   709  C  CA    . ASN A 1 99  ? 2.946   14.139  -6.014  1.00 8.55  ? 99  ASN A CA    1 
ATOM   710  C  C     . ASN A 1 99  ? 3.097   13.273  -7.273  1.00 6.43  ? 99  ASN A C     1 
ATOM   711  O  O     . ASN A 1 99  ? 4.214   13.055  -7.744  1.00 7.11  ? 99  ASN A O     1 
ATOM   712  C  CB    . ASN A 1 99  ? 3.605   15.507  -6.233  1.00 11.25 ? 99  ASN A CB    1 
ATOM   713  C  CG    . ASN A 1 99  ? 2.979   16.289  -7.382  1.00 14.32 ? 99  ASN A CG    1 
ATOM   714  O  OD1   . ASN A 1 99  ? 1.961   15.896  -7.961  1.00 15.88 ? 99  ASN A OD1   1 
ATOM   715  N  ND2   . ASN A 1 99  ? 3.601   17.397  -7.727  1.00 19.45 ? 99  ASN A ND2   1 
ATOM   716  N  N     . PRO A 1 100 ? 1.979   12.776  -7.835  1.00 5.93  ? 100 PRO A N     1 
ATOM   717  C  CA    . PRO A 1 100 ? 1.985   11.930  -9.032  1.00 4.90  ? 100 PRO A CA    1 
ATOM   718  C  C     . PRO A 1 100 ? 2.599   12.608  -10.241 1.00 4.33  ? 100 PRO A C     1 
ATOM   719  O  O     . PRO A 1 100 ? 3.205   11.960  -11.084 1.00 5.38  ? 100 PRO A O     1 
ATOM   720  C  CB    . PRO A 1 100 ? 0.499   11.655  -9.273  1.00 5.45  ? 100 PRO A CB    1 
ATOM   721  C  CG    . PRO A 1 100 ? -0.103  11.784  -7.956  1.00 8.38  ? 100 PRO A CG    1 
ATOM   722  C  CD    . PRO A 1 100 ? 0.598   12.983  -7.375  1.00 6.92  ? 100 PRO A CD    1 
ATOM   723  N  N     . LEU A 1 101 ? 2.439   13.920  -10.338 1.00 3.81  ? 101 LEU A N     1 
ATOM   724  C  CA    . LEU A 1 101 ? 2.993   14.634  -11.473 1.00 3.94  ? 101 LEU A CA    1 
ATOM   725  C  C     . LEU A 1 101 ? 4.511   14.651  -11.447 1.00 5.55  ? 101 LEU A C     1 
ATOM   726  O  O     . LEU A 1 101 ? 5.143   14.778  -12.493 1.00 4.61  ? 101 LEU A O     1 
ATOM   727  C  CB    . LEU A 1 101 ? 2.443   16.057  -11.542 1.00 4.01  ? 101 LEU A CB    1 
ATOM   728  C  CG    . LEU A 1 101 ? 0.958   16.154  -11.872 1.00 5.09  ? 101 LEU A CG    1 
ATOM   729  C  CD1   . LEU A 1 101 ? 0.481   17.578  -11.693 1.00 5.38  ? 101 LEU A CD1   1 
ATOM   730  C  CD2   . LEU A 1 101 ? 0.728   15.676  -13.289 1.00 5.44  ? 101 LEU A CD2   1 
ATOM   731  N  N     . ALA A 1 102 ? 5.086   14.517  -10.254 1.00 5.84  ? 102 ALA A N     1 
ATOM   732  C  CA    . ALA A 1 102 ? 6.537   14.501  -10.089 1.00 7.81  ? 102 ALA A CA    1 
ATOM   733  C  C     . ALA A 1 102 ? 7.095   13.081  -10.041 1.00 7.75  ? 102 ALA A C     1 
ATOM   734  O  O     . ALA A 1 102 ? 8.306   12.887  -9.915  1.00 8.68  ? 102 ALA A O     1 
ATOM   735  C  CB    . ALA A 1 102 ? 6.928   15.245  -8.825  1.00 8.42  ? 102 ALA A CB    1 
ATOM   736  N  N     . SER A 1 103 ? 6.210   12.087  -10.108 1.00 5.41  ? 103 SER A N     1 
ATOM   737  C  CA    . SER A 1 103 ? 6.643   10.706  -10.057 1.00 3.64  ? 103 SER A CA    1 
ATOM   738  C  C     . SER A 1 103 ? 7.114   10.313  -11.437 1.00 2.96  ? 103 SER A C     1 
ATOM   739  O  O     . SER A 1 103 ? 6.523   10.705  -12.439 1.00 4.63  ? 103 SER A O     1 
ATOM   740  C  CB    . SER A 1 103 ? 5.512   9.812   -9.576  1.00 2.26  ? 103 SER A CB    1 
ATOM   741  O  OG    . SER A 1 103 ? 5.143   10.169  -8.256  1.00 5.51  ? 103 SER A OG    1 
ATOM   742  N  N     . ALA A 1 104 ? 8.202   9.560   -11.481 1.00 3.94  ? 104 ALA A N     1 
ATOM   743  C  CA    . ALA A 1 104 ? 8.805   9.137   -12.732 1.00 4.96  ? 104 ALA A CA    1 
ATOM   744  C  C     . ALA A 1 104 ? 8.018   8.087   -13.514 1.00 3.88  ? 104 ALA A C     1 
ATOM   745  O  O     . ALA A 1 104 ? 7.366   7.225   -12.929 1.00 5.86  ? 104 ALA A O     1 
ATOM   746  C  CB    . ALA A 1 104 ? 10.202  8.601   -12.454 1.00 4.73  ? 104 ALA A CB    1 
ATOM   747  N  N     . PRO A 1 105 ? 8.060   8.174   -14.854 1.00 4.58  ? 105 PRO A N     1 
ATOM   748  C  CA    . PRO A 1 105 ? 7.359   7.203   -15.707 1.00 5.24  ? 105 PRO A CA    1 
ATOM   749  C  C     . PRO A 1 105 ? 7.956   5.843   -15.329 1.00 4.62  ? 105 PRO A C     1 
ATOM   750  O  O     . PRO A 1 105 ? 9.169   5.723   -15.146 1.00 5.66  ? 105 PRO A O     1 
ATOM   751  C  CB    . PRO A 1 105 ? 7.794   7.627   -17.113 1.00 5.11  ? 105 PRO A CB    1 
ATOM   752  C  CG    . PRO A 1 105 ? 7.967   9.097   -16.984 1.00 5.39  ? 105 PRO A CG    1 
ATOM   753  C  CD    . PRO A 1 105 ? 8.662   9.254   -15.655 1.00 3.48  ? 105 PRO A CD    1 
ATOM   754  N  N     . GLY A 1 106 ? 7.101   4.857   -15.085 1.00 6.10  ? 106 GLY A N     1 
ATOM   755  C  CA    . GLY A 1 106 ? 7.579   3.544   -14.692 1.00 2.56  ? 106 GLY A CA    1 
ATOM   756  C  C     . GLY A 1 106 ? 7.067   3.239   -13.303 1.00 2.06  ? 106 GLY A C     1 
ATOM   757  O  O     . GLY A 1 106 ? 6.882   2.083   -12.947 1.00 5.12  ? 106 GLY A O     1 
ATOM   758  N  N     . SER A 1 107 ? 6.847   4.271   -12.496 1.00 3.66  ? 107 SER A N     1 
ATOM   759  C  CA    . SER A 1 107 ? 6.308   4.077   -11.152 1.00 2.45  ? 107 SER A CA    1 
ATOM   760  C  C     . SER A 1 107 ? 4.783   4.103   -11.268 1.00 2.00  ? 107 SER A C     1 
ATOM   761  O  O     . SER A 1 107 ? 4.244   4.593   -12.263 1.00 3.07  ? 107 SER A O     1 
ATOM   762  C  CB    . SER A 1 107 ? 6.786   5.184   -10.202 1.00 2.11  ? 107 SER A CB    1 
ATOM   763  O  OG    . SER A 1 107 ? 6.246   6.454   -10.552 1.00 3.76  ? 107 SER A OG    1 
ATOM   764  N  N     . ILE A 1 108 ? 4.091   3.624   -10.240 1.00 2.00  ? 108 ILE A N     1 
ATOM   765  C  CA    . ILE A 1 108 ? 2.637   3.582   -10.257 1.00 2.00  ? 108 ILE A CA    1 
ATOM   766  C  C     . ILE A 1 108 ? 1.998   4.960   -10.370 1.00 3.23  ? 108 ILE A C     1 
ATOM   767  O  O     . ILE A 1 108 ? 1.169   5.184   -11.257 1.00 2.04  ? 108 ILE A O     1 
ATOM   768  C  CB    . ILE A 1 108 ? 2.092   2.806   -9.034  1.00 3.16  ? 108 ILE A CB    1 
ATOM   769  C  CG1   . ILE A 1 108 ? 2.568   1.349   -9.109  1.00 3.52  ? 108 ILE A CG1   1 
ATOM   770  C  CG2   . ILE A 1 108 ? 0.548   2.880   -8.971  1.00 2.04  ? 108 ILE A CG2   1 
ATOM   771  C  CD1   . ILE A 1 108 ? 2.419   0.552   -7.822  1.00 3.70  ? 108 ILE A CD1   1 
ATOM   772  N  N     . ARG A 1 109 ? 2.367   5.893   -9.496  1.00 2.84  ? 109 ARG A N     1 
ATOM   773  C  CA    . ARG A 1 109 ? 1.787   7.234   -9.573  1.00 2.50  ? 109 ARG A CA    1 
ATOM   774  C  C     . ARG A 1 109 ? 2.278   7.957   -10.805 1.00 3.03  ? 109 ARG A C     1 
ATOM   775  O  O     . ARG A 1 109 ? 1.546   8.744   -11.389 1.00 5.30  ? 109 ARG A O     1 
ATOM   776  C  CB    . ARG A 1 109 ? 2.093   8.052   -8.322  1.00 2.00  ? 109 ARG A CB    1 
ATOM   777  C  CG    . ARG A 1 109 ? 1.426   7.497   -7.084  1.00 3.38  ? 109 ARG A CG    1 
ATOM   778  C  CD    . ARG A 1 109 ? 1.823   8.288   -5.854  1.00 3.53  ? 109 ARG A CD    1 
ATOM   779  N  NE    . ARG A 1 109 ? 1.101   7.840   -4.668  1.00 2.58  ? 109 ARG A NE    1 
ATOM   780  C  CZ    . ARG A 1 109 ? 1.521   8.044   -3.424  1.00 5.89  ? 109 ARG A CZ    1 
ATOM   781  N  NH1   . ARG A 1 109 ? 2.681   8.642   -3.191  1.00 3.49  ? 109 ARG A NH1   1 
ATOM   782  N  NH2   . ARG A 1 109 ? 0.798   7.612   -2.404  1.00 4.58  ? 109 ARG A NH2   1 
ATOM   783  N  N     . GLY A 1 110 ? 3.498   7.650   -11.232 1.00 3.27  ? 110 GLY A N     1 
ATOM   784  C  CA    . GLY A 1 110 ? 4.042   8.284   -12.419 1.00 2.00  ? 110 GLY A CA    1 
ATOM   785  C  C     . GLY A 1 110 ? 3.281   7.898   -13.673 1.00 4.20  ? 110 GLY A C     1 
ATOM   786  O  O     . GLY A 1 110 ? 3.116   8.705   -14.579 1.00 5.10  ? 110 GLY A O     1 
ATOM   787  N  N     . ASP A 1 111 ? 2.832   6.647   -13.741 1.00 3.85  ? 111 ASP A N     1 
ATOM   788  C  CA    . ASP A 1 111 ? 2.103   6.167   -14.914 1.00 3.24  ? 111 ASP A CA    1 
ATOM   789  C  C     . ASP A 1 111 ? 0.603   6.427   -14.914 1.00 2.38  ? 111 ASP A C     1 
ATOM   790  O  O     . ASP A 1 111 ? 0.010   6.581   -15.982 1.00 2.83  ? 111 ASP A O     1 
ATOM   791  C  CB    . ASP A 1 111 ? 2.290   4.652   -15.087 1.00 5.58  ? 111 ASP A CB    1 
ATOM   792  C  CG    . ASP A 1 111 ? 3.701   4.259   -15.483 1.00 2.67  ? 111 ASP A CG    1 
ATOM   793  O  OD1   . ASP A 1 111 ? 4.460   5.094   -16.002 1.00 5.86  ? 111 ASP A OD1   1 
ATOM   794  O  OD2   . ASP A 1 111 ? 4.046   3.080   -15.289 1.00 5.02  ? 111 ASP A OD2   1 
ATOM   795  N  N     . PHE A 1 112 ? 0.003   6.493   -13.729 1.00 2.97  ? 112 PHE A N     1 
ATOM   796  C  CA    . PHE A 1 112 ? -1.451  6.616   -13.615 1.00 4.64  ? 112 PHE A CA    1 
ATOM   797  C  C     . PHE A 1 112 ? -2.061  7.797   -12.883 1.00 4.02  ? 112 PHE A C     1 
ATOM   798  O  O     . PHE A 1 112 ? -3.274  7.946   -12.900 1.00 4.56  ? 112 PHE A O     1 
ATOM   799  C  CB    . PHE A 1 112 ? -2.012  5.345   -12.936 1.00 4.24  ? 112 PHE A CB    1 
ATOM   800  C  CG    . PHE A 1 112 ? -1.646  4.049   -13.631 1.00 6.53  ? 112 PHE A CG    1 
ATOM   801  C  CD1   . PHE A 1 112 ? -2.131  3.758   -14.900 1.00 6.59  ? 112 PHE A CD1   1 
ATOM   802  C  CD2   . PHE A 1 112 ? -0.837  3.113   -13.004 1.00 8.05  ? 112 PHE A CD2   1 
ATOM   803  C  CE1   . PHE A 1 112 ? -1.811  2.551   -15.531 1.00 9.17  ? 112 PHE A CE1   1 
ATOM   804  C  CE2   . PHE A 1 112 ? -0.514  1.909   -13.629 1.00 7.33  ? 112 PHE A CE2   1 
ATOM   805  C  CZ    . PHE A 1 112 ? -1.004  1.632   -14.892 1.00 6.21  ? 112 PHE A CZ    1 
ATOM   806  N  N     . GLY A 1 113 ? -1.260  8.621   -12.220 1.00 4.46  ? 113 GLY A N     1 
ATOM   807  C  CA    . GLY A 1 113 ? -1.863  9.693   -11.460 1.00 5.24  ? 113 GLY A CA    1 
ATOM   808  C  C     . GLY A 1 113 ? -1.523  11.109  -11.831 1.00 6.23  ? 113 GLY A C     1 
ATOM   809  O  O     . GLY A 1 113 ? -0.458  11.382  -12.371 1.00 7.05  ? 113 GLY A O     1 
ATOM   810  N  N     . VAL A 1 114 ? -2.437  12.014  -11.510 1.00 6.54  ? 114 VAL A N     1 
ATOM   811  C  CA    . VAL A 1 114 ? -2.223  13.424  -11.789 1.00 7.69  ? 114 VAL A CA    1 
ATOM   812  C  C     . VAL A 1 114 ? -2.462  14.349  -10.597 1.00 9.76  ? 114 VAL A C     1 
ATOM   813  O  O     . VAL A 1 114 ? -1.854  15.401  -10.512 1.00 14.47 ? 114 VAL A O     1 
ATOM   814  C  CB    . VAL A 1 114 ? -3.096  13.922  -12.973 1.00 9.31  ? 114 VAL A CB    1 
ATOM   815  C  CG1   . VAL A 1 114 ? -2.669  13.261  -14.265 1.00 9.45  ? 114 VAL A CG1   1 
ATOM   816  C  CG2   . VAL A 1 114 ? -4.560  13.671  -12.704 1.00 10.97 ? 114 VAL A CG2   1 
ATOM   817  N  N     . ASP A 1 115 ? -3.295  13.948  -9.648  1.00 9.89  ? 115 ASP A N     1 
ATOM   818  C  CA    . ASP A 1 115 ? -3.618  14.811  -8.516  1.00 8.43  ? 115 ASP A CA    1 
ATOM   819  C  C     . ASP A 1 115 ? -3.159  14.179  -7.221  1.00 7.40  ? 115 ASP A C     1 
ATOM   820  O  O     . ASP A 1 115 ? -3.389  13.002  -6.996  1.00 6.68  ? 115 ASP A O     1 
ATOM   821  C  CB    . ASP A 1 115 ? -5.131  15.033  -8.468  1.00 10.44 ? 115 ASP A CB    1 
ATOM   822  C  CG    . ASP A 1 115 ? -5.533  16.248  -7.637  1.00 16.17 ? 115 ASP A CG    1 
ATOM   823  O  OD1   . ASP A 1 115 ? -4.666  16.989  -7.124  1.00 20.50 ? 115 ASP A OD1   1 
ATOM   824  O  OD2   . ASP A 1 115 ? -6.750  16.481  -7.522  1.00 15.41 ? 115 ASP A OD2   1 
ATOM   825  N  N     . VAL A 1 116 ? -2.551  14.970  -6.346  1.00 7.33  ? 116 VAL A N     1 
ATOM   826  C  CA    . VAL A 1 116 ? -2.067  14.452  -5.073  1.00 7.66  ? 116 VAL A CA    1 
ATOM   827  C  C     . VAL A 1 116 ? -3.188  13.865  -4.202  1.00 7.56  ? 116 VAL A C     1 
ATOM   828  O  O     . VAL A 1 116 ? -2.969  12.905  -3.466  1.00 8.79  ? 116 VAL A O     1 
ATOM   829  C  CB    . VAL A 1 116 ? -1.269  15.539  -4.315  1.00 9.76  ? 116 VAL A CB    1 
ATOM   830  C  CG1   . VAL A 1 116 ? -2.168  16.727  -3.997  1.00 13.38 ? 116 VAL A CG1   1 
ATOM   831  C  CG2   . VAL A 1 116 ? -0.626  14.955  -3.064  1.00 9.66  ? 116 VAL A CG2   1 
ATOM   832  N  N     . GLY A 1 117 ? -4.394  14.416  -4.317  1.00 6.39  ? 117 GLY A N     1 
ATOM   833  C  CA    . GLY A 1 117 ? -5.512  13.914  -3.537  1.00 8.44  ? 117 GLY A CA    1 
ATOM   834  C  C     . GLY A 1 117 ? -6.109  12.626  -4.080  1.00 9.36  ? 117 GLY A C     1 
ATOM   835  O  O     . GLY A 1 117 ? -6.932  11.982  -3.432  1.00 11.21 ? 117 GLY A O     1 
ATOM   836  N  N     . ARG A 1 118 ? -5.722  12.273  -5.298  1.00 8.47  ? 118 ARG A N     1 
ATOM   837  C  CA    . ARG A 1 118 ? -6.198  11.062  -5.950  1.00 6.23  ? 118 ARG A CA    1 
ATOM   838  C  C     . ARG A 1 118 ? -4.936  10.381  -6.443  1.00 5.45  ? 118 ARG A C     1 
ATOM   839  O  O     . ARG A 1 118 ? -4.732  10.233  -7.645  1.00 7.39  ? 118 ARG A O     1 
ATOM   840  C  CB    . ARG A 1 118 ? -7.103  11.415  -7.141  1.00 4.43  ? 118 ARG A CB    1 
ATOM   841  C  CG    . ARG A 1 118 ? -8.403  12.113  -6.770  1.00 6.59  ? 118 ARG A CG    1 
ATOM   842  C  CD    . ARG A 1 118 ? -9.298  11.210  -5.949  1.00 8.72  ? 118 ARG A CD    1 
ATOM   843  N  NE    . ARG A 1 118 ? -10.577 11.828  -5.613  1.00 10.11 ? 118 ARG A NE    1 
ATOM   844  C  CZ    . ARG A 1 118 ? -10.824 12.532  -4.510  1.00 12.33 ? 118 ARG A CZ    1 
ATOM   845  N  NH1   . ARG A 1 118 ? -9.879  12.734  -3.605  1.00 12.17 ? 118 ARG A NH1   1 
ATOM   846  N  NH2   . ARG A 1 118 ? -12.040 13.015  -4.296  1.00 15.27 ? 118 ARG A NH2   1 
ATOM   847  N  N     . ASN A 1 119 ? -4.077  9.975   -5.514  1.00 6.59  ? 119 ASN A N     1 
ATOM   848  C  CA    . ASN A 1 119 ? -2.829  9.350   -5.906  1.00 6.76  ? 119 ASN A CA    1 
ATOM   849  C  C     . ASN A 1 119 ? -2.784  7.836   -5.822  1.00 6.74  ? 119 ASN A C     1 
ATOM   850  O  O     . ASN A 1 119 ? -1.760  7.240   -5.510  1.00 5.75  ? 119 ASN A O     1 
ATOM   851  C  CB    . ASN A 1 119 ? -1.624  10.017  -5.245  1.00 6.64  ? 119 ASN A CB    1 
ATOM   852  C  CG    . ASN A 1 119 ? -1.664  9.911   -3.768  1.00 8.79  ? 119 ASN A CG    1 
ATOM   853  O  OD1   . ASN A 1 119 ? -2.538  9.248   -3.205  1.00 8.83  ? 119 ASN A OD1   1 
ATOM   854  N  ND2   . ASN A 1 119 ? -0.726  10.569  -3.110  1.00 10.74 ? 119 ASN A ND2   1 
ATOM   855  N  N     . ILE A 1 120 ? -3.952  7.233   -6.016  1.00 7.94  ? 120 ILE A N     1 
ATOM   856  C  CA    . ILE A 1 120 ? -4.080  5.790   -6.164  1.00 5.87  ? 120 ILE A CA    1 
ATOM   857  C  C     . ILE A 1 120 ? -3.753  4.759   -5.091  1.00 5.17  ? 120 ILE A C     1 
ATOM   858  O  O     . ILE A 1 120 ? -4.527  3.828   -4.869  1.00 4.97  ? 120 ILE A O     1 
ATOM   859  C  CB    . ILE A 1 120 ? -3.272  5.379   -7.441  1.00 5.53  ? 120 ILE A CB    1 
ATOM   860  C  CG1   . ILE A 1 120 ? -3.621  6.294   -8.622  1.00 6.12  ? 120 ILE A CG1   1 
ATOM   861  C  CG2   . ILE A 1 120 ? -3.528  3.920   -7.815  1.00 6.32  ? 120 ILE A CG2   1 
ATOM   862  C  CD1   . ILE A 1 120 ? -2.447  6.597   -9.508  1.00 5.17  ? 120 ILE A CD1   1 
ATOM   863  N  N     . ILE A 1 121 ? -2.605  4.884   -4.449  1.00 4.69  ? 121 ILE A N     1 
ATOM   864  C  CA    . ILE A 1 121 ? -2.176  3.854   -3.527  1.00 5.30  ? 121 ILE A CA    1 
ATOM   865  C  C     . ILE A 1 121 ? -1.464  4.409   -2.303  1.00 7.08  ? 121 ILE A C     1 
ATOM   866  O  O     . ILE A 1 121 ? -1.013  5.552   -2.293  1.00 10.14 ? 121 ILE A O     1 
ATOM   867  C  CB    . ILE A 1 121 ? -1.210  2.891   -4.307  1.00 5.23  ? 121 ILE A CB    1 
ATOM   868  C  CG1   . ILE A 1 121 ? -0.721  1.720   -3.450  1.00 3.95  ? 121 ILE A CG1   1 
ATOM   869  C  CG2   . ILE A 1 121 ? -0.030  3.688   -4.874  1.00 4.68  ? 121 ILE A CG2   1 
ATOM   870  C  CD1   . ILE A 1 121 ? 0.047   0.678   -4.243  1.00 5.92  ? 121 ILE A CD1   1 
ATOM   871  N  N     . HIS A 1 122 ? -1.463  3.623   -1.241  1.00 6.48  ? 122 HIS A N     1 
ATOM   872  C  CA    . HIS A 1 122 ? -0.768  3.977   -0.016  1.00 6.76  ? 122 HIS A CA    1 
ATOM   873  C  C     . HIS A 1 122 ? 0.287   2.895   0.204   1.00 6.50  ? 122 HIS A C     1 
ATOM   874  O  O     . HIS A 1 122 ? 0.015   1.717   -0.025  1.00 7.70  ? 122 HIS A O     1 
ATOM   875  C  CB    . HIS A 1 122 ? -1.710  3.988   1.195   1.00 3.52  ? 122 HIS A CB    1 
ATOM   876  C  CG    . HIS A 1 122 ? -0.973  3.880   2.494   1.00 6.55  ? 122 HIS A CG    1 
ATOM   877  N  ND1   . HIS A 1 122 ? -0.406  4.974   3.114   1.00 4.54  ? 122 HIS A ND1   1 
ATOM   878  C  CD2   . HIS A 1 122 ? -0.544  2.795   3.181   1.00 3.21  ? 122 HIS A CD2   1 
ATOM   879  C  CE1   . HIS A 1 122 ? 0.354   4.562   4.111   1.00 2.02  ? 122 HIS A CE1   1 
ATOM   880  N  NE2   . HIS A 1 122 ? 0.286   3.248   4.174   1.00 2.91  ? 122 HIS A NE2   1 
ATOM   881  N  N     . GLY A 1 123 ? 1.481   3.291   0.641   1.00 4.77  ? 123 GLY A N     1 
ATOM   882  C  CA    . GLY A 1 123 ? 2.540   2.346   0.943   1.00 2.01  ? 123 GLY A CA    1 
ATOM   883  C  C     . GLY A 1 123 ? 3.209   2.838   2.220   1.00 4.60  ? 123 GLY A C     1 
ATOM   884  O  O     . GLY A 1 123 ? 3.351   4.053   2.410   1.00 5.07  ? 123 GLY A O     1 
ATOM   885  N  N     . SER A 1 124 ? 3.504   1.936   3.149   1.00 4.25  ? 124 SER A N     1 
ATOM   886  C  CA    . SER A 1 124 ? 4.179   2.314   4.391   1.00 4.08  ? 124 SER A CA    1 
ATOM   887  C  C     . SER A 1 124 ? 5.494   3.039   4.069   1.00 5.23  ? 124 SER A C     1 
ATOM   888  O  O     . SER A 1 124 ? 6.182   2.702   3.102   1.00 3.59  ? 124 SER A O     1 
ATOM   889  C  CB    . SER A 1 124 ? 4.487   1.061   5.193   1.00 3.11  ? 124 SER A CB    1 
ATOM   890  O  OG    . SER A 1 124 ? 3.308   0.310   5.409   1.00 4.04  ? 124 SER A OG    1 
ATOM   891  N  N     . ASP A 1 125 ? 5.877   4.006   4.902   1.00 6.89  ? 125 ASP A N     1 
ATOM   892  C  CA    . ASP A 1 125 ? 7.106   4.740   4.639   1.00 7.81  ? 125 ASP A CA    1 
ATOM   893  C  C     . ASP A 1 125 ? 8.349   4.278   5.400   1.00 8.20  ? 125 ASP A C     1 
ATOM   894  O  O     . ASP A 1 125 ? 9.436   4.801   5.169   1.00 11.52 ? 125 ASP A O     1 
ATOM   895  C  CB    . ASP A 1 125 ? 6.885   6.248   4.802   1.00 8.95  ? 125 ASP A CB    1 
ATOM   896  C  CG    . ASP A 1 125 ? 6.456   6.639   6.194   1.00 10.33 ? 125 ASP A CG    1 
ATOM   897  O  OD1   . ASP A 1 125 ? 6.452   5.803   7.111   1.00 13.23 ? 125 ASP A OD1   1 
ATOM   898  O  OD2   . ASP A 1 125 ? 6.116   7.817   6.377   1.00 18.45 ? 125 ASP A OD2   1 
ATOM   899  N  N     . SER A 1 126 ? 8.191   3.298   6.285   1.00 8.18  ? 126 SER A N     1 
ATOM   900  C  CA    . SER A 1 126 ? 9.297   2.766   7.068   1.00 8.82  ? 126 SER A CA    1 
ATOM   901  C  C     . SER A 1 126 ? 8.882   1.431   7.648   1.00 9.12  ? 126 SER A C     1 
ATOM   902  O  O     . SER A 1 126 ? 7.698   1.101   7.666   1.00 10.85 ? 126 SER A O     1 
ATOM   903  C  CB    . SER A 1 126 ? 9.636   3.711   8.218   1.00 10.66 ? 126 SER A CB    1 
ATOM   904  O  OG    . SER A 1 126 ? 8.584   3.733   9.166   1.00 11.27 ? 126 SER A OG    1 
ATOM   905  N  N     . VAL A 1 127 ? 9.850   0.674   8.145   1.00 10.08 ? 127 VAL A N     1 
ATOM   906  C  CA    . VAL A 1 127 ? 9.573   -0.626  8.738   1.00 12.25 ? 127 VAL A CA    1 
ATOM   907  C  C     . VAL A 1 127 ? 8.686   -0.447  9.973   1.00 12.65 ? 127 VAL A C     1 
ATOM   908  O  O     . VAL A 1 127 ? 7.770   -1.232  10.205  1.00 12.86 ? 127 VAL A O     1 
ATOM   909  C  CB    . VAL A 1 127 ? 10.877  -1.364  9.125   1.00 11.93 ? 127 VAL A CB    1 
ATOM   910  C  CG1   . VAL A 1 127 ? 10.568  -2.626  9.894   1.00 13.79 ? 127 VAL A CG1   1 
ATOM   911  C  CG2   . VAL A 1 127 ? 11.682  -1.702  7.880   1.00 12.62 ? 127 VAL A CG2   1 
ATOM   912  N  N     . GLU A 1 128 ? 8.913   0.631   10.715  1.00 12.07 ? 128 GLU A N     1 
ATOM   913  C  CA    . GLU A 1 128 ? 8.136   0.902   11.919  1.00 13.69 ? 128 GLU A CA    1 
ATOM   914  C  C     . GLU A 1 128 ? 6.679   1.207   11.602  1.00 11.88 ? 128 GLU A C     1 
ATOM   915  O  O     . GLU A 1 128 ? 5.776   0.721   12.282  1.00 12.66 ? 128 GLU A O     1 
ATOM   916  C  CB    . GLU A 1 128 ? 8.752   2.047   12.721  1.00 18.47 ? 128 GLU A CB    1 
ATOM   917  C  CG    . GLU A 1 128 ? 10.113  1.717   13.330  1.00 28.50 ? 128 GLU A CG    1 
ATOM   918  C  CD    . GLU A 1 128 ? 11.268  1.704   12.313  1.00 35.95 ? 128 GLU A CD    1 
ATOM   919  O  OE1   . GLU A 1 128 ? 11.206  2.430   11.291  1.00 36.16 ? 128 GLU A OE1   1 
ATOM   920  O  OE2   . GLU A 1 128 ? 12.262  0.976   12.556  1.00 40.40 ? 128 GLU A OE2   1 
ATOM   921  N  N     . SER A 1 129 ? 6.438   2.021   10.585  1.00 9.33  ? 129 SER A N     1 
ATOM   922  C  CA    . SER A 1 129 ? 5.063   2.320   10.230  1.00 11.20 ? 129 SER A CA    1 
ATOM   923  C  C     . SER A 1 129 ? 4.406   1.121   9.521   1.00 9.84  ? 129 SER A C     1 
ATOM   924  O  O     . SER A 1 129 ? 3.203   0.916   9.638   1.00 9.60  ? 129 SER A O     1 
ATOM   925  C  CB    . SER A 1 129 ? 4.972   3.606   9.415   1.00 11.53 ? 129 SER A CB    1 
ATOM   926  O  OG    . SER A 1 129 ? 5.537   3.445   8.138   1.00 19.44 ? 129 SER A OG    1 
ATOM   927  N  N     . ALA A 1 130 ? 5.201   0.296   8.838   1.00 8.21  ? 130 ALA A N     1 
ATOM   928  C  CA    . ALA A 1 130 ? 4.671   -0.890  8.166   1.00 7.25  ? 130 ALA A CA    1 
ATOM   929  C  C     . ALA A 1 130 ? 4.128   -1.843  9.223   1.00 9.62  ? 130 ALA A C     1 
ATOM   930  O  O     . ALA A 1 130 ? 3.008   -2.329  9.108   1.00 11.36 ? 130 ALA A O     1 
ATOM   931  C  CB    . ALA A 1 130 ? 5.756   -1.581  7.367   1.00 4.61  ? 130 ALA A CB    1 
ATOM   932  N  N     . ASN A 1 131 ? 4.918   -2.089  10.265  1.00 10.54 ? 131 ASN A N     1 
ATOM   933  C  CA    . ASN A 1 131 ? 4.509   -2.990  11.343  1.00 11.37 ? 131 ASN A CA    1 
ATOM   934  C  C     . ASN A 1 131 ? 3.263   -2.506  12.063  1.00 9.79  ? 131 ASN A C     1 
ATOM   935  O  O     . ASN A 1 131 ? 2.403   -3.301  12.439  1.00 10.34 ? 131 ASN A O     1 
ATOM   936  C  CB    . ASN A 1 131 ? 5.657   -3.225  12.324  1.00 13.04 ? 131 ASN A CB    1 
ATOM   937  C  CG    . ASN A 1 131 ? 6.763   -4.072  11.724  1.00 17.51 ? 131 ASN A CG    1 
ATOM   938  O  OD1   . ASN A 1 131 ? 6.553   -4.796  10.745  1.00 21.19 ? 131 ASN A OD1   1 
ATOM   939  N  ND2   . ASN A 1 131 ? 7.951   -3.985  12.303  1.00 18.49 ? 131 ASN A ND2   1 
ATOM   940  N  N     . ARG A 1 132 ? 3.147   -1.196  12.202  1.00 9.95  ? 132 ARG A N     1 
ATOM   941  C  CA    . ARG A 1 132 ? 1.989   -0.585  12.840  1.00 10.57 ? 132 ARG A CA    1 
ATOM   942  C  C     . ARG A 1 132 ? 0.741   -0.707  11.952  1.00 9.30  ? 132 ARG A C     1 
ATOM   943  O  O     . ARG A 1 132 ? -0.347  -1.057  12.416  1.00 7.33  ? 132 ARG A O     1 
ATOM   944  C  CB    . ARG A 1 132 ? 2.279   0.896   13.101  1.00 13.05 ? 132 ARG A CB    1 
ATOM   945  C  CG    . ARG A 1 132 ? 1.108   1.656   13.676  1.00 19.02 ? 132 ARG A CG    1 
ATOM   946  C  CD    . ARG A 1 132 ? 1.304   3.161   13.626  1.00 22.17 ? 132 ARG A CD    1 
ATOM   947  N  NE    . ARG A 1 132 ? 0.132   3.815   14.205  1.00 29.43 ? 132 ARG A NE    1 
ATOM   948  C  CZ    . ARG A 1 132 ? -0.932  4.232   13.521  1.00 31.05 ? 132 ARG A CZ    1 
ATOM   949  N  NH1   . ARG A 1 132 ? -0.969  4.148   12.191  1.00 30.46 ? 132 ARG A NH1   1 
ATOM   950  N  NH2   . ARG A 1 132 ? -1.940  4.794   14.177  1.00 31.63 ? 132 ARG A NH2   1 
ATOM   951  N  N     . GLU A 1 133 ? 0.899   -0.405  10.669  1.00 7.83  ? 133 GLU A N     1 
ATOM   952  C  CA    . GLU A 1 133 ? -0.214  -0.465  9.733   1.00 7.98  ? 133 GLU A CA    1 
ATOM   953  C  C     . GLU A 1 133 ? -0.712  -1.889  9.539   1.00 7.22  ? 133 GLU A C     1 
ATOM   954  O  O     . GLU A 1 133 ? -1.914  -2.132  9.549   1.00 10.11 ? 133 GLU A O     1 
ATOM   955  C  CB    . GLU A 1 133 ? 0.186   0.183   8.413   1.00 7.27  ? 133 GLU A CB    1 
ATOM   956  C  CG    . GLU A 1 133 ? 0.455   1.676   8.578   1.00 7.06  ? 133 GLU A CG    1 
ATOM   957  C  CD    . GLU A 1 133 ? 1.109   2.311   7.380   1.00 7.59  ? 133 GLU A CD    1 
ATOM   958  O  OE1   . GLU A 1 133 ? 1.331   1.631   6.364   1.00 6.71  ? 133 GLU A OE1   1 
ATOM   959  O  OE2   . GLU A 1 133 ? 1.407   3.508   7.455   1.00 6.98  ? 133 GLU A OE2   1 
ATOM   960  N  N     . ILE A 1 134 ? 0.208   -2.834  9.412   1.00 8.99  ? 134 ILE A N     1 
ATOM   961  C  CA    . ILE A 1 134 ? -0.163  -4.226  9.240   1.00 9.60  ? 134 ILE A CA    1 
ATOM   962  C  C     . ILE A 1 134 ? -1.051  -4.682  10.400  1.00 12.67 ? 134 ILE A C     1 
ATOM   963  O  O     . ILE A 1 134 ? -2.110  -5.266  10.174  1.00 15.07 ? 134 ILE A O     1 
ATOM   964  C  CB    . ILE A 1 134 ? 1.080   -5.131  9.118   1.00 9.12  ? 134 ILE A CB    1 
ATOM   965  C  CG1   . ILE A 1 134 ? 1.811   -4.839  7.805   1.00 8.48  ? 134 ILE A CG1   1 
ATOM   966  C  CG2   . ILE A 1 134 ? 0.678   -6.604  9.162   1.00 10.60 ? 134 ILE A CG2   1 
ATOM   967  C  CD1   . ILE A 1 134 ? 3.112   -5.586  7.662   1.00 9.26  ? 134 ILE A CD1   1 
ATOM   968  N  N     . ALA A 1 135 ? -0.659  -4.362  11.634  1.00 11.78 ? 135 ALA A N     1 
ATOM   969  C  CA    . ALA A 1 135 ? -1.439  -4.750  12.819  1.00 13.23 ? 135 ALA A CA    1 
ATOM   970  C  C     . ALA A 1 135 ? -2.807  -4.058  12.907  1.00 12.26 ? 135 ALA A C     1 
ATOM   971  O  O     . ALA A 1 135 ? -3.741  -4.580  13.500  1.00 14.53 ? 135 ALA A O     1 
ATOM   972  C  CB    . ALA A 1 135 ? -0.636  -4.490  14.090  1.00 13.12 ? 135 ALA A CB    1 
ATOM   973  N  N     . LEU A 1 136 ? -2.913  -2.878  12.313  1.00 12.54 ? 136 LEU A N     1 
ATOM   974  C  CA    . LEU A 1 136 ? -4.149  -2.112  12.314  1.00 12.90 ? 136 LEU A CA    1 
ATOM   975  C  C     . LEU A 1 136 ? -5.177  -2.687  11.344  1.00 11.97 ? 136 LEU A C     1 
ATOM   976  O  O     . LEU A 1 136 ? -6.368  -2.766  11.653  1.00 11.93 ? 136 LEU A O     1 
ATOM   977  C  CB    . LEU A 1 136 ? -3.839  -0.671  11.899  1.00 16.94 ? 136 LEU A CB    1 
ATOM   978  C  CG    . LEU A 1 136 ? -4.839  0.435   12.232  1.00 21.34 ? 136 LEU A CG    1 
ATOM   979  C  CD1   . LEU A 1 136 ? -4.785  0.710   13.729  1.00 24.84 ? 136 LEU A CD1   1 
ATOM   980  C  CD2   . LEU A 1 136 ? -4.497  1.693   11.463  1.00 22.01 ? 136 LEU A CD2   1 
ATOM   981  N  N     . TRP A 1 137 ? -4.711  -3.047  10.154  1.00 10.15 ? 137 TRP A N     1 
ATOM   982  C  CA    . TRP A 1 137 ? -5.585  -3.565  9.101   1.00 9.84  ? 137 TRP A CA    1 
ATOM   983  C  C     . TRP A 1 137 ? -5.813  -5.063  9.049   1.00 9.79  ? 137 TRP A C     1 
ATOM   984  O  O     . TRP A 1 137 ? -6.839  -5.510  8.542   1.00 11.96 ? 137 TRP A O     1 
ATOM   985  C  CB    . TRP A 1 137 ? -5.074  -3.114  7.731   1.00 5.69  ? 137 TRP A CB    1 
ATOM   986  C  CG    . TRP A 1 137 ? -5.138  -1.637  7.511   1.00 7.17  ? 137 TRP A CG    1 
ATOM   987  C  CD1   . TRP A 1 137 ? -4.278  -0.689  8.011   1.00 6.05  ? 137 TRP A CD1   1 
ATOM   988  C  CD2   . TRP A 1 137 ? -6.057  -0.934  6.675   1.00 5.86  ? 137 TRP A CD2   1 
ATOM   989  N  NE1   . TRP A 1 137 ? -4.606  0.551   7.526   1.00 4.60  ? 137 TRP A NE1   1 
ATOM   990  C  CE2   . TRP A 1 137 ? -5.694  0.432   6.706   1.00 6.96  ? 137 TRP A CE2   1 
ATOM   991  C  CE3   . TRP A 1 137 ? -7.152  -1.332  5.891   1.00 7.53  ? 137 TRP A CE3   1 
ATOM   992  C  CZ2   . TRP A 1 137 ? -6.384  1.406   5.979   1.00 8.55  ? 137 TRP A CZ2   1 
ATOM   993  C  CZ3   . TRP A 1 137 ? -7.835  -0.362  5.166   1.00 9.49  ? 137 TRP A CZ3   1 
ATOM   994  C  CH2   . TRP A 1 137 ? -7.450  0.993   5.216   1.00 11.80 ? 137 TRP A CH2   1 
ATOM   995  N  N     . PHE A 1 138 ? -4.855  -5.840  9.534   1.00 9.59  ? 138 PHE A N     1 
ATOM   996  C  CA    . PHE A 1 138 ? -4.973  -7.279  9.467   1.00 11.11 ? 138 PHE A CA    1 
ATOM   997  C  C     . PHE A 1 138 ? -4.927  -7.963  10.812  1.00 15.61 ? 138 PHE A C     1 
ATOM   998  O  O     . PHE A 1 138 ? -4.235  -7.522  11.720  1.00 18.68 ? 138 PHE A O     1 
ATOM   999  C  CB    . PHE A 1 138 ? -3.842  -7.860  8.610   1.00 9.73  ? 138 PHE A CB    1 
ATOM   1000 C  CG    . PHE A 1 138 ? -4.026  -7.663  7.139   1.00 8.79  ? 138 PHE A CG    1 
ATOM   1001 C  CD1   . PHE A 1 138 ? -3.550  -6.515  6.506   1.00 8.75  ? 138 PHE A CD1   1 
ATOM   1002 C  CD2   . PHE A 1 138 ? -4.669  -8.632  6.374   1.00 7.45  ? 138 PHE A CD2   1 
ATOM   1003 C  CE1   . PHE A 1 138 ? -3.711  -6.336  5.133   1.00 7.81  ? 138 PHE A CE1   1 
ATOM   1004 C  CE2   . PHE A 1 138 ? -4.833  -8.461  5.005   1.00 8.73  ? 138 PHE A CE2   1 
ATOM   1005 C  CZ    . PHE A 1 138 ? -4.353  -7.312  4.387   1.00 7.97  ? 138 PHE A CZ    1 
ATOM   1006 N  N     . LYS A 1 139 ? -5.677  -9.049  10.929  1.00 16.61 ? 139 LYS A N     1 
ATOM   1007 C  CA    . LYS A 1 139 ? -5.671  -9.853  12.135  1.00 20.26 ? 139 LYS A CA    1 
ATOM   1008 C  C     . LYS A 1 139 ? -4.570  -10.875 11.827  1.00 19.64 ? 139 LYS A C     1 
ATOM   1009 O  O     . LYS A 1 139 ? -4.307  -11.171 10.658  1.00 19.22 ? 139 LYS A O     1 
ATOM   1010 C  CB    . LYS A 1 139 ? -7.038  -10.524 12.327  1.00 23.42 ? 139 LYS A CB    1 
ATOM   1011 C  CG    . LYS A 1 139 ? -8.164  -9.513  12.545  1.00 32.55 ? 139 LYS A CG    1 
ATOM   1012 C  CD    . LYS A 1 139 ? -9.554  -10.081 12.234  1.00 39.89 ? 139 LYS A CD    1 
ATOM   1013 C  CE    . LYS A 1 139 ? -10.645 -8.990  12.276  1.00 44.38 ? 139 LYS A CE    1 
ATOM   1014 N  NZ    . LYS A 1 139 ? -10.526 -7.967  11.180  1.00 48.18 ? 139 LYS A NZ    1 
ATOM   1015 N  N     . PRO A 1 140 ? -3.904  -11.418 12.858  1.00 19.49 ? 140 PRO A N     1 
ATOM   1016 C  CA    . PRO A 1 140 ? -2.826  -12.398 12.667  1.00 18.61 ? 140 PRO A CA    1 
ATOM   1017 C  C     . PRO A 1 140 ? -3.164  -13.613 11.806  1.00 17.19 ? 140 PRO A C     1 
ATOM   1018 O  O     . PRO A 1 140 ? -2.342  -14.070 11.025  1.00 17.26 ? 140 PRO A O     1 
ATOM   1019 C  CB    . PRO A 1 140 ? -2.488  -12.802 14.101  1.00 20.05 ? 140 PRO A CB    1 
ATOM   1020 C  CG    . PRO A 1 140 ? -2.773  -11.549 14.869  1.00 21.13 ? 140 PRO A CG    1 
ATOM   1021 C  CD    . PRO A 1 140 ? -4.099  -11.139 14.290  1.00 20.78 ? 140 PRO A CD    1 
ATOM   1022 N  N     . GLU A 1 141 ? -4.375  -14.137 11.948  1.00 19.43 ? 141 GLU A N     1 
ATOM   1023 C  CA    . GLU A 1 141 ? -4.795  -15.314 11.186  1.00 20.41 ? 141 GLU A CA    1 
ATOM   1024 C  C     . GLU A 1 141 ? -5.025  -15.042 9.700   1.00 18.52 ? 141 GLU A C     1 
ATOM   1025 O  O     . GLU A 1 141 ? -5.160  -15.968 8.908   1.00 17.76 ? 141 GLU A O     1 
ATOM   1026 C  CB    . GLU A 1 141 ? -6.035  -15.960 11.815  1.00 22.75 ? 141 GLU A CB    1 
ATOM   1027 C  CG    . GLU A 1 141 ? -7.214  -15.021 12.051  1.00 30.07 ? 141 GLU A CG    1 
ATOM   1028 C  CD    . GLU A 1 141 ? -7.164  -14.279 13.394  1.00 34.00 ? 141 GLU A CD    1 
ATOM   1029 O  OE1   . GLU A 1 141 ? -6.187  -14.444 14.165  1.00 35.28 ? 141 GLU A OE1   1 
ATOM   1030 O  OE2   . GLU A 1 141 ? -8.124  -13.529 13.682  1.00 37.96 ? 141 GLU A OE2   1 
ATOM   1031 N  N     . GLU A 1 142 ? -5.053  -13.764 9.329   1.00 17.68 ? 142 GLU A N     1 
ATOM   1032 C  CA    . GLU A 1 142 ? -5.254  -13.361 7.943   1.00 16.43 ? 142 GLU A CA    1 
ATOM   1033 C  C     . GLU A 1 142 ? -3.921  -13.243 7.207   1.00 14.71 ? 142 GLU A C     1 
ATOM   1034 O  O     . GLU A 1 142 ? -3.896  -12.964 6.005   1.00 14.05 ? 142 GLU A O     1 
ATOM   1035 C  CB    . GLU A 1 142 ? -5.989  -12.022 7.879   1.00 14.73 ? 142 GLU A CB    1 
ATOM   1036 C  CG    . GLU A 1 142 ? -7.401  -12.052 8.434   1.00 17.54 ? 142 GLU A CG    1 
ATOM   1037 C  CD    . GLU A 1 142 ? -8.116  -10.727 8.278   1.00 20.85 ? 142 GLU A CD    1 
ATOM   1038 O  OE1   . GLU A 1 142 ? -7.602  -9.712  8.774   1.00 20.71 ? 142 GLU A OE1   1 
ATOM   1039 O  OE2   . GLU A 1 142 ? -9.197  -10.695 7.658   1.00 27.86 ? 142 GLU A OE2   1 
ATOM   1040 N  N     . LEU A 1 143 ? -2.823  -13.490 7.917   1.00 13.37 ? 143 LEU A N     1 
ATOM   1041 C  CA    . LEU A 1 143 ? -1.497  -13.376 7.329   1.00 12.84 ? 143 LEU A CA    1 
ATOM   1042 C  C     . LEU A 1 143 ? -0.810  -14.723 7.235   1.00 13.51 ? 143 LEU A C     1 
ATOM   1043 O  O     . LEU A 1 143 ? -0.892  -15.529 8.155   1.00 14.85 ? 143 LEU A O     1 
ATOM   1044 C  CB    . LEU A 1 143 ? -0.642  -12.405 8.152   1.00 10.57 ? 143 LEU A CB    1 
ATOM   1045 C  CG    . LEU A 1 143 ? -1.181  -10.981 8.300   1.00 10.62 ? 143 LEU A CG    1 
ATOM   1046 C  CD1   . LEU A 1 143 ? -0.338  -10.249 9.305   1.00 13.57 ? 143 LEU A CD1   1 
ATOM   1047 C  CD2   . LEU A 1 143 ? -1.188  -10.249 6.971   1.00 9.38  ? 143 LEU A CD2   1 
ATOM   1048 N  N     . LEU A 1 144 ? -0.166  -14.982 6.102   1.00 14.01 ? 144 LEU A N     1 
ATOM   1049 C  CA    . LEU A 1 144 ? 0.546   -16.234 5.916   1.00 15.89 ? 144 LEU A CA    1 
ATOM   1050 C  C     . LEU A 1 144 ? 1.690   -16.265 6.919   1.00 20.14 ? 144 LEU A C     1 
ATOM   1051 O  O     . LEU A 1 144 ? 2.339   -15.244 7.160   1.00 17.50 ? 144 LEU A O     1 
ATOM   1052 C  CB    . LEU A 1 144 ? 1.132   -16.338 4.503   1.00 14.45 ? 144 LEU A CB    1 
ATOM   1053 C  CG    . LEU A 1 144 ? 0.203   -16.450 3.300   1.00 16.72 ? 144 LEU A CG    1 
ATOM   1054 C  CD1   . LEU A 1 144 ? 1.027   -16.612 2.025   1.00 15.96 ? 144 LEU A CD1   1 
ATOM   1055 C  CD2   . LEU A 1 144 ? -0.741  -17.636 3.487   1.00 17.17 ? 144 LEU A CD2   1 
ATOM   1056 N  N     . THR A 1 145 ? 1.923   -17.426 7.515   1.00 24.78 ? 145 THR A N     1 
ATOM   1057 C  CA    . THR A 1 145 ? 3.010   -17.579 8.466   1.00 32.54 ? 145 THR A CA    1 
ATOM   1058 C  C     . THR A 1 145 ? 4.245   -18.151 7.769   1.00 37.07 ? 145 THR A C     1 
ATOM   1059 O  O     . THR A 1 145 ? 5.364   -17.686 7.998   1.00 39.42 ? 145 THR A O     1 
ATOM   1060 C  CB    . THR A 1 145 ? 2.585   -18.456 9.647   1.00 32.93 ? 145 THR A CB    1 
ATOM   1061 O  OG1   . THR A 1 145 ? 1.806   -19.558 9.161   1.00 36.31 ? 145 THR A OG1   1 
ATOM   1062 C  CG2   . THR A 1 145 ? 1.749   -17.643 10.635  1.00 32.87 ? 145 THR A CG2   1 
ATOM   1063 N  N     . GLU A 1 146 ? 4.041   -19.152 6.909   1.00 42.46 ? 146 GLU A N     1 
ATOM   1064 C  CA    . GLU A 1 146 ? 5.152   -19.741 6.156   1.00 46.27 ? 146 GLU A CA    1 
ATOM   1065 C  C     . GLU A 1 146 ? 5.152   -19.231 4.712   1.00 46.00 ? 146 GLU A C     1 
ATOM   1066 O  O     . GLU A 1 146 ? 4.281   -19.579 3.894   1.00 44.87 ? 146 GLU A O     1 
ATOM   1067 C  CB    . GLU A 1 146 ? 5.135   -21.278 6.201   1.00 51.04 ? 146 GLU A CB    1 
ATOM   1068 C  CG    . GLU A 1 146 ? 4.040   -21.969 5.391   1.00 55.74 ? 146 GLU A CG    1 
ATOM   1069 C  CD    . GLU A 1 146 ? 4.556   -23.219 4.696   1.00 60.17 ? 146 GLU A CD    1 
ATOM   1070 O  OE1   . GLU A 1 146 ? 4.962   -24.174 5.399   1.00 61.62 ? 146 GLU A OE1   1 
ATOM   1071 O  OE2   . GLU A 1 146 ? 4.567   -23.238 3.445   1.00 63.13 ? 146 GLU A OE2   1 
ATOM   1072 N  N     . VAL A 1 147 ? 6.109   -18.359 4.418   1.00 45.44 ? 147 VAL A N     1 
ATOM   1073 C  CA    . VAL A 1 147 ? 6.225   -17.779 3.097   1.00 44.44 ? 147 VAL A CA    1 
ATOM   1074 C  C     . VAL A 1 147 ? 7.179   -18.581 2.246   1.00 46.10 ? 147 VAL A C     1 
ATOM   1075 O  O     . VAL A 1 147 ? 8.214   -19.061 2.722   1.00 44.28 ? 147 VAL A O     1 
ATOM   1076 C  CB    . VAL A 1 147 ? 6.675   -16.324 3.175   1.00 43.21 ? 147 VAL A CB    1 
ATOM   1077 C  CG1   . VAL A 1 147 ? 6.941   -15.769 1.788   1.00 41.05 ? 147 VAL A CG1   1 
ATOM   1078 C  CG2   . VAL A 1 147 ? 5.598   -15.520 3.870   1.00 43.40 ? 147 VAL A CG2   1 
ATOM   1079 N  N     . LYS A 1 148 ? 6.826   -18.725 0.978   1.00 48.91 ? 148 LYS A N     1 
ATOM   1080 C  CA    . LYS A 1 148 ? 7.644   -19.489 0.066   1.00 51.79 ? 148 LYS A CA    1 
ATOM   1081 C  C     . LYS A 1 148 ? 7.817   -18.771 -1.266  1.00 52.09 ? 148 LYS A C     1 
ATOM   1082 O  O     . LYS A 1 148 ? 6.922   -18.795 -2.121  1.00 52.13 ? 148 LYS A O     1 
ATOM   1083 C  CB    . LYS A 1 148 ? 7.067   -20.898 -0.128  1.00 53.56 ? 148 LYS A CB    1 
ATOM   1084 C  CG    . LYS A 1 148 ? 8.112   -22.003 -0.359  1.00 56.24 ? 148 LYS A CG    1 
ATOM   1085 C  CD    . LYS A 1 148 ? 9.136   -22.095 0.788   1.00 56.90 ? 148 LYS A CD    1 
ATOM   1086 C  CE    . LYS A 1 148 ? 10.301  -21.118 0.612   1.00 57.16 ? 148 LYS A CE    1 
ATOM   1087 N  NZ    . LYS A 1 148 ? 11.171  -21.064 1.808   1.00 55.88 ? 148 LYS A NZ    1 
ATOM   1088 N  N     . PRO A 1 149 ? 8.906   -17.991 -1.387  1.00 52.33 ? 149 PRO A N     1 
ATOM   1089 C  CA    . PRO A 1 149 ? 9.201   -17.257 -2.622  1.00 52.85 ? 149 PRO A CA    1 
ATOM   1090 C  C     . PRO A 1 149 ? 9.973   -18.172 -3.580  1.00 53.91 ? 149 PRO A C     1 
ATOM   1091 O  O     . PRO A 1 149 ? 10.195  -19.347 -3.307  1.00 54.89 ? 149 PRO A O     1 
ATOM   1092 C  CB    . PRO A 1 149 ? 10.076  -16.106 -2.115  1.00 51.24 ? 149 PRO A CB    1 
ATOM   1093 C  CG    . PRO A 1 149 ? 10.856  -16.751 -1.014  1.00 51.01 ? 149 PRO A CG    1 
ATOM   1094 C  CD    . PRO A 1 149 ? 9.806   -17.577 -0.296  1.00 51.49 ? 149 PRO A CD    1 
ATOM   1095 N  N     . ASN A 1 150 ? 10.432  -17.591 -4.683  1.00 53.36 ? 150 ASN A N     1 
ATOM   1096 C  CA    . ASN A 1 150 ? 11.205  -18.326 -5.678  1.00 52.10 ? 150 ASN A CA    1 
ATOM   1097 C  C     . ASN A 1 150 ? 12.685  -18.358 -5.262  1.00 51.18 ? 150 ASN A C     1 
ATOM   1098 O  O     . ASN A 1 150 ? 13.250  -17.317 -4.922  1.00 53.07 ? 150 ASN A O     1 
ATOM   1099 C  CB    . ASN A 1 150 ? 11.045  -17.581 -7.014  1.00 55.52 ? 150 ASN A CB    1 
ATOM   1100 C  CG    . ASN A 1 150 ? 11.076  -18.499 -8.201  1.00 57.79 ? 150 ASN A CG    1 
ATOM   1101 O  OD1   . ASN A 1 150 ? 11.962  -19.344 -8.324  1.00 60.56 ? 150 ASN A OD1   1 
ATOM   1102 N  ND2   . ASN A 1 150 ? 10.113  -18.328 -9.102  1.00 58.08 ? 150 ASN A ND2   1 
ATOM   1103 N  N     . PRO A 1 151 ? 13.330  -19.551 -5.209  1.00 49.30 ? 151 PRO A N     1 
ATOM   1104 C  CA    . PRO A 1 151 ? 14.754  -19.567 -4.839  1.00 44.93 ? 151 PRO A CA    1 
ATOM   1105 C  C     . PRO A 1 151 ? 15.580  -19.024 -6.016  1.00 39.21 ? 151 PRO A C     1 
ATOM   1106 O  O     . PRO A 1 151 ? 16.816  -18.948 -5.964  1.00 39.07 ? 151 PRO A O     1 
ATOM   1107 C  CB    . PRO A 1 151 ? 15.033  -21.053 -4.550  1.00 47.65 ? 151 PRO A CB    1 
ATOM   1108 C  CG    . PRO A 1 151 ? 14.090  -21.749 -5.456  1.00 48.69 ? 151 PRO A CG    1 
ATOM   1109 C  CD    . PRO A 1 151 ? 12.811  -20.925 -5.339  1.00 49.39 ? 151 PRO A CD    1 
ATOM   1110 N  N     . ASN A 1 152 ? 14.876  -18.718 -7.102  1.00 29.61 ? 152 ASN A N     1 
ATOM   1111 C  CA    . ASN A 1 152 ? 15.500  -18.108 -8.262  1.00 21.58 ? 152 ASN A CA    1 
ATOM   1112 C  C     . ASN A 1 152 ? 15.554  -16.611 -7.956  1.00 16.89 ? 152 ASN A C     1 
ATOM   1113 O  O     . ASN A 1 152 ? 16.139  -15.841 -8.697  1.00 17.10 ? 152 ASN A O     1 
ATOM   1114 C  CB    . ASN A 1 152 ? 14.666  -18.341 -9.537  1.00 17.08 ? 152 ASN A CB    1 
ATOM   1115 C  CG    . ASN A 1 152 ? 14.782  -19.762 -10.069 1.00 15.82 ? 152 ASN A CG    1 
ATOM   1116 O  OD1   . ASN A 1 152 ? 15.877  -20.276 -10.260 1.00 18.98 ? 152 ASN A OD1   1 
ATOM   1117 N  ND2   . ASN A 1 152 ? 13.657  -20.399 -10.299 1.00 15.51 ? 152 ASN A ND2   1 
ATOM   1118 N  N     . LEU A 1 153 ? 14.928  -16.205 -6.856  1.00 13.49 ? 153 LEU A N     1 
ATOM   1119 C  CA    . LEU A 1 153 ? 14.901  -14.821 -6.435  1.00 12.27 ? 153 LEU A CA    1 
ATOM   1120 C  C     . LEU A 1 153 ? 15.949  -14.479 -5.404  1.00 11.50 ? 153 LEU A C     1 
ATOM   1121 O  O     . LEU A 1 153 ? 16.468  -13.367 -5.400  1.00 10.20 ? 153 LEU A O     1 
ATOM   1122 C  CB    . LEU A 1 153 ? 13.548  -14.459 -5.843  1.00 14.07 ? 153 LEU A CB    1 
ATOM   1123 C  CG    . LEU A 1 153 ? 12.407  -14.095 -6.776  1.00 16.07 ? 153 LEU A CG    1 
ATOM   1124 C  CD1   . LEU A 1 153 ? 11.150  -14.071 -5.938  1.00 20.15 ? 153 LEU A CD1   1 
ATOM   1125 C  CD2   . LEU A 1 153 ? 12.672  -12.744 -7.432  1.00 15.92 ? 153 LEU A CD2   1 
ATOM   1126 N  N     . TYR A 1 154 ? 16.220  -15.418 -4.504  1.00 11.07 ? 154 TYR A N     1 
ATOM   1127 C  CA    . TYR A 1 154 ? 17.177  -15.209 -3.431  1.00 11.73 ? 154 TYR A CA    1 
ATOM   1128 C  C     . TYR A 1 154 ? 18.335  -16.179 -3.485  1.00 14.30 ? 154 TYR A C     1 
ATOM   1129 O  O     . TYR A 1 154 ? 18.166  -17.344 -3.825  1.00 12.80 ? 154 TYR A O     1 
ATOM   1130 C  CB    . TYR A 1 154 ? 16.488  -15.309 -2.068  1.00 9.96  ? 154 TYR A CB    1 
ATOM   1131 C  CG    . TYR A 1 154 ? 15.459  -14.232 -1.821  1.00 10.37 ? 154 TYR A CG    1 
ATOM   1132 C  CD1   . TYR A 1 154 ? 15.846  -12.904 -1.633  1.00 10.28 ? 154 TYR A CD1   1 
ATOM   1133 C  CD2   . TYR A 1 154 ? 14.100  -14.535 -1.789  1.00 10.18 ? 154 TYR A CD2   1 
ATOM   1134 C  CE1   . TYR A 1 154 ? 14.904  -11.904 -1.432  1.00 10.07 ? 154 TYR A CE1   1 
ATOM   1135 C  CE2   . TYR A 1 154 ? 13.147  -13.543 -1.586  1.00 11.14 ? 154 TYR A CE2   1 
ATOM   1136 C  CZ    . TYR A 1 154 ? 13.557  -12.234 -1.407  1.00 8.74  ? 154 TYR A CZ    1 
ATOM   1137 O  OH    . TYR A 1 154 ? 12.625  -11.255 -1.224  1.00 9.93  ? 154 TYR A OH    1 
ATOM   1138 N  N     . GLU A 1 155 ? 19.505  -15.671 -3.123  1.00 15.48 ? 155 GLU A N     1 
ATOM   1139 C  CA    . GLU A 1 155 ? 20.750  -16.411 -3.104  1.00 18.78 ? 155 GLU A CA    1 
ATOM   1140 C  C     . GLU A 1 155 ? 20.807  -17.264 -1.838  1.00 20.99 ? 155 GLU A C     1 
ATOM   1141 O  O     . GLU A 1 155 ? 21.263  -18.423 -1.926  1.00 22.25 ? 155 GLU A O     1 
ATOM   1142 C  CB    . GLU A 1 155 ? 21.906  -15.404 -3.133  1.00 21.52 ? 155 GLU A CB    1 
ATOM   1143 C  CG    . GLU A 1 155 ? 23.312  -15.980 -3.124  1.00 25.65 ? 155 GLU A CG    1 
ATOM   1144 C  CD    . GLU A 1 155 ? 24.364  -14.930 -3.472  1.00 26.82 ? 155 GLU A CD    1 
ATOM   1145 O  OE1   . GLU A 1 155 ? 24.205  -13.748 -3.085  1.00 28.85 ? 155 GLU A OE1   1 
ATOM   1146 O  OE2   . GLU A 1 155 ? 25.345  -15.289 -4.153  1.00 31.21 ? 155 GLU A OE2   1 
ATOM   1147 O  OXT   . GLU A 1 155 ? 20.394  -16.762 -0.767  1.00 22.75 ? 155 GLU A OXT   1 
HETATM 1148 MG MG    . MG  B 2 .   ? 3.193   8.553   3.912   1.00 7.95  ? 161 MG  A MG    1 
HETATM 1149 P  PA    . TYD C 3 .   ? 2.154   11.499  2.512   1.00 7.06  ? 160 TYD A PA    1 
HETATM 1150 O  O1A   . TYD C 3 .   ? 2.443   10.490  3.608   1.00 8.11  ? 160 TYD A O1A   1 
HETATM 1151 O  O2A   . TYD C 3 .   ? 3.024   12.642  2.323   1.00 9.67  ? 160 TYD A O2A   1 
HETATM 1152 O  O3A   . TYD C 3 .   ? 2.124   10.722  1.103   1.00 8.77  ? 160 TYD A O3A   1 
HETATM 1153 P  PB    . TYD C 3 .   ? 2.254   9.174   0.653   1.00 6.82  ? 160 TYD A PB    1 
HETATM 1154 O  O1B   . TYD C 3 .   ? 0.867   8.809   0.319   1.00 7.43  ? 160 TYD A O1B   1 
HETATM 1155 O  O2B   . TYD C 3 .   ? 2.740   8.412   1.866   1.00 7.26  ? 160 TYD A O2B   1 
HETATM 1156 O  O3B   . TYD C 3 .   ? 3.177   9.214   -0.480  1.00 9.34  ? 160 TYD A O3B   1 
HETATM 1157 O  "O5'" . TYD C 3 .   ? 0.652   12.039  2.668   1.00 4.44  ? 160 TYD A "O5'" 1 
HETATM 1158 C  "C5'" . TYD C 3 .   ? -0.407  11.071  2.756   1.00 6.17  ? 160 TYD A "C5'" 1 
HETATM 1159 C  "C4'" . TYD C 3 .   ? -1.528  11.420  1.822   1.00 6.80  ? 160 TYD A "C4'" 1 
HETATM 1160 O  "O4'" . TYD C 3 .   ? -1.952  12.721  2.146   1.00 10.53 ? 160 TYD A "O4'" 1 
HETATM 1161 C  "C3'" . TYD C 3 .   ? -1.149  11.524  0.350   1.00 8.39  ? 160 TYD A "C3'" 1 
HETATM 1162 O  "O3'" . TYD C 3 .   ? -1.203  10.159  -0.052  1.00 10.29 ? 160 TYD A "O3'" 1 
HETATM 1163 C  "C2'" . TYD C 3 .   ? -2.258  12.396  -0.181  1.00 7.61  ? 160 TYD A "C2'" 1 
HETATM 1164 C  "C1'" . TYD C 3 .   ? -2.473  13.402  0.977   1.00 9.15  ? 160 TYD A "C1'" 1 
HETATM 1165 N  N1    . TYD C 3 .   ? -1.726  14.671  0.789   1.00 8.55  ? 160 TYD A N1    1 
HETATM 1166 C  C2    . TYD C 3 .   ? -2.328  15.717  0.095   1.00 9.57  ? 160 TYD A C2    1 
HETATM 1167 O  O2    . TYD C 3 .   ? -3.488  15.633  -0.300  1.00 11.22 ? 160 TYD A O2    1 
HETATM 1168 N  N3    . TYD C 3 .   ? -1.559  16.875  -0.113  1.00 8.91  ? 160 TYD A N3    1 
HETATM 1169 C  C4    . TYD C 3 .   ? -0.255  17.049  0.340   1.00 9.68  ? 160 TYD A C4    1 
HETATM 1170 O  O4    . TYD C 3 .   ? 0.318   18.113  0.131   1.00 14.18 ? 160 TYD A O4    1 
HETATM 1171 C  C5    . TYD C 3 .   ? 0.297   15.902  1.033   1.00 8.50  ? 160 TYD A C5    1 
HETATM 1172 C  C5M   . TYD C 3 .   ? 1.689   15.967  1.646   1.00 8.31  ? 160 TYD A C5M   1 
HETATM 1173 C  C6    . TYD C 3 .   ? -0.408  14.769  1.186   1.00 8.62  ? 160 TYD A C6    1 
HETATM 1174 O  O     . HOH D 4 .   ? 10.951  5.042   -12.766 1.00 10.16 ? 200 HOH A O     1 
HETATM 1175 O  O     . HOH D 4 .   ? 1.096   6.130   -18.476 1.00 5.88  ? 201 HOH A O     1 
HETATM 1176 O  O     . HOH D 4 .   ? 5.293   10.685  -14.946 1.00 6.04  ? 202 HOH A O     1 
HETATM 1177 O  O     . HOH D 4 .   ? 11.946  3.238   3.752   1.00 31.89 ? 203 HOH A O     1 
HETATM 1178 O  O     . HOH D 4 .   ? 3.658   8.868   5.748   1.00 8.82  ? 204 HOH A O     1 
HETATM 1179 O  O     . HOH D 4 .   ? 10.224  6.142   -8.210  1.00 11.58 ? 205 HOH A O     1 
HETATM 1180 O  O     . HOH D 4 .   ? 5.971   -0.161  15.010  1.00 30.28 ? 206 HOH A O     1 
HETATM 1181 O  O     . HOH D 4 .   ? 3.911   6.581   -18.284 1.00 17.77 ? 207 HOH A O     1 
HETATM 1182 O  O     . HOH D 4 .   ? -7.475  12.316  -0.625  1.00 22.44 ? 208 HOH A O     1 
HETATM 1183 O  O     . HOH D 4 .   ? 1.698   4.608   10.576  1.00 32.48 ? 209 HOH A O     1 
HETATM 1184 O  O     . HOH D 4 .   ? 3.301   -9.166  9.877   1.00 22.04 ? 210 HOH A O     1 
HETATM 1185 O  O     . HOH D 4 .   ? 5.608   17.118  -13.912 1.00 12.32 ? 211 HOH A O     1 
HETATM 1186 O  O     . HOH D 4 .   ? 2.933   -6.201  12.302  1.00 33.44 ? 212 HOH A O     1 
HETATM 1187 O  O     . HOH D 4 .   ? 9.314   8.676   -8.812  1.00 7.15  ? 213 HOH A O     1 
HETATM 1188 O  O     . HOH D 4 .   ? 12.781  1.078   4.884   1.00 28.06 ? 214 HOH A O     1 
HETATM 1189 O  O     . HOH D 4 .   ? 6.366   14.545  -4.174  1.00 9.59  ? 215 HOH A O     1 
HETATM 1190 O  O     . HOH D 4 .   ? -0.305  7.707   10.988  1.00 10.20 ? 216 HOH A O     1 
HETATM 1191 O  O     . HOH D 4 .   ? -0.327  16.027  12.275  1.00 8.61  ? 217 HOH A O     1 
HETATM 1192 O  O     . HOH D 4 .   ? 3.289   4.956   6.408   1.00 8.29  ? 218 HOH A O     1 
HETATM 1193 O  O     . HOH D 4 .   ? -0.307  5.680   7.409   1.00 12.44 ? 219 HOH A O     1 
HETATM 1194 O  O     . HOH D 4 .   ? -14.609 -2.600  7.566   1.00 38.84 ? 220 HOH A O     1 
HETATM 1195 O  O     . HOH D 4 .   ? 6.263   0.505   1.392   1.00 4.85  ? 221 HOH A O     1 
HETATM 1196 O  O     . HOH D 4 .   ? 11.164  6.340   -2.818  1.00 20.93 ? 222 HOH A O     1 
HETATM 1197 O  O     . HOH D 4 .   ? 2.294   -13.925 9.683   1.00 13.13 ? 223 HOH A O     1 
HETATM 1198 O  O     . HOH D 4 .   ? 3.413   6.589   4.023   1.00 9.00  ? 224 HOH A O     1 
HETATM 1199 O  O     . HOH D 4 .   ? 7.406   9.649   4.775   1.00 22.92 ? 225 HOH A O     1 
HETATM 1200 O  O     . HOH D 4 .   ? 10.578  7.326   -5.340  1.00 15.56 ? 226 HOH A O     1 
HETATM 1201 O  O     . HOH D 4 .   ? 14.877  -6.150  4.414   1.00 16.04 ? 227 HOH A O     1 
HETATM 1202 O  O     . HOH D 4 .   ? -15.949 4.407   12.784  1.00 41.36 ? 228 HOH A O     1 
HETATM 1203 O  O     . HOH D 4 .   ? 15.080  -1.703  -0.641  1.00 13.43 ? 229 HOH A O     1 
HETATM 1204 O  O     . HOH D 4 .   ? 12.483  4.250   -1.267  1.00 12.23 ? 230 HOH A O     1 
HETATM 1205 O  O     . HOH D 4 .   ? 12.610  1.428   7.601   1.00 20.19 ? 231 HOH A O     1 
HETATM 1206 O  O     . HOH D 4 .   ? -3.048  19.239  -1.086  1.00 29.28 ? 232 HOH A O     1 
HETATM 1207 O  O     . HOH D 4 .   ? 5.925   0.117   -10.436 1.00 10.38 ? 233 HOH A O     1 
HETATM 1208 O  O     . HOH D 4 .   ? 13.166  -1.188  3.374   1.00 7.34  ? 234 HOH A O     1 
HETATM 1209 O  O     . HOH D 4 .   ? 0.152   8.145   6.764   1.00 15.54 ? 235 HOH A O     1 
HETATM 1210 O  O     . HOH D 4 .   ? 15.889  -13.547 -10.156 1.00 5.55  ? 236 HOH A O     1 
HETATM 1211 O  O     . HOH D 4 .   ? -6.436  8.859   -3.221  1.00 14.30 ? 237 HOH A O     1 
HETATM 1212 O  O     . HOH D 4 .   ? -8.744  18.398  4.184   1.00 17.04 ? 238 HOH A O     1 
HETATM 1213 O  O     . HOH D 4 .   ? 5.248   1.823   -17.292 1.00 20.10 ? 239 HOH A O     1 
HETATM 1214 O  O     . HOH D 4 .   ? 10.198  -12.087 -1.855  1.00 9.73  ? 240 HOH A O     1 
HETATM 1215 O  O     . HOH D 4 .   ? 16.181  -11.330 -7.317  1.00 6.91  ? 241 HOH A O     1 
HETATM 1216 O  O     . HOH D 4 .   ? 13.339  -1.651  -6.145  1.00 6.77  ? 242 HOH A O     1 
HETATM 1217 O  O     . HOH D 4 .   ? 4.982   9.137   3.352   1.00 7.26  ? 243 HOH A O     1 
HETATM 1218 O  O     . HOH D 4 .   ? 4.417   12.811  10.944  1.00 24.42 ? 244 HOH A O     1 
HETATM 1219 O  O     . HOH D 4 .   ? -5.342  -12.001 3.930   1.00 13.30 ? 245 HOH A O     1 
HETATM 1220 O  O     . HOH D 4 .   ? -0.741  7.696   2.030   1.00 9.36  ? 246 HOH A O     1 
HETATM 1221 O  O     . HOH D 4 .   ? 7.013   -0.351  -14.279 1.00 20.61 ? 247 HOH A O     1 
HETATM 1222 O  O     . HOH D 4 .   ? -5.955  -3.688  -13.217 1.00 3.51  ? 248 HOH A O     1 
HETATM 1223 O  O     . HOH D 4 .   ? 5.648   11.097  1.494   1.00 18.03 ? 249 HOH A O     1 
HETATM 1224 O  O     . HOH D 4 .   ? 1.475   -14.226 -6.156  1.00 12.72 ? 250 HOH A O     1 
HETATM 1225 O  O     . HOH D 4 .   ? -6.316  18.765  10.123  1.00 22.01 ? 251 HOH A O     1 
HETATM 1226 O  O     . HOH D 4 .   ? -3.162  -14.653 3.454   1.00 13.19 ? 252 HOH A O     1 
HETATM 1227 O  O     . HOH D 4 .   ? 0.942   -15.731 -1.614  1.00 10.53 ? 253 HOH A O     1 
HETATM 1228 O  O     . HOH D 4 .   ? 15.108  -2.453  5.803   1.00 25.43 ? 254 HOH A O     1 
HETATM 1229 O  O     . HOH D 4 .   ? -8.494  18.460  8.422   1.00 27.71 ? 255 HOH A O     1 
HETATM 1230 O  O     . HOH D 4 .   ? -6.286  10.034  -0.534  1.00 41.09 ? 256 HOH A O     1 
HETATM 1231 O  O     . HOH D 4 .   ? -6.129  4.351   -16.140 1.00 43.67 ? 257 HOH A O     1 
HETATM 1232 O  O     . HOH D 4 .   ? 19.578  -6.610  -3.211  1.00 19.21 ? 258 HOH A O     1 
HETATM 1233 O  O     . HOH D 4 .   ? 8.462   7.107   -2.073  1.00 10.13 ? 259 HOH A O     1 
HETATM 1234 O  O     . HOH D 4 .   ? -16.118 -0.891  -6.775  1.00 25.41 ? 260 HOH A O     1 
HETATM 1235 O  O     . HOH D 4 .   ? 8.302   -15.092 -4.923  1.00 40.53 ? 261 HOH A O     1 
HETATM 1236 O  O     . HOH D 4 .   ? 1.172   -4.905  -14.337 1.00 31.81 ? 262 HOH A O     1 
HETATM 1237 O  O     . HOH D 4 .   ? -1.151  -1.005  15.053  1.00 25.38 ? 263 HOH A O     1 
HETATM 1238 O  O     . HOH D 4 .   ? 1.219   8.197   4.482   1.00 9.04  ? 264 HOH A O     1 
HETATM 1239 O  O     . HOH D 4 .   ? 3.630   -5.387  -15.009 1.00 25.31 ? 265 HOH A O     1 
HETATM 1240 O  O     . HOH D 4 .   ? 2.540   -14.202 -3.720  1.00 11.24 ? 266 HOH A O     1 
HETATM 1241 O  O     . HOH D 4 .   ? -13.814 3.029   -4.806  1.00 25.49 ? 267 HOH A O     1 
HETATM 1242 O  O     . HOH D 4 .   ? -13.081 -1.551  -11.843 1.00 35.22 ? 268 HOH A O     1 
HETATM 1243 O  O     . HOH D 4 .   ? -8.332  -11.910 4.630   1.00 32.95 ? 269 HOH A O     1 
HETATM 1244 O  O     . HOH D 4 .   ? -5.383  17.462  -0.797  1.00 39.97 ? 270 HOH A O     1 
HETATM 1245 O  O     . HOH D 4 .   ? 8.112   -4.938  8.446   1.00 18.60 ? 271 HOH A O     1 
HETATM 1246 O  O     . HOH D 4 .   ? -6.365  10.391  14.566  1.00 33.94 ? 272 HOH A O     1 
HETATM 1247 O  O     . HOH D 4 .   ? -9.348  6.287   15.368  1.00 29.06 ? 273 HOH A O     1 
HETATM 1248 O  O     . HOH D 4 .   ? 10.420  -14.087 2.244   1.00 19.54 ? 274 HOH A O     1 
HETATM 1249 O  O     . HOH D 4 .   ? -0.907  -9.025  12.711  1.00 33.45 ? 275 HOH A O     1 
HETATM 1250 O  O     . HOH D 4 .   ? 3.770   6.659   8.554   1.00 19.70 ? 276 HOH A O     1 
HETATM 1251 O  O     . HOH D 4 .   ? 15.280  3.752   -2.396  1.00 48.54 ? 277 HOH A O     1 
HETATM 1252 O  O     . HOH D 4 .   ? 13.467  -5.616  8.224   1.00 39.78 ? 278 HOH A O     1 
HETATM 1253 O  O     . HOH D 4 .   ? -13.080 13.679  7.541   1.00 27.91 ? 279 HOH A O     1 
HETATM 1254 O  O     . HOH D 4 .   ? 1.793   0.960   -17.443 1.00 38.95 ? 280 HOH A O     1 
HETATM 1255 O  O     . HOH D 4 .   ? 6.337   -12.874 -6.492  1.00 18.13 ? 281 HOH A O     1 
HETATM 1256 O  O     . HOH D 4 .   ? -8.268  -1.410  -16.002 1.00 35.20 ? 282 HOH A O     1 
HETATM 1257 O  O     . HOH D 4 .   ? -15.831 2.984   -11.230 1.00 39.50 ? 283 HOH A O     1 
HETATM 1258 O  O     . HOH D 4 .   ? -6.187  14.654  0.216   1.00 30.52 ? 284 HOH A O     1 
HETATM 1259 O  O     . HOH D 4 .   ? 25.006  -17.380 -6.071  1.00 34.43 ? 285 HOH A O     1 
HETATM 1260 O  O     . HOH D 4 .   ? 4.468   1.674   -19.943 1.00 40.82 ? 286 HOH A O     1 
HETATM 1261 O  O     . HOH D 4 .   ? -15.734 1.823   -6.908  1.00 33.40 ? 287 HOH A O     1 
HETATM 1262 O  O     . HOH D 4 .   ? 7.995   -15.605 6.558   1.00 31.76 ? 288 HOH A O     1 
HETATM 1263 O  O     . HOH D 4 .   ? -5.347  1.295   -16.915 1.00 38.93 ? 289 HOH A O     1 
HETATM 1264 O  O     . HOH D 4 .   ? 6.396   -4.723  -13.964 1.00 23.58 ? 290 HOH A O     1 
HETATM 1265 O  O     . HOH D 4 .   ? 12.025  5.983   -10.370 1.00 37.28 ? 291 HOH A O     1 
HETATM 1266 O  O     . HOH D 4 .   ? 11.106  10.839  -8.558  1.00 41.30 ? 292 HOH A O     1 
HETATM 1267 O  O     . HOH D 4 .   ? 0.061   -8.287  -15.784 1.00 26.00 ? 293 HOH A O     1 
HETATM 1268 O  O     . HOH D 4 .   ? 9.197   -15.043 -11.075 1.00 40.35 ? 294 HOH A O     1 
HETATM 1269 O  O     . HOH D 4 .   ? 19.668  -13.654 -0.124  1.00 29.14 ? 295 HOH A O     1 
HETATM 1270 O  O     . HOH D 4 .   ? -4.067  17.832  17.725  1.00 27.78 ? 296 HOH A O     1 
HETATM 1271 O  O     . HOH D 4 .   ? 7.168   16.920  -5.777  1.00 38.53 ? 297 HOH A O     1 
HETATM 1272 O  O     . HOH D 4 .   ? -14.936 6.839   -4.020  1.00 39.19 ? 298 HOH A O     1 
HETATM 1273 O  O     . HOH D 4 .   ? -13.146 1.132   -14.365 1.00 40.68 ? 299 HOH A O     1 
HETATM 1274 O  O     . HOH D 4 .   ? -5.646  -19.263 5.947   1.00 27.09 ? 300 HOH A O     1 
HETATM 1275 O  O     . HOH D 4 .   ? 5.334   -7.269  10.576  1.00 37.29 ? 301 HOH A O     1 
HETATM 1276 O  O     . HOH D 4 .   ? -12.962 -1.096  9.147   1.00 30.15 ? 302 HOH A O     1 
HETATM 1277 O  O     . HOH D 4 .   ? -11.041 -11.367 5.449   0.50 33.05 ? 303 HOH A O     1 
HETATM 1278 O  O     . HOH D 4 .   ? -17.483 4.346   9.799   1.00 35.35 ? 304 HOH A O     1 
# 
